data_2MQD
#
_entry.id   2MQD
#
_entity_poly.entity_id   1
_entity_poly.type   'polypeptide(L)'
_entity_poly.pdbx_seq_one_letter_code
;GHMKFTDQQIGVLAGLAISPEWLKQNIAANQLVYGIVKPSDTVPAGVDDYSYLVAADDQDGTIIFFKAEGQTVIIKYTSQ
RNTKLKAKALTLSQLKKEFYQTRSQKREVDDYVAGLRTE
;
_entity_poly.pdbx_strand_id   A
#
# COMPACT_ATOMS: atom_id res chain seq x y z
N GLY A 1 4.70 -3.72 -17.55
CA GLY A 1 4.28 -5.04 -17.06
C GLY A 1 5.47 -5.97 -16.99
N HIS A 2 5.42 -7.13 -17.67
CA HIS A 2 6.47 -8.16 -17.69
C HIS A 2 7.07 -8.49 -16.30
N MET A 3 6.27 -8.30 -15.24
CA MET A 3 6.68 -8.24 -13.83
C MET A 3 6.52 -9.61 -13.16
N LYS A 4 6.54 -9.66 -11.83
CA LYS A 4 6.03 -10.75 -11.02
C LYS A 4 5.16 -10.15 -9.91
N PHE A 5 4.61 -10.99 -9.05
CA PHE A 5 3.68 -10.64 -7.98
C PHE A 5 2.43 -9.97 -8.60
N THR A 6 1.54 -9.46 -7.76
CA THR A 6 0.45 -8.58 -8.13
C THR A 6 0.47 -7.40 -7.17
N ASP A 7 -0.02 -6.23 -7.62
CA ASP A 7 0.04 -4.97 -6.89
C ASP A 7 -0.69 -5.12 -5.55
N GLN A 8 -1.85 -5.77 -5.56
CA GLN A 8 -2.63 -6.16 -4.39
C GLN A 8 -1.75 -6.77 -3.29
N GLN A 9 -0.88 -7.72 -3.66
CA GLN A 9 -0.05 -8.49 -2.74
C GLN A 9 1.10 -7.66 -2.18
N ILE A 10 1.56 -6.66 -2.94
CA ILE A 10 2.68 -5.81 -2.61
C ILE A 10 2.24 -4.67 -1.69
N GLY A 11 1.02 -4.16 -1.84
CA GLY A 11 0.57 -3.01 -1.05
C GLY A 11 0.54 -3.31 0.44
N VAL A 12 0.17 -4.53 0.81
CA VAL A 12 0.20 -4.98 2.20
C VAL A 12 1.61 -4.83 2.76
N LEU A 13 2.64 -5.29 2.04
CA LEU A 13 4.03 -5.15 2.47
C LEU A 13 4.37 -3.67 2.61
N ALA A 14 4.00 -2.84 1.62
CA ALA A 14 4.32 -1.42 1.58
C ALA A 14 3.68 -0.63 2.74
N GLY A 15 2.57 -1.08 3.31
CA GLY A 15 1.93 -0.44 4.45
C GLY A 15 2.29 -1.13 5.78
N LEU A 16 2.66 -2.41 5.78
CA LEU A 16 3.30 -3.01 6.95
C LEU A 16 4.64 -2.32 7.25
N ALA A 17 5.29 -1.79 6.20
CA ALA A 17 6.47 -0.95 6.28
C ALA A 17 6.19 0.46 6.83
N ILE A 18 4.96 0.97 6.72
CA ILE A 18 4.61 2.37 6.93
C ILE A 18 3.24 2.40 7.63
N SER A 19 3.25 2.46 8.95
CA SER A 19 2.08 2.43 9.82
C SER A 19 1.33 1.08 9.71
N PRO A 20 1.96 -0.03 10.15
CA PRO A 20 1.36 -1.37 10.13
C PRO A 20 0.09 -1.41 11.01
N GLU A 21 0.07 -0.65 12.10
CA GLU A 21 -1.02 -0.65 13.07
C GLU A 21 -2.25 0.01 12.45
N TRP A 22 -2.05 1.12 11.71
CA TRP A 22 -3.12 1.76 10.96
C TRP A 22 -3.65 0.85 9.85
N LEU A 23 -2.79 0.08 9.20
CA LEU A 23 -3.24 -0.92 8.23
C LEU A 23 -4.15 -1.91 8.94
N LYS A 24 -3.70 -2.45 10.08
CA LYS A 24 -4.43 -3.43 10.87
C LYS A 24 -5.79 -2.93 11.36
N GLN A 25 -5.89 -1.72 11.93
CA GLN A 25 -7.15 -1.22 12.50
C GLN A 25 -8.26 -1.18 11.44
N ASN A 26 -7.86 -0.80 10.22
CA ASN A 26 -8.76 -0.64 9.09
C ASN A 26 -9.15 -1.99 8.51
N ILE A 27 -8.20 -2.90 8.26
CA ILE A 27 -8.53 -4.25 7.79
C ILE A 27 -9.43 -4.98 8.81
N ALA A 28 -9.30 -4.72 10.12
CA ALA A 28 -10.10 -5.41 11.12
C ALA A 28 -11.60 -5.25 10.84
N ALA A 29 -12.02 -4.06 10.39
CA ALA A 29 -13.39 -3.75 10.00
C ALA A 29 -13.51 -3.54 8.48
N ASN A 30 -12.56 -4.02 7.68
CA ASN A 30 -12.57 -3.95 6.20
C ASN A 30 -12.62 -2.50 5.66
N GLN A 31 -12.35 -1.47 6.48
CA GLN A 31 -12.52 -0.04 6.18
C GLN A 31 -11.50 0.50 5.16
N LEU A 32 -10.53 -0.32 4.77
CA LEU A 32 -9.40 0.05 3.92
C LEU A 32 -9.83 -0.07 2.47
N VAL A 33 -9.59 0.94 1.64
CA VAL A 33 -9.77 0.86 0.20
C VAL A 33 -8.41 0.78 -0.47
N TYR A 34 -8.26 -0.19 -1.37
CA TYR A 34 -7.22 -0.25 -2.41
C TYR A 34 -7.84 0.37 -3.66
N GLY A 35 -7.31 1.49 -4.14
CA GLY A 35 -7.68 2.07 -5.42
C GLY A 35 -6.49 2.70 -6.13
N ILE A 36 -6.65 2.97 -7.43
CA ILE A 36 -5.60 3.51 -8.29
C ILE A 36 -5.87 5.00 -8.46
N VAL A 37 -4.82 5.81 -8.47
CA VAL A 37 -4.84 7.25 -8.71
C VAL A 37 -5.59 7.57 -10.00
N LYS A 38 -4.98 7.29 -11.16
CA LYS A 38 -5.42 7.74 -12.48
C LYS A 38 -5.53 9.27 -12.58
N PRO A 39 -5.64 9.82 -13.80
CA PRO A 39 -6.15 11.16 -13.99
C PRO A 39 -7.66 11.17 -13.68
N SER A 40 -8.02 11.14 -12.40
CA SER A 40 -9.38 10.87 -11.92
C SER A 40 -9.79 11.92 -10.88
N ASP A 41 -9.01 12.08 -9.82
CA ASP A 41 -9.35 12.91 -8.67
C ASP A 41 -8.18 13.83 -8.36
N THR A 42 -8.35 14.71 -7.37
CA THR A 42 -7.28 15.54 -6.86
C THR A 42 -6.14 14.65 -6.34
N VAL A 43 -4.97 14.69 -6.96
CA VAL A 43 -3.80 13.98 -6.49
C VAL A 43 -2.55 14.87 -6.62
N PRO A 44 -1.49 14.58 -5.87
CA PRO A 44 -0.18 15.18 -6.05
C PRO A 44 0.51 14.67 -7.32
N ALA A 45 1.68 15.24 -7.64
CA ALA A 45 2.50 14.84 -8.77
C ALA A 45 3.16 13.47 -8.52
N GLY A 46 3.44 12.72 -9.59
CA GLY A 46 4.36 11.59 -9.58
C GLY A 46 3.74 10.27 -9.12
N VAL A 47 2.44 10.08 -9.33
CA VAL A 47 1.68 8.93 -8.85
C VAL A 47 0.67 8.44 -9.89
N ASP A 48 0.92 8.63 -11.20
CA ASP A 48 -0.10 8.74 -12.25
C ASP A 48 -0.97 7.49 -12.49
N ASP A 49 -0.52 6.35 -12.00
CA ASP A 49 -1.19 5.05 -11.97
C ASP A 49 -0.69 4.26 -10.75
N TYR A 50 -0.29 4.98 -9.70
CA TYR A 50 0.07 4.41 -8.41
C TYR A 50 -1.19 3.91 -7.74
N SER A 51 -1.03 2.84 -6.98
CA SER A 51 -2.02 2.38 -6.04
C SER A 51 -1.92 3.30 -4.81
N TYR A 52 -3.04 3.64 -4.18
CA TYR A 52 -3.07 4.34 -2.91
C TYR A 52 -3.97 3.58 -1.95
N LEU A 53 -3.47 3.44 -0.72
CA LEU A 53 -4.18 2.89 0.42
C LEU A 53 -4.64 4.08 1.24
N VAL A 54 -5.93 4.07 1.61
CA VAL A 54 -6.55 5.01 2.53
C VAL A 54 -7.71 4.23 3.19
N ALA A 55 -8.30 4.74 4.27
CA ALA A 55 -9.58 4.23 4.74
C ALA A 55 -10.69 5.09 4.15
N ALA A 56 -11.90 4.55 4.04
CA ALA A 56 -13.03 5.30 3.51
C ALA A 56 -13.39 6.52 4.37
N ASP A 57 -12.90 6.58 5.60
CA ASP A 57 -13.14 7.67 6.54
C ASP A 57 -11.86 8.46 6.84
N ASP A 58 -10.71 8.08 6.29
CA ASP A 58 -9.38 8.62 6.65
C ASP A 58 -8.83 9.46 5.50
N GLN A 59 -9.71 9.97 4.62
CA GLN A 59 -9.32 10.71 3.41
C GLN A 59 -8.22 11.73 3.71
N ASP A 60 -8.51 12.73 4.54
CA ASP A 60 -7.54 13.77 4.91
C ASP A 60 -6.63 13.27 6.05
N GLY A 61 -7.03 12.20 6.75
CA GLY A 61 -6.33 11.53 7.83
C GLY A 61 -4.92 11.09 7.46
N THR A 62 -4.77 9.96 6.76
CA THR A 62 -3.46 9.40 6.43
C THR A 62 -3.57 8.68 5.09
N ILE A 63 -2.50 8.63 4.28
CA ILE A 63 -2.59 7.99 2.98
C ILE A 63 -1.20 7.44 2.59
N ILE A 64 -1.16 6.32 1.84
CA ILE A 64 0.08 5.69 1.40
C ILE A 64 -0.07 5.34 -0.08
N PHE A 65 0.66 6.03 -0.95
CA PHE A 65 0.78 5.68 -2.36
C PHE A 65 1.92 4.65 -2.51
N PHE A 66 1.84 3.71 -3.44
CA PHE A 66 2.95 2.85 -3.82
C PHE A 66 2.83 2.44 -5.30
N LYS A 67 3.93 1.94 -5.87
CA LYS A 67 3.94 1.27 -7.17
C LYS A 67 5.17 0.39 -7.19
N ALA A 68 5.00 -0.90 -7.44
CA ALA A 68 6.08 -1.77 -7.87
C ALA A 68 6.34 -1.55 -9.35
N GLU A 69 7.57 -1.24 -9.72
CA GLU A 69 8.06 -1.27 -11.09
C GLU A 69 9.27 -2.19 -11.07
N GLY A 70 9.18 -3.33 -11.78
CA GLY A 70 10.26 -4.27 -11.93
C GLY A 70 10.57 -5.02 -10.64
N GLN A 71 11.58 -4.55 -9.90
CA GLN A 71 12.09 -5.12 -8.66
C GLN A 71 12.34 -4.01 -7.62
N THR A 72 11.70 -2.85 -7.77
CA THR A 72 11.72 -1.75 -6.83
C THR A 72 10.25 -1.40 -6.50
N VAL A 73 10.00 -0.91 -5.28
CA VAL A 73 8.75 -0.26 -4.90
C VAL A 73 9.11 1.12 -4.40
N ILE A 74 8.41 2.13 -4.91
CA ILE A 74 8.57 3.51 -4.50
C ILE A 74 7.33 3.82 -3.66
N ILE A 75 7.43 3.65 -2.35
CA ILE A 75 6.40 3.97 -1.38
C ILE A 75 6.44 5.48 -1.18
N LYS A 76 5.29 6.15 -1.28
CA LYS A 76 5.14 7.60 -1.24
C LYS A 76 4.03 7.90 -0.23
N TYR A 77 4.36 8.25 1.00
CA TYR A 77 3.40 8.34 2.12
C TYR A 77 3.45 9.74 2.75
N THR A 78 2.45 10.10 3.55
CA THR A 78 2.44 11.36 4.30
C THR A 78 1.52 11.23 5.52
N SER A 79 1.72 12.12 6.48
CA SER A 79 0.88 12.32 7.65
C SER A 79 0.11 13.64 7.55
N GLN A 80 0.17 14.31 6.40
CA GLN A 80 -0.45 15.60 6.08
C GLN A 80 -0.70 15.63 4.59
N ARG A 81 -1.96 15.38 4.33
CA ARG A 81 -2.68 15.33 3.05
C ARG A 81 -2.28 16.49 2.16
N ASN A 82 -2.34 17.70 2.73
CA ASN A 82 -2.06 18.94 2.01
C ASN A 82 -0.60 19.21 1.73
N THR A 83 0.27 18.29 2.08
CA THR A 83 1.67 18.39 1.69
C THR A 83 2.08 17.18 0.84
N LYS A 84 3.23 17.29 0.16
CA LYS A 84 3.70 16.23 -0.71
C LYS A 84 4.03 14.96 0.08
N LEU A 85 4.33 13.90 -0.65
CA LEU A 85 4.70 12.62 -0.12
C LEU A 85 6.17 12.61 0.26
N LYS A 86 6.52 11.77 1.22
CA LYS A 86 7.88 11.25 1.38
C LYS A 86 8.19 10.28 0.23
N ALA A 87 9.39 9.70 0.23
CA ALA A 87 9.77 8.62 -0.66
C ALA A 87 10.59 7.62 0.15
N LYS A 88 10.11 6.37 0.23
CA LYS A 88 10.91 5.20 0.56
C LYS A 88 10.95 4.37 -0.72
N ALA A 89 12.08 4.35 -1.42
CA ALA A 89 12.35 3.30 -2.37
C ALA A 89 12.93 2.10 -1.62
N LEU A 90 12.46 0.89 -1.92
CA LEU A 90 13.03 -0.38 -1.47
C LEU A 90 13.07 -1.29 -2.69
N THR A 91 13.93 -2.31 -2.70
CA THR A 91 13.71 -3.41 -3.63
C THR A 91 12.47 -4.20 -3.21
N LEU A 92 11.84 -4.88 -4.17
CA LEU A 92 10.79 -5.85 -3.87
C LEU A 92 11.30 -6.96 -2.94
N SER A 93 12.59 -7.31 -3.02
CA SER A 93 13.21 -8.25 -2.10
C SER A 93 13.23 -7.69 -0.67
N GLN A 94 13.58 -6.42 -0.44
CA GLN A 94 13.63 -5.82 0.89
C GLN A 94 12.32 -6.07 1.62
N LEU A 95 11.21 -5.62 1.01
CA LEU A 95 9.85 -5.73 1.52
C LEU A 95 9.47 -7.20 1.76
N LYS A 96 9.79 -8.09 0.81
CA LYS A 96 9.53 -9.52 0.96
C LYS A 96 10.30 -10.09 2.14
N LYS A 97 11.54 -9.66 2.39
CA LYS A 97 12.34 -10.25 3.46
C LYS A 97 11.97 -9.64 4.81
N GLU A 98 11.33 -8.47 4.85
CA GLU A 98 10.75 -7.88 6.05
C GLU A 98 9.42 -8.52 6.40
N PHE A 99 8.48 -8.63 5.46
CA PHE A 99 7.07 -8.95 5.74
C PHE A 99 6.60 -10.19 5.00
N TYR A 100 7.49 -11.04 4.50
CA TYR A 100 7.13 -12.31 3.87
C TYR A 100 8.23 -13.34 4.11
N GLN A 101 8.94 -13.27 5.26
CA GLN A 101 10.04 -14.13 5.59
C GLN A 101 9.51 -15.56 5.71
N THR A 102 8.64 -15.78 6.71
CA THR A 102 8.21 -17.12 7.12
C THR A 102 7.18 -17.71 6.14
N ARG A 103 6.74 -18.95 6.32
CA ARG A 103 5.68 -19.56 5.54
C ARG A 103 4.32 -19.28 6.17
N SER A 104 4.21 -19.37 7.50
CA SER A 104 2.93 -19.11 8.17
C SER A 104 2.44 -17.69 7.87
N GLN A 105 3.34 -16.70 7.83
CA GLN A 105 3.01 -15.30 7.58
C GLN A 105 2.32 -15.10 6.24
N LYS A 106 2.55 -16.00 5.29
CA LYS A 106 1.96 -15.92 3.96
C LYS A 106 0.44 -16.01 4.01
N ARG A 107 -0.12 -16.58 5.09
CA ARG A 107 -1.55 -16.51 5.37
C ARG A 107 -1.89 -15.07 5.65
N GLU A 108 -1.34 -14.51 6.73
CA GLU A 108 -1.74 -13.23 7.26
C GLU A 108 -1.65 -12.11 6.22
N VAL A 109 -0.52 -12.05 5.54
CA VAL A 109 -0.27 -11.05 4.51
C VAL A 109 -1.36 -11.16 3.44
N ASP A 110 -1.57 -12.35 2.88
CA ASP A 110 -2.61 -12.60 1.88
C ASP A 110 -4.04 -12.45 2.44
N ASP A 111 -4.21 -12.49 3.75
CA ASP A 111 -5.46 -12.26 4.46
C ASP A 111 -5.80 -10.78 4.45
N TYR A 112 -4.81 -9.93 4.73
CA TYR A 112 -4.91 -8.48 4.60
C TYR A 112 -5.26 -8.11 3.13
N VAL A 113 -4.79 -8.87 2.13
CA VAL A 113 -5.18 -8.68 0.72
C VAL A 113 -6.65 -9.09 0.48
N ALA A 114 -7.24 -9.91 1.34
CA ALA A 114 -8.55 -10.49 1.18
C ALA A 114 -9.52 -10.04 2.29
N GLY A 115 -9.20 -8.93 2.95
CA GLY A 115 -10.05 -8.19 3.88
C GLY A 115 -10.00 -6.69 3.61
N LEU A 116 -9.55 -6.29 2.41
CA LEU A 116 -9.65 -4.92 1.91
C LEU A 116 -10.96 -4.72 1.14
N ARG A 117 -11.32 -3.47 0.91
CA ARG A 117 -12.31 -3.03 -0.07
C ARG A 117 -11.55 -2.47 -1.26
N THR A 118 -12.24 -2.30 -2.37
CA THR A 118 -11.65 -2.02 -3.68
C THR A 118 -12.43 -0.93 -4.42
N GLU A 119 -13.53 -0.51 -3.80
CA GLU A 119 -14.58 0.38 -4.25
C GLU A 119 -15.50 0.43 -3.03
N GLY A 1 -1.56 -19.20 -12.68
CA GLY A 1 -2.32 -19.46 -11.47
C GLY A 1 -1.48 -19.26 -10.21
N HIS A 2 -1.81 -18.23 -9.42
CA HIS A 2 -1.27 -17.93 -8.10
C HIS A 2 0.26 -18.07 -8.04
N MET A 3 0.97 -17.35 -8.90
CA MET A 3 2.44 -17.34 -8.92
C MET A 3 2.87 -15.97 -9.41
N LYS A 4 4.00 -15.46 -8.90
CA LYS A 4 4.36 -14.04 -8.90
C LYS A 4 3.35 -13.26 -8.05
N PHE A 5 3.65 -12.01 -7.75
CA PHE A 5 2.80 -11.18 -6.92
C PHE A 5 1.63 -10.68 -7.77
N THR A 6 0.67 -10.05 -7.10
CA THR A 6 -0.32 -9.18 -7.71
C THR A 6 -0.19 -7.82 -7.04
N ASP A 7 -0.73 -6.78 -7.67
CA ASP A 7 -0.43 -5.40 -7.34
C ASP A 7 -0.87 -5.10 -5.91
N GLN A 8 -1.98 -5.70 -5.49
CA GLN A 8 -2.53 -5.59 -4.14
C GLN A 8 -1.57 -6.20 -3.12
N GLN A 9 -0.99 -7.35 -3.43
CA GLN A 9 -0.09 -8.08 -2.55
C GLN A 9 1.09 -7.19 -2.21
N ILE A 10 1.70 -6.55 -3.21
CA ILE A 10 2.83 -5.63 -3.05
C ILE A 10 2.37 -4.41 -2.25
N GLY A 11 1.18 -3.87 -2.54
CA GLY A 11 0.63 -2.72 -1.83
C GLY A 11 0.52 -2.95 -0.33
N VAL A 12 0.05 -4.13 0.07
CA VAL A 12 -0.02 -4.54 1.46
C VAL A 12 1.39 -4.56 2.05
N LEU A 13 2.37 -5.22 1.42
CA LEU A 13 3.71 -5.34 2.00
C LEU A 13 4.39 -3.97 2.13
N ALA A 14 4.11 -3.05 1.21
CA ALA A 14 4.57 -1.68 1.30
C ALA A 14 3.92 -0.98 2.51
N GLY A 15 2.63 -1.23 2.74
CA GLY A 15 1.91 -0.76 3.91
C GLY A 15 2.20 -1.60 5.16
N LEU A 16 3.15 -2.55 5.14
CA LEU A 16 3.78 -3.14 6.32
C LEU A 16 5.16 -2.53 6.60
N ALA A 17 5.71 -1.72 5.68
CA ALA A 17 6.94 -0.97 5.88
C ALA A 17 6.73 0.50 6.30
N ILE A 18 5.49 1.00 6.24
CA ILE A 18 5.03 2.38 6.44
C ILE A 18 3.72 2.32 7.24
N SER A 19 3.79 2.43 8.58
CA SER A 19 2.62 2.45 9.47
C SER A 19 1.77 1.15 9.43
N PRO A 20 2.27 0.06 10.03
CA PRO A 20 1.64 -1.27 9.91
C PRO A 20 0.42 -1.40 10.82
N GLU A 21 0.44 -0.71 11.96
CA GLU A 21 -0.57 -0.76 12.98
C GLU A 21 -1.89 -0.21 12.43
N TRP A 22 -1.82 0.92 11.69
CA TRP A 22 -2.91 1.47 10.90
C TRP A 22 -3.46 0.41 9.96
N LEU A 23 -2.66 -0.11 9.02
CA LEU A 23 -3.12 -1.07 8.03
C LEU A 23 -3.84 -2.25 8.67
N LYS A 24 -3.21 -2.89 9.65
CA LYS A 24 -3.80 -4.02 10.37
C LYS A 24 -5.11 -3.63 11.06
N GLN A 25 -5.18 -2.48 11.74
CA GLN A 25 -6.44 -2.04 12.36
C GLN A 25 -7.51 -1.83 11.29
N ASN A 26 -7.17 -1.18 10.17
CA ASN A 26 -8.14 -0.90 9.11
C ASN A 26 -8.72 -2.22 8.61
N ILE A 27 -7.90 -3.26 8.42
CA ILE A 27 -8.36 -4.59 8.01
C ILE A 27 -9.23 -5.20 9.11
N ALA A 28 -8.84 -5.15 10.38
CA ALA A 28 -9.65 -5.64 11.50
C ALA A 28 -11.00 -4.92 11.59
N ALA A 29 -11.15 -3.74 10.99
CA ALA A 29 -12.39 -2.98 10.89
C ALA A 29 -13.04 -3.09 9.50
N ASN A 30 -12.42 -3.86 8.58
CA ASN A 30 -12.75 -3.96 7.15
C ASN A 30 -12.96 -2.57 6.53
N GLN A 31 -12.24 -1.55 6.99
CA GLN A 31 -12.38 -0.14 6.64
C GLN A 31 -11.53 0.26 5.42
N LEU A 32 -10.55 -0.57 5.11
CA LEU A 32 -9.42 -0.26 4.25
C LEU A 32 -9.88 -0.31 2.78
N VAL A 33 -9.57 0.71 1.97
CA VAL A 33 -9.83 0.70 0.53
C VAL A 33 -8.47 0.60 -0.20
N TYR A 34 -8.49 0.11 -1.42
CA TYR A 34 -7.38 -0.02 -2.35
C TYR A 34 -7.82 0.67 -3.62
N GLY A 35 -6.94 1.43 -4.27
CA GLY A 35 -7.30 2.07 -5.51
C GLY A 35 -6.08 2.51 -6.30
N ILE A 36 -6.39 3.12 -7.43
CA ILE A 36 -5.52 3.56 -8.49
C ILE A 36 -5.81 5.05 -8.65
N VAL A 37 -4.77 5.87 -8.76
CA VAL A 37 -4.88 7.32 -8.84
C VAL A 37 -5.97 7.79 -9.79
N LYS A 38 -5.94 7.32 -11.05
CA LYS A 38 -6.72 7.71 -12.21
C LYS A 38 -6.43 9.16 -12.61
N PRO A 39 -6.67 9.52 -13.88
CA PRO A 39 -6.37 10.83 -14.44
C PRO A 39 -7.20 11.97 -13.82
N SER A 40 -8.14 11.69 -12.92
CA SER A 40 -9.22 12.59 -12.54
C SER A 40 -9.23 12.96 -11.05
N ASP A 41 -8.33 12.43 -10.20
CA ASP A 41 -8.44 12.60 -8.75
C ASP A 41 -7.72 13.87 -8.22
N THR A 42 -7.88 14.19 -6.93
CA THR A 42 -7.32 15.31 -6.17
C THR A 42 -5.84 15.09 -5.80
N VAL A 43 -5.09 14.46 -6.70
CA VAL A 43 -3.79 13.88 -6.39
C VAL A 43 -2.62 14.85 -6.60
N PRO A 44 -1.52 14.67 -5.84
CA PRO A 44 -0.31 15.46 -5.99
C PRO A 44 0.41 15.10 -7.29
N ALA A 45 1.25 15.99 -7.81
CA ALA A 45 2.00 15.79 -9.04
C ALA A 45 3.02 14.66 -8.84
N GLY A 46 3.29 13.83 -9.85
CA GLY A 46 4.30 12.78 -9.75
C GLY A 46 3.78 11.46 -9.20
N VAL A 47 2.46 11.25 -9.27
CA VAL A 47 1.81 9.97 -9.07
C VAL A 47 0.71 9.93 -10.13
N ASP A 48 1.03 9.39 -11.30
CA ASP A 48 0.03 9.19 -12.38
C ASP A 48 -0.61 7.81 -12.33
N ASP A 49 0.01 6.91 -11.60
CA ASP A 49 -0.37 5.50 -11.45
C ASP A 49 0.43 4.82 -10.34
N TYR A 50 0.53 5.50 -9.19
CA TYR A 50 0.92 4.86 -7.93
C TYR A 50 -0.38 4.52 -7.23
N SER A 51 -0.69 3.23 -7.03
CA SER A 51 -1.84 2.85 -6.24
C SER A 51 -1.77 3.48 -4.85
N TYR A 52 -2.92 3.68 -4.21
CA TYR A 52 -3.02 4.29 -2.90
C TYR A 52 -3.89 3.43 -1.98
N LEU A 53 -3.64 3.55 -0.69
CA LEU A 53 -4.43 3.01 0.40
C LEU A 53 -4.89 4.19 1.24
N VAL A 54 -6.16 4.20 1.60
CA VAL A 54 -6.80 5.13 2.53
C VAL A 54 -7.90 4.30 3.21
N ALA A 55 -8.39 4.68 4.39
CA ALA A 55 -9.60 4.06 4.91
C ALA A 55 -10.79 4.82 4.33
N ALA A 56 -11.97 4.20 4.43
CA ALA A 56 -13.20 4.79 3.92
C ALA A 56 -13.77 5.87 4.83
N ASP A 57 -13.13 6.18 5.97
CA ASP A 57 -13.74 7.01 7.01
C ASP A 57 -12.78 8.03 7.59
N ASP A 58 -11.55 8.10 7.05
CA ASP A 58 -10.45 8.96 7.49
C ASP A 58 -9.90 9.74 6.29
N GLN A 59 -10.79 10.10 5.35
CA GLN A 59 -10.45 10.53 3.99
C GLN A 59 -9.50 11.74 3.90
N ASP A 60 -9.24 12.50 4.96
CA ASP A 60 -8.26 13.59 4.95
C ASP A 60 -7.22 13.42 6.07
N GLY A 61 -7.26 12.29 6.78
CA GLY A 61 -6.40 11.95 7.89
C GLY A 61 -5.07 11.41 7.38
N THR A 62 -5.06 10.20 6.82
CA THR A 62 -3.85 9.55 6.31
C THR A 62 -4.01 9.29 4.80
N ILE A 63 -2.95 8.87 4.10
CA ILE A 63 -2.96 8.17 2.82
C ILE A 63 -1.53 7.65 2.59
N ILE A 64 -1.39 6.50 1.91
CA ILE A 64 -0.10 5.97 1.49
C ILE A 64 -0.23 5.57 0.04
N PHE A 65 0.71 6.00 -0.80
CA PHE A 65 0.85 5.60 -2.20
C PHE A 65 2.02 4.62 -2.31
N PHE A 66 1.99 3.71 -3.29
CA PHE A 66 3.11 2.85 -3.66
C PHE A 66 3.10 2.65 -5.17
N LYS A 67 4.26 2.31 -5.75
CA LYS A 67 4.33 1.72 -7.07
C LYS A 67 5.48 0.73 -7.07
N ALA A 68 5.26 -0.46 -7.62
CA ALA A 68 6.37 -1.29 -8.05
C ALA A 68 6.96 -0.60 -9.28
N GLU A 69 8.25 -0.29 -9.24
CA GLU A 69 9.05 0.06 -10.41
C GLU A 69 9.85 -1.15 -10.87
N GLY A 70 9.38 -2.36 -10.52
CA GLY A 70 9.93 -3.64 -10.93
C GLY A 70 11.20 -3.97 -10.14
N GLN A 71 11.16 -5.02 -9.32
CA GLN A 71 12.23 -5.41 -8.39
C GLN A 71 12.51 -4.35 -7.30
N THR A 72 11.78 -3.23 -7.32
CA THR A 72 11.83 -2.13 -6.39
C THR A 72 10.40 -1.64 -6.21
N VAL A 73 10.08 -1.10 -5.05
CA VAL A 73 8.83 -0.44 -4.74
C VAL A 73 9.20 0.93 -4.17
N ILE A 74 8.58 1.97 -4.71
CA ILE A 74 8.71 3.33 -4.26
C ILE A 74 7.46 3.59 -3.42
N ILE A 75 7.62 3.76 -2.11
CA ILE A 75 6.50 4.01 -1.20
C ILE A 75 6.50 5.52 -0.92
N LYS A 76 5.41 6.18 -1.29
CA LYS A 76 5.24 7.63 -1.27
C LYS A 76 4.11 7.93 -0.28
N TYR A 77 4.38 8.43 0.93
CA TYR A 77 3.34 8.68 1.94
C TYR A 77 3.38 10.12 2.42
N THR A 78 2.37 10.52 3.17
CA THR A 78 2.25 11.84 3.77
C THR A 78 1.43 11.72 5.05
N SER A 79 1.42 12.80 5.84
CA SER A 79 0.52 12.99 6.96
C SER A 79 -0.78 13.67 6.55
N GLN A 80 -0.85 14.22 5.34
CA GLN A 80 -1.99 15.00 4.87
C GLN A 80 -2.13 14.86 3.36
N ARG A 81 -3.36 14.69 2.88
CA ARG A 81 -3.70 14.50 1.47
C ARG A 81 -3.27 15.68 0.61
N ASN A 82 -3.07 16.85 1.22
CA ASN A 82 -2.67 18.10 0.57
C ASN A 82 -1.16 18.39 0.55
N THR A 83 -0.33 17.50 1.06
CA THR A 83 1.11 17.78 1.22
C THR A 83 1.99 16.78 0.48
N LYS A 84 3.22 17.21 0.16
CA LYS A 84 4.15 16.51 -0.72
C LYS A 84 4.55 15.17 -0.11
N LEU A 85 4.55 14.12 -0.92
CA LEU A 85 4.82 12.75 -0.49
C LEU A 85 6.31 12.60 -0.19
N LYS A 86 6.66 11.81 0.82
CA LYS A 86 8.02 11.39 1.15
C LYS A 86 8.52 10.40 0.08
N ALA A 87 9.68 9.77 0.28
CA ALA A 87 10.13 8.66 -0.56
C ALA A 87 10.89 7.63 0.30
N LYS A 88 10.25 6.50 0.61
CA LYS A 88 11.00 5.25 0.77
C LYS A 88 11.13 4.65 -0.63
N ALA A 89 12.23 3.97 -0.89
CA ALA A 89 12.46 3.13 -2.05
C ALA A 89 13.14 1.87 -1.53
N LEU A 90 12.60 0.70 -1.87
CA LEU A 90 12.98 -0.57 -1.27
C LEU A 90 12.97 -1.63 -2.34
N THR A 91 13.94 -2.54 -2.36
CA THR A 91 13.87 -3.65 -3.31
C THR A 91 12.73 -4.60 -2.91
N LEU A 92 12.19 -5.35 -3.88
CA LEU A 92 11.29 -6.45 -3.56
C LEU A 92 12.01 -7.47 -2.69
N SER A 93 13.33 -7.60 -2.81
CA SER A 93 14.09 -8.54 -2.02
C SER A 93 14.19 -8.12 -0.54
N GLN A 94 14.18 -6.83 -0.23
CA GLN A 94 14.17 -6.32 1.11
C GLN A 94 12.80 -6.66 1.69
N LEU A 95 11.74 -6.15 1.05
CA LEU A 95 10.35 -6.29 1.50
C LEU A 95 9.90 -7.75 1.65
N LYS A 96 10.36 -8.65 0.77
CA LYS A 96 9.95 -10.06 0.83
C LYS A 96 10.57 -10.74 2.04
N LYS A 97 11.77 -10.32 2.45
CA LYS A 97 12.40 -10.81 3.65
C LYS A 97 11.57 -10.32 4.83
N GLU A 98 11.49 -9.01 5.01
CA GLU A 98 10.86 -8.35 6.15
C GLU A 98 9.48 -8.94 6.46
N PHE A 99 8.62 -8.99 5.45
CA PHE A 99 7.19 -9.19 5.66
C PHE A 99 6.68 -10.47 4.99
N TYR A 100 7.58 -11.34 4.52
CA TYR A 100 7.16 -12.58 3.86
C TYR A 100 8.15 -13.75 4.05
N GLN A 101 8.81 -13.84 5.21
CA GLN A 101 9.83 -14.86 5.48
C GLN A 101 9.29 -16.22 5.88
N THR A 102 8.23 -16.33 6.71
CA THR A 102 7.75 -17.65 7.15
C THR A 102 6.72 -18.21 6.15
N ARG A 103 6.14 -19.39 6.40
CA ARG A 103 5.01 -19.87 5.61
C ARG A 103 3.72 -19.37 6.24
N SER A 104 3.55 -19.47 7.56
CA SER A 104 2.27 -19.09 8.17
C SER A 104 2.02 -17.59 8.04
N GLN A 105 3.06 -16.74 8.01
CA GLN A 105 2.87 -15.29 7.82
C GLN A 105 2.14 -15.02 6.50
N LYS A 106 2.32 -15.87 5.47
CA LYS A 106 1.66 -15.68 4.19
C LYS A 106 0.13 -15.71 4.34
N ARG A 107 -0.37 -16.40 5.36
CA ARG A 107 -1.79 -16.54 5.64
C ARG A 107 -2.35 -15.18 6.06
N GLU A 108 -1.70 -14.51 7.00
CA GLU A 108 -2.09 -13.17 7.44
C GLU A 108 -1.94 -12.15 6.32
N VAL A 109 -0.79 -12.16 5.67
CA VAL A 109 -0.47 -11.22 4.60
C VAL A 109 -1.58 -11.27 3.54
N ASP A 110 -1.86 -12.46 3.03
CA ASP A 110 -2.93 -12.65 2.05
C ASP A 110 -4.33 -12.33 2.61
N ASP A 111 -4.54 -12.43 3.94
CA ASP A 111 -5.77 -11.98 4.59
C ASP A 111 -5.94 -10.48 4.42
N TYR A 112 -4.88 -9.67 4.61
CA TYR A 112 -4.97 -8.23 4.37
C TYR A 112 -5.35 -7.96 2.90
N VAL A 113 -4.83 -8.77 1.98
CA VAL A 113 -5.13 -8.66 0.55
C VAL A 113 -6.57 -9.11 0.24
N ALA A 114 -7.30 -9.69 1.20
CA ALA A 114 -8.68 -10.13 1.05
C ALA A 114 -9.66 -9.40 1.98
N GLY A 115 -9.19 -8.69 3.00
CA GLY A 115 -9.99 -7.89 3.93
C GLY A 115 -10.00 -6.41 3.57
N LEU A 116 -9.22 -6.01 2.56
CA LEU A 116 -9.33 -4.72 1.90
C LEU A 116 -10.66 -4.64 1.12
N ARG A 117 -10.97 -3.45 0.64
CA ARG A 117 -12.07 -3.13 -0.27
C ARG A 117 -11.49 -2.37 -1.45
N THR A 118 -12.27 -2.06 -2.48
CA THR A 118 -11.70 -1.49 -3.71
C THR A 118 -12.67 -0.54 -4.43
N GLU A 119 -13.70 -0.06 -3.73
CA GLU A 119 -14.82 0.71 -4.27
C GLU A 119 -15.47 -0.09 -5.40
N GLY A 1 -0.84 -16.69 -16.68
CA GLY A 1 0.35 -17.06 -15.90
C GLY A 1 1.38 -15.94 -15.93
N HIS A 2 2.65 -16.29 -15.63
CA HIS A 2 3.85 -15.48 -15.69
C HIS A 2 3.73 -14.06 -15.08
N MET A 3 4.14 -13.90 -13.81
CA MET A 3 4.26 -12.59 -13.16
C MET A 3 5.29 -12.64 -12.02
N LYS A 4 5.54 -11.50 -11.37
CA LYS A 4 6.38 -11.33 -10.18
C LYS A 4 5.60 -10.46 -9.22
N PHE A 5 4.86 -11.11 -8.32
CA PHE A 5 3.84 -10.51 -7.44
C PHE A 5 2.81 -9.70 -8.27
N THR A 6 1.98 -8.93 -7.58
CA THR A 6 0.95 -8.02 -8.07
C THR A 6 1.01 -6.74 -7.23
N ASP A 7 0.63 -5.59 -7.80
CA ASP A 7 0.65 -4.29 -7.11
C ASP A 7 -0.07 -4.39 -5.77
N GLN A 8 -1.19 -5.10 -5.71
CA GLN A 8 -1.96 -5.39 -4.49
C GLN A 8 -1.10 -6.02 -3.40
N GLN A 9 -0.51 -7.17 -3.72
CA GLN A 9 0.29 -8.00 -2.82
C GLN A 9 1.54 -7.27 -2.34
N ILE A 10 2.02 -6.32 -3.13
CA ILE A 10 3.13 -5.44 -2.82
C ILE A 10 2.65 -4.32 -1.88
N GLY A 11 1.45 -3.76 -2.12
CA GLY A 11 0.90 -2.64 -1.38
C GLY A 11 0.82 -2.90 0.11
N VAL A 12 0.43 -4.12 0.49
CA VAL A 12 0.36 -4.54 1.89
C VAL A 12 1.78 -4.59 2.47
N LEU A 13 2.75 -5.23 1.78
CA LEU A 13 4.14 -5.27 2.23
C LEU A 13 4.68 -3.87 2.44
N ALA A 14 4.49 -2.98 1.46
CA ALA A 14 4.94 -1.60 1.54
C ALA A 14 4.28 -0.87 2.72
N GLY A 15 2.99 -1.13 2.97
CA GLY A 15 2.28 -0.56 4.10
C GLY A 15 2.78 -1.11 5.43
N LEU A 16 3.23 -2.36 5.49
CA LEU A 16 3.79 -2.89 6.73
C LEU A 16 5.08 -2.16 7.13
N ALA A 17 5.78 -1.54 6.18
CA ALA A 17 6.92 -0.68 6.49
C ALA A 17 6.50 0.73 6.94
N ILE A 18 5.27 1.16 6.68
CA ILE A 18 4.78 2.52 6.91
C ILE A 18 3.40 2.39 7.58
N SER A 19 3.38 2.51 8.91
CA SER A 19 2.17 2.51 9.70
C SER A 19 1.45 1.13 9.61
N PRO A 20 2.14 0.01 9.91
CA PRO A 20 1.55 -1.33 9.83
C PRO A 20 0.27 -1.44 10.65
N GLU A 21 0.29 -0.82 11.83
CA GLU A 21 -0.78 -0.88 12.80
C GLU A 21 -2.05 -0.17 12.32
N TRP A 22 -1.90 0.92 11.55
CA TRP A 22 -3.02 1.60 10.91
C TRP A 22 -3.64 0.63 9.91
N LEU A 23 -2.85 0.07 8.99
CA LEU A 23 -3.33 -0.89 8.00
C LEU A 23 -4.10 -2.02 8.68
N LYS A 24 -3.53 -2.60 9.74
CA LYS A 24 -4.17 -3.63 10.55
C LYS A 24 -5.48 -3.10 11.18
N GLN A 25 -5.53 -1.91 11.78
CA GLN A 25 -6.77 -1.32 12.31
C GLN A 25 -7.84 -1.15 11.24
N ASN A 26 -7.47 -0.74 10.02
CA ASN A 26 -8.42 -0.49 8.94
C ASN A 26 -9.04 -1.82 8.51
N ILE A 27 -8.20 -2.85 8.36
CA ILE A 27 -8.64 -4.16 7.94
C ILE A 27 -9.42 -4.84 9.07
N ALA A 28 -9.07 -4.57 10.33
CA ALA A 28 -9.83 -5.02 11.49
C ALA A 28 -11.14 -4.26 11.68
N ALA A 29 -11.43 -3.23 10.86
CA ALA A 29 -12.78 -2.71 10.66
C ALA A 29 -13.49 -3.38 9.49
N ASN A 30 -12.71 -4.06 8.62
CA ASN A 30 -13.08 -4.62 7.34
C ASN A 30 -13.35 -3.48 6.36
N GLN A 31 -12.68 -2.33 6.51
CA GLN A 31 -12.86 -1.20 5.61
C GLN A 31 -11.77 -1.25 4.52
N LEU A 32 -10.62 -0.62 4.76
CA LEU A 32 -9.38 -0.57 3.95
C LEU A 32 -9.63 -0.41 2.43
N VAL A 33 -9.58 0.79 1.86
CA VAL A 33 -9.86 0.98 0.45
C VAL A 33 -8.53 0.99 -0.34
N TYR A 34 -8.57 0.41 -1.55
CA TYR A 34 -7.51 0.36 -2.54
C TYR A 34 -8.03 1.05 -3.80
N GLY A 35 -7.19 1.86 -4.44
CA GLY A 35 -7.48 2.55 -5.68
C GLY A 35 -6.20 2.84 -6.41
N ILE A 36 -6.34 3.37 -7.62
CA ILE A 36 -5.28 3.88 -8.47
C ILE A 36 -5.57 5.36 -8.64
N VAL A 37 -4.53 6.18 -8.75
CA VAL A 37 -4.59 7.61 -8.99
C VAL A 37 -5.49 7.93 -10.18
N LYS A 38 -5.04 7.74 -11.43
CA LYS A 38 -5.66 8.26 -12.65
C LYS A 38 -5.78 9.80 -12.62
N PRO A 39 -6.05 10.49 -13.75
CA PRO A 39 -6.09 11.95 -13.74
C PRO A 39 -7.38 12.49 -13.09
N SER A 40 -8.51 11.78 -13.24
CA SER A 40 -9.82 12.18 -12.74
C SER A 40 -9.91 11.86 -11.24
N ASP A 41 -9.12 12.58 -10.44
CA ASP A 41 -9.30 12.78 -9.01
C ASP A 41 -8.56 14.07 -8.62
N THR A 42 -8.34 14.36 -7.33
CA THR A 42 -7.54 15.50 -6.88
C THR A 42 -6.25 14.94 -6.28
N VAL A 43 -5.12 15.05 -6.97
CA VAL A 43 -3.87 14.39 -6.57
C VAL A 43 -2.64 15.29 -6.75
N PRO A 44 -1.54 14.98 -6.04
CA PRO A 44 -0.26 15.65 -6.21
C PRO A 44 0.41 15.24 -7.51
N ALA A 45 1.41 16.02 -7.91
CA ALA A 45 2.32 15.69 -8.99
C ALA A 45 3.13 14.43 -8.67
N GLY A 46 3.29 13.55 -9.65
CA GLY A 46 4.30 12.48 -9.62
C GLY A 46 3.80 11.20 -8.97
N VAL A 47 2.51 10.88 -9.10
CA VAL A 47 1.94 9.59 -8.68
C VAL A 47 0.98 9.06 -9.76
N ASP A 48 1.13 9.51 -11.02
CA ASP A 48 0.05 9.65 -11.99
C ASP A 48 -0.67 8.36 -12.42
N ASP A 49 -0.14 7.19 -12.04
CA ASP A 49 -0.71 5.82 -12.19
C ASP A 49 -0.30 4.92 -11.02
N TYR A 50 -0.03 5.52 -9.86
CA TYR A 50 0.31 4.81 -8.64
C TYR A 50 -0.98 4.27 -8.01
N SER A 51 -0.87 3.19 -7.23
CA SER A 51 -1.87 2.75 -6.31
C SER A 51 -1.84 3.66 -5.06
N TYR A 52 -2.97 3.81 -4.38
CA TYR A 52 -3.04 4.42 -3.05
C TYR A 52 -3.93 3.58 -2.13
N LEU A 53 -3.57 3.53 -0.85
CA LEU A 53 -4.30 2.87 0.22
C LEU A 53 -4.73 3.97 1.18
N VAL A 54 -5.97 3.87 1.65
CA VAL A 54 -6.64 4.77 2.56
C VAL A 54 -7.62 3.88 3.34
N ALA A 55 -8.23 4.35 4.42
CA ALA A 55 -9.36 3.64 5.04
C ALA A 55 -10.61 4.47 4.79
N ALA A 56 -11.77 3.81 4.77
CA ALA A 56 -13.04 4.50 4.57
C ALA A 56 -13.52 5.25 5.83
N ASP A 57 -12.74 5.25 6.92
CA ASP A 57 -12.93 6.27 7.95
C ASP A 57 -11.87 7.36 7.78
N ASP A 58 -10.60 6.97 7.62
CA ASP A 58 -9.43 7.85 7.57
C ASP A 58 -9.30 8.58 6.22
N GLN A 59 -10.37 8.78 5.45
CA GLN A 59 -10.36 9.15 4.03
C GLN A 59 -9.56 10.43 3.74
N ASP A 60 -9.49 11.34 4.70
CA ASP A 60 -8.70 12.57 4.69
C ASP A 60 -7.83 12.68 5.95
N GLY A 61 -7.72 11.60 6.71
CA GLY A 61 -6.89 11.48 7.89
C GLY A 61 -5.47 11.02 7.53
N THR A 62 -5.34 9.87 6.86
CA THR A 62 -4.07 9.29 6.42
C THR A 62 -4.19 8.97 4.93
N ILE A 63 -3.08 8.79 4.19
CA ILE A 63 -3.07 8.08 2.91
C ILE A 63 -1.64 7.58 2.67
N ILE A 64 -1.48 6.51 1.89
CA ILE A 64 -0.20 6.05 1.39
C ILE A 64 -0.36 5.73 -0.10
N PHE A 65 0.72 5.88 -0.88
CA PHE A 65 0.81 5.58 -2.30
C PHE A 65 1.97 4.61 -2.52
N PHE A 66 1.97 3.88 -3.64
CA PHE A 66 3.08 3.05 -4.08
C PHE A 66 2.94 2.71 -5.56
N LYS A 67 4.02 2.26 -6.19
CA LYS A 67 4.02 1.71 -7.53
C LYS A 67 5.20 0.77 -7.65
N ALA A 68 5.01 -0.45 -8.15
CA ALA A 68 6.10 -1.35 -8.49
C ALA A 68 6.59 -1.07 -9.89
N GLU A 69 7.88 -1.32 -10.12
CA GLU A 69 8.56 -1.24 -11.40
C GLU A 69 9.09 -2.61 -11.84
N GLY A 70 8.94 -3.65 -11.01
CA GLY A 70 9.32 -5.02 -11.31
C GLY A 70 10.04 -5.69 -10.14
N GLN A 71 10.86 -4.92 -9.42
CA GLN A 71 11.42 -5.26 -8.12
C GLN A 71 11.20 -4.06 -7.21
N THR A 72 11.73 -2.92 -7.57
CA THR A 72 11.69 -1.75 -6.75
C THR A 72 10.28 -1.16 -6.74
N VAL A 73 9.91 -0.64 -5.57
CA VAL A 73 8.60 -0.11 -5.25
C VAL A 73 8.85 1.22 -4.56
N ILE A 74 8.40 2.29 -5.19
CA ILE A 74 8.50 3.64 -4.70
C ILE A 74 7.32 3.84 -3.77
N ILE A 75 7.56 3.63 -2.48
CA ILE A 75 6.59 3.94 -1.43
C ILE A 75 6.57 5.47 -1.36
N LYS A 76 5.38 6.06 -1.42
CA LYS A 76 5.19 7.50 -1.28
C LYS A 76 4.10 7.73 -0.23
N TYR A 77 4.43 8.20 0.95
CA TYR A 77 3.51 8.31 2.09
C TYR A 77 3.56 9.72 2.66
N THR A 78 2.60 10.03 3.54
CA THR A 78 2.45 11.33 4.14
C THR A 78 1.72 11.17 5.49
N SER A 79 1.67 12.23 6.29
CA SER A 79 0.74 12.37 7.40
C SER A 79 -0.47 13.23 7.02
N GLN A 80 -0.40 13.95 5.90
CA GLN A 80 -1.43 14.87 5.46
C GLN A 80 -1.73 14.71 3.97
N ARG A 81 -3.01 14.52 3.65
CA ARG A 81 -3.55 14.20 2.33
C ARG A 81 -3.16 15.23 1.29
N ASN A 82 -2.99 16.48 1.70
CA ASN A 82 -2.63 17.60 0.83
C ASN A 82 -1.26 18.15 1.24
N THR A 83 -0.28 17.26 1.38
CA THR A 83 1.14 17.61 1.44
C THR A 83 1.92 16.64 0.55
N LYS A 84 3.11 17.01 0.06
CA LYS A 84 3.94 16.15 -0.78
C LYS A 84 4.37 14.88 -0.03
N LEU A 85 4.55 13.78 -0.76
CA LEU A 85 4.86 12.46 -0.22
C LEU A 85 6.37 12.31 0.03
N LYS A 86 6.74 11.43 0.96
CA LYS A 86 8.11 11.00 1.23
C LYS A 86 8.65 10.12 0.11
N ALA A 87 9.95 9.83 0.19
CA ALA A 87 10.63 8.81 -0.60
C ALA A 87 11.14 7.73 0.36
N LYS A 88 10.65 6.50 0.23
CA LYS A 88 11.35 5.29 0.68
C LYS A 88 11.19 4.31 -0.50
N ALA A 89 12.27 3.90 -1.15
CA ALA A 89 12.26 3.10 -2.38
C ALA A 89 13.03 1.83 -2.04
N LEU A 90 12.42 0.67 -2.19
CA LEU A 90 12.91 -0.61 -1.68
C LEU A 90 12.68 -1.68 -2.75
N THR A 91 13.58 -2.65 -2.87
CA THR A 91 13.40 -3.78 -3.78
C THR A 91 12.40 -4.79 -3.19
N LEU A 92 11.70 -5.53 -4.06
CA LEU A 92 10.79 -6.60 -3.67
C LEU A 92 11.48 -7.59 -2.73
N SER A 93 12.73 -7.88 -3.07
CA SER A 93 13.57 -8.84 -2.39
C SER A 93 13.73 -8.49 -0.91
N GLN A 94 13.80 -7.18 -0.60
CA GLN A 94 13.84 -6.61 0.71
C GLN A 94 12.55 -6.95 1.47
N LEU A 95 11.41 -6.40 1.04
CA LEU A 95 10.12 -6.50 1.73
C LEU A 95 9.72 -7.96 1.93
N LYS A 96 10.01 -8.81 0.95
CA LYS A 96 9.75 -10.24 1.03
C LYS A 96 10.50 -10.89 2.18
N LYS A 97 11.71 -10.44 2.52
CA LYS A 97 12.41 -10.94 3.68
C LYS A 97 11.68 -10.45 4.92
N GLU A 98 11.57 -9.13 5.04
CA GLU A 98 11.00 -8.41 6.17
C GLU A 98 9.67 -9.05 6.61
N PHE A 99 8.73 -9.13 5.67
CA PHE A 99 7.33 -9.37 5.92
C PHE A 99 6.84 -10.64 5.24
N TYR A 100 7.71 -11.51 4.71
CA TYR A 100 7.23 -12.71 4.02
C TYR A 100 8.15 -13.92 4.16
N GLN A 101 8.91 -14.01 5.26
CA GLN A 101 9.81 -15.14 5.48
C GLN A 101 9.05 -16.45 5.74
N THR A 102 8.24 -16.45 6.79
CA THR A 102 7.68 -17.63 7.42
C THR A 102 6.24 -17.83 6.94
N ARG A 103 5.68 -19.02 7.14
CA ARG A 103 4.44 -19.48 6.53
C ARG A 103 3.20 -18.95 7.21
N SER A 104 3.19 -18.87 8.54
CA SER A 104 2.09 -18.28 9.29
C SER A 104 1.86 -16.84 8.83
N GLN A 105 2.94 -16.10 8.55
CA GLN A 105 2.85 -14.73 8.04
C GLN A 105 2.16 -14.67 6.67
N LYS A 106 2.20 -15.76 5.89
CA LYS A 106 1.54 -15.79 4.59
C LYS A 106 0.01 -15.84 4.72
N ARG A 107 -0.53 -16.11 5.91
CA ARG A 107 -1.92 -15.82 6.20
C ARG A 107 -2.04 -14.32 6.30
N GLU A 108 -1.55 -13.67 7.35
CA GLU A 108 -1.87 -12.27 7.63
C GLU A 108 -1.74 -11.39 6.41
N VAL A 109 -0.56 -11.40 5.79
CA VAL A 109 -0.22 -10.56 4.65
C VAL A 109 -1.26 -10.73 3.54
N ASP A 110 -1.56 -11.97 3.15
CA ASP A 110 -2.60 -12.24 2.15
C ASP A 110 -4.01 -11.96 2.62
N ASP A 111 -4.27 -12.20 3.90
CA ASP A 111 -5.56 -11.99 4.55
C ASP A 111 -5.90 -10.50 4.52
N TYR A 112 -4.88 -9.64 4.57
CA TYR A 112 -4.99 -8.21 4.38
C TYR A 112 -5.36 -7.86 2.93
N VAL A 113 -4.77 -8.55 1.94
CA VAL A 113 -5.21 -8.37 0.55
C VAL A 113 -6.65 -8.90 0.40
N ALA A 114 -7.02 -9.96 1.11
CA ALA A 114 -8.39 -10.46 1.18
C ALA A 114 -9.28 -9.68 2.16
N GLY A 115 -8.79 -8.54 2.67
CA GLY A 115 -9.40 -7.75 3.74
C GLY A 115 -9.52 -6.29 3.36
N LEU A 116 -8.98 -5.88 2.21
CA LEU A 116 -9.23 -4.59 1.60
C LEU A 116 -10.51 -4.63 0.77
N ARG A 117 -10.87 -3.48 0.23
CA ARG A 117 -12.03 -3.19 -0.59
C ARG A 117 -11.52 -2.26 -1.69
N THR A 118 -12.27 -2.10 -2.77
CA THR A 118 -11.83 -1.20 -3.84
C THR A 118 -12.72 0.05 -3.90
N GLU A 119 -13.77 0.03 -3.08
CA GLU A 119 -14.82 0.99 -2.91
C GLU A 119 -15.38 0.76 -1.51
N GLY A 1 13.89 -17.95 -8.34
CA GLY A 1 12.74 -17.82 -9.24
C GLY A 1 12.33 -16.38 -9.35
N HIS A 2 12.13 -15.86 -10.56
CA HIS A 2 11.32 -14.67 -10.72
C HIS A 2 9.89 -15.04 -10.33
N MET A 3 9.25 -14.17 -9.55
CA MET A 3 8.06 -14.51 -8.79
C MET A 3 7.10 -13.35 -9.01
N LYS A 4 6.11 -13.55 -9.88
CA LYS A 4 5.11 -12.55 -10.21
C LYS A 4 4.38 -12.15 -8.93
N PHE A 5 4.43 -10.85 -8.59
CA PHE A 5 3.70 -10.27 -7.48
C PHE A 5 2.63 -9.33 -8.06
N THR A 6 1.74 -8.80 -7.23
CA THR A 6 0.67 -7.90 -7.64
C THR A 6 0.65 -6.66 -6.76
N ASP A 7 0.17 -5.53 -7.29
CA ASP A 7 -0.04 -4.29 -6.54
C ASP A 7 -0.77 -4.57 -5.23
N GLN A 8 -1.77 -5.44 -5.32
CA GLN A 8 -2.58 -5.98 -4.23
C GLN A 8 -1.66 -6.51 -3.10
N GLN A 9 -0.89 -7.54 -3.43
CA GLN A 9 -0.06 -8.33 -2.53
C GLN A 9 1.13 -7.52 -2.02
N ILE A 10 1.66 -6.61 -2.84
CA ILE A 10 2.71 -5.69 -2.49
C ILE A 10 2.15 -4.63 -1.54
N GLY A 11 0.89 -4.25 -1.71
CA GLY A 11 0.22 -3.19 -0.98
C GLY A 11 0.35 -3.41 0.53
N VAL A 12 0.09 -4.63 0.98
CA VAL A 12 0.15 -5.00 2.38
C VAL A 12 1.61 -4.94 2.85
N LEU A 13 2.55 -5.51 2.10
CA LEU A 13 3.97 -5.54 2.45
C LEU A 13 4.53 -4.13 2.62
N ALA A 14 4.32 -3.27 1.63
CA ALA A 14 4.81 -1.90 1.67
C ALA A 14 4.13 -1.10 2.78
N GLY A 15 2.84 -1.32 3.04
CA GLY A 15 2.15 -0.66 4.15
C GLY A 15 2.63 -1.18 5.51
N LEU A 16 3.10 -2.42 5.61
CA LEU A 16 3.64 -2.93 6.86
C LEU A 16 4.93 -2.20 7.28
N ALA A 17 5.66 -1.63 6.33
CA ALA A 17 6.79 -0.77 6.63
C ALA A 17 6.37 0.66 7.05
N ILE A 18 5.16 1.11 6.68
CA ILE A 18 4.68 2.47 6.86
C ILE A 18 3.30 2.38 7.53
N SER A 19 3.26 2.42 8.86
CA SER A 19 2.04 2.34 9.66
C SER A 19 1.36 0.96 9.51
N PRO A 20 2.03 -0.13 9.95
CA PRO A 20 1.45 -1.47 9.95
C PRO A 20 0.18 -1.51 10.81
N GLU A 21 0.17 -0.75 11.92
CA GLU A 21 -0.94 -0.77 12.86
C GLU A 21 -2.19 -0.16 12.25
N TRP A 22 -2.10 1.04 11.65
CA TRP A 22 -3.20 1.65 10.91
C TRP A 22 -3.74 0.66 9.88
N LEU A 23 -2.85 0.08 9.07
CA LEU A 23 -3.22 -0.88 8.04
C LEU A 23 -4.03 -2.01 8.68
N LYS A 24 -3.45 -2.71 9.65
CA LYS A 24 -4.09 -3.88 10.26
C LYS A 24 -5.39 -3.51 10.98
N GLN A 25 -5.53 -2.32 11.57
CA GLN A 25 -6.80 -1.93 12.19
C GLN A 25 -7.86 -1.84 11.12
N ASN A 26 -7.57 -1.17 10.01
CA ASN A 26 -8.54 -0.98 8.95
C ASN A 26 -8.92 -2.30 8.29
N ILE A 27 -7.98 -3.25 8.15
CA ILE A 27 -8.33 -4.61 7.71
C ILE A 27 -9.28 -5.24 8.73
N ALA A 28 -8.96 -5.19 10.02
CA ALA A 28 -9.80 -5.72 11.10
C ALA A 28 -11.14 -4.97 11.25
N ALA A 29 -11.35 -3.91 10.47
CA ALA A 29 -12.59 -3.15 10.34
C ALA A 29 -13.24 -3.33 8.97
N ASN A 30 -12.56 -4.00 8.03
CA ASN A 30 -12.86 -4.07 6.60
C ASN A 30 -13.20 -2.67 6.04
N GLN A 31 -12.50 -1.64 6.51
CA GLN A 31 -12.72 -0.24 6.18
C GLN A 31 -11.65 0.30 5.24
N LEU A 32 -10.64 -0.51 4.95
CA LEU A 32 -9.50 -0.12 4.15
C LEU A 32 -9.91 -0.21 2.69
N VAL A 33 -9.51 0.76 1.86
CA VAL A 33 -9.75 0.81 0.42
C VAL A 33 -8.35 0.80 -0.24
N TYR A 34 -8.32 0.25 -1.44
CA TYR A 34 -7.21 0.18 -2.37
C TYR A 34 -7.74 0.78 -3.68
N GLY A 35 -6.91 1.52 -4.40
CA GLY A 35 -7.33 2.13 -5.65
C GLY A 35 -6.15 2.64 -6.44
N ILE A 36 -6.45 3.24 -7.60
CA ILE A 36 -5.51 3.75 -8.57
C ILE A 36 -5.77 5.24 -8.69
N VAL A 37 -4.70 6.03 -8.74
CA VAL A 37 -4.73 7.47 -8.96
C VAL A 37 -5.71 7.87 -10.09
N LYS A 38 -5.37 7.59 -11.36
CA LYS A 38 -5.98 8.17 -12.56
C LYS A 38 -5.95 9.72 -12.55
N PRO A 39 -6.20 10.37 -13.71
CA PRO A 39 -6.30 11.83 -13.74
C PRO A 39 -7.65 12.31 -13.22
N SER A 40 -8.67 11.45 -13.26
CA SER A 40 -10.06 11.74 -12.96
C SER A 40 -10.37 11.85 -11.46
N ASP A 41 -9.36 12.06 -10.62
CA ASP A 41 -9.48 12.25 -9.16
C ASP A 41 -8.65 13.47 -8.75
N THR A 42 -8.65 13.85 -7.47
CA THR A 42 -7.79 14.90 -6.92
C THR A 42 -6.51 14.25 -6.40
N VAL A 43 -5.37 14.51 -7.05
CA VAL A 43 -4.09 13.91 -6.69
C VAL A 43 -2.95 14.94 -6.90
N PRO A 44 -1.76 14.72 -6.30
CA PRO A 44 -0.57 15.51 -6.57
C PRO A 44 0.04 15.21 -7.94
N ALA A 45 1.21 15.78 -8.18
CA ALA A 45 2.10 15.41 -9.27
C ALA A 45 2.73 14.04 -9.03
N GLY A 46 3.26 13.46 -10.11
CA GLY A 46 4.23 12.39 -10.05
C GLY A 46 3.68 11.08 -9.51
N VAL A 47 2.41 10.78 -9.76
CA VAL A 47 1.74 9.59 -9.25
C VAL A 47 0.75 9.01 -10.26
N ASP A 48 0.94 9.20 -11.59
CA ASP A 48 -0.08 9.00 -12.63
C ASP A 48 -0.72 7.62 -12.67
N ASP A 49 -0.08 6.68 -12.01
CA ASP A 49 -0.32 5.26 -12.01
C ASP A 49 0.06 4.66 -10.68
N TYR A 50 0.26 5.47 -9.64
CA TYR A 50 0.56 4.96 -8.31
C TYR A 50 -0.73 4.39 -7.74
N SER A 51 -0.61 3.19 -7.21
CA SER A 51 -1.59 2.56 -6.38
C SER A 51 -1.63 3.34 -5.06
N TYR A 52 -2.79 3.40 -4.41
CA TYR A 52 -2.92 3.99 -3.08
C TYR A 52 -3.79 3.12 -2.19
N LEU A 53 -3.70 3.40 -0.90
CA LEU A 53 -4.40 2.74 0.18
C LEU A 53 -4.83 3.84 1.14
N VAL A 54 -6.07 3.79 1.62
CA VAL A 54 -6.71 4.80 2.45
C VAL A 54 -7.81 4.10 3.24
N ALA A 55 -8.25 4.65 4.37
CA ALA A 55 -9.48 4.15 4.98
C ALA A 55 -10.66 4.85 4.33
N ALA A 56 -11.82 4.20 4.35
CA ALA A 56 -13.03 4.81 3.84
C ALA A 56 -13.54 5.94 4.71
N ASP A 57 -13.07 6.03 5.95
CA ASP A 57 -13.39 7.16 6.83
C ASP A 57 -12.21 8.11 6.93
N ASP A 58 -10.98 7.60 6.99
CA ASP A 58 -9.76 8.37 7.35
C ASP A 58 -9.24 9.14 6.12
N GLN A 59 -10.11 9.50 5.19
CA GLN A 59 -9.80 10.04 3.87
C GLN A 59 -8.78 11.16 3.96
N ASP A 60 -9.06 12.18 4.78
CA ASP A 60 -8.17 13.31 5.07
C ASP A 60 -7.28 13.07 6.31
N GLY A 61 -7.29 11.87 6.87
CA GLY A 61 -6.58 11.48 8.08
C GLY A 61 -5.22 10.85 7.75
N THR A 62 -5.20 9.65 7.17
CA THR A 62 -3.96 9.02 6.69
C THR A 62 -4.20 8.46 5.29
N ILE A 63 -3.18 8.55 4.43
CA ILE A 63 -3.20 7.90 3.15
C ILE A 63 -1.78 7.42 2.85
N ILE A 64 -1.62 6.43 1.97
CA ILE A 64 -0.30 5.92 1.57
C ILE A 64 -0.39 5.61 0.07
N PHE A 65 0.64 5.97 -0.71
CA PHE A 65 0.74 5.68 -2.15
C PHE A 65 1.96 4.78 -2.38
N PHE A 66 1.98 4.02 -3.48
CA PHE A 66 3.13 3.21 -3.88
C PHE A 66 3.03 2.84 -5.37
N LYS A 67 4.17 2.50 -5.99
CA LYS A 67 4.20 1.87 -7.31
C LYS A 67 5.40 0.95 -7.33
N ALA A 68 5.18 -0.36 -7.33
CA ALA A 68 6.24 -1.33 -7.48
C ALA A 68 6.50 -1.53 -8.97
N GLU A 69 7.75 -1.33 -9.38
CA GLU A 69 8.25 -1.41 -10.73
C GLU A 69 9.73 -1.81 -10.74
N GLY A 70 10.19 -2.48 -11.81
CA GLY A 70 11.60 -2.79 -12.05
C GLY A 70 12.34 -3.34 -10.82
N GLN A 71 11.81 -4.40 -10.20
CA GLN A 71 12.26 -4.99 -8.92
C GLN A 71 12.27 -4.03 -7.73
N THR A 72 11.67 -2.85 -7.81
CA THR A 72 11.76 -1.71 -6.89
C THR A 72 10.34 -1.26 -6.51
N VAL A 73 10.17 -0.36 -5.53
CA VAL A 73 8.88 0.22 -5.17
C VAL A 73 9.03 1.55 -4.48
N ILE A 74 8.65 2.62 -5.17
CA ILE A 74 8.58 3.96 -4.63
C ILE A 74 7.28 4.02 -3.81
N ILE A 75 7.36 3.79 -2.52
CA ILE A 75 6.32 4.11 -1.55
C ILE A 75 6.40 5.62 -1.34
N LYS A 76 5.28 6.33 -1.47
CA LYS A 76 5.13 7.77 -1.30
C LYS A 76 4.15 7.96 -0.14
N TYR A 77 4.60 8.45 1.02
CA TYR A 77 3.72 8.66 2.17
C TYR A 77 3.79 10.07 2.73
N THR A 78 2.81 10.45 3.58
CA THR A 78 2.68 11.76 4.20
C THR A 78 2.02 11.57 5.57
N SER A 79 1.97 12.66 6.34
CA SER A 79 1.20 12.79 7.58
C SER A 79 0.10 13.83 7.45
N GLN A 80 -0.02 14.50 6.29
CA GLN A 80 -1.25 15.19 5.92
C GLN A 80 -1.47 15.03 4.41
N ARG A 81 -2.71 14.89 4.00
CA ARG A 81 -3.10 14.82 2.58
C ARG A 81 -2.73 16.07 1.79
N ASN A 82 -2.33 17.17 2.44
CA ASN A 82 -1.90 18.40 1.76
C ASN A 82 -0.39 18.60 1.68
N THR A 83 0.41 17.68 2.19
CA THR A 83 1.86 17.85 2.27
C THR A 83 2.61 16.87 1.37
N LYS A 84 3.84 17.27 1.01
CA LYS A 84 4.67 16.66 -0.02
C LYS A 84 5.05 15.24 0.39
N LEU A 85 4.91 14.27 -0.50
CA LEU A 85 5.09 12.87 -0.19
C LEU A 85 6.58 12.54 -0.12
N LYS A 86 6.96 11.71 0.83
CA LYS A 86 8.34 11.25 1.03
C LYS A 86 8.79 10.36 -0.15
N ALA A 87 9.98 9.77 -0.05
CA ALA A 87 10.55 8.87 -1.04
C ALA A 87 11.20 7.69 -0.33
N LYS A 88 10.54 6.54 -0.30
CA LYS A 88 11.06 5.28 0.22
C LYS A 88 10.97 4.33 -0.95
N ALA A 89 12.08 3.86 -1.50
CA ALA A 89 12.14 3.17 -2.79
C ALA A 89 12.84 1.84 -2.59
N LEU A 90 12.16 0.68 -2.58
CA LEU A 90 12.73 -0.52 -1.95
C LEU A 90 12.68 -1.67 -2.93
N THR A 91 13.52 -2.70 -2.82
CA THR A 91 13.36 -3.81 -3.75
C THR A 91 12.15 -4.66 -3.38
N LEU A 92 11.45 -5.26 -4.37
CA LEU A 92 10.44 -6.30 -4.12
C LEU A 92 11.01 -7.34 -3.14
N SER A 93 12.22 -7.81 -3.44
CA SER A 93 12.87 -8.88 -2.70
C SER A 93 13.31 -8.44 -1.30
N GLN A 94 13.36 -7.14 -1.02
CA GLN A 94 13.58 -6.62 0.30
C GLN A 94 12.29 -6.77 1.10
N LEU A 95 11.15 -6.23 0.64
CA LEU A 95 9.87 -6.34 1.35
C LEU A 95 9.50 -7.79 1.66
N LYS A 96 9.79 -8.71 0.73
CA LYS A 96 9.61 -10.14 1.00
C LYS A 96 10.40 -10.56 2.25
N LYS A 97 11.67 -10.16 2.31
CA LYS A 97 12.58 -10.53 3.38
C LYS A 97 12.22 -9.86 4.72
N GLU A 98 11.46 -8.77 4.69
CA GLU A 98 10.97 -8.09 5.88
C GLU A 98 9.69 -8.77 6.40
N PHE A 99 8.65 -8.87 5.58
CA PHE A 99 7.30 -9.15 6.09
C PHE A 99 6.74 -10.48 5.57
N TYR A 100 7.51 -11.23 4.78
CA TYR A 100 7.05 -12.45 4.13
C TYR A 100 8.07 -13.59 4.16
N GLN A 101 8.96 -13.59 5.15
CA GLN A 101 9.91 -14.69 5.33
C GLN A 101 9.32 -15.93 6.02
N THR A 102 8.29 -15.79 6.85
CA THR A 102 7.83 -16.86 7.74
C THR A 102 6.95 -17.86 6.96
N ARG A 103 6.22 -18.73 7.69
CA ARG A 103 5.21 -19.65 7.13
C ARG A 103 3.80 -19.30 7.62
N SER A 104 3.68 -18.81 8.84
CA SER A 104 2.46 -18.33 9.45
C SER A 104 1.90 -17.13 8.69
N GLN A 105 2.73 -16.14 8.37
CA GLN A 105 2.28 -14.88 7.79
C GLN A 105 1.51 -15.05 6.47
N LYS A 106 1.76 -16.14 5.73
CA LYS A 106 1.06 -16.49 4.50
C LYS A 106 -0.42 -16.82 4.74
N ARG A 107 -0.87 -16.85 5.99
CA ARG A 107 -2.24 -16.59 6.34
C ARG A 107 -2.40 -15.09 6.31
N GLU A 108 -2.04 -14.40 7.40
CA GLU A 108 -2.49 -13.05 7.71
C GLU A 108 -2.20 -12.04 6.59
N VAL A 109 -0.94 -11.92 6.20
CA VAL A 109 -0.49 -10.95 5.22
C VAL A 109 -1.12 -11.19 3.83
N ASP A 110 -1.60 -12.41 3.56
CA ASP A 110 -2.29 -12.81 2.34
C ASP A 110 -3.80 -12.55 2.48
N ASP A 111 -4.36 -12.83 3.67
CA ASP A 111 -5.73 -12.56 4.08
C ASP A 111 -6.05 -11.08 3.99
N TYR A 112 -5.10 -10.21 4.37
CA TYR A 112 -5.22 -8.76 4.32
C TYR A 112 -5.44 -8.27 2.90
N VAL A 113 -4.87 -8.95 1.91
CA VAL A 113 -5.08 -8.64 0.50
C VAL A 113 -6.53 -8.96 0.07
N ALA A 114 -7.29 -9.71 0.89
CA ALA A 114 -8.71 -9.96 0.70
C ALA A 114 -9.54 -9.36 1.87
N GLY A 115 -8.96 -8.44 2.64
CA GLY A 115 -9.58 -7.73 3.76
C GLY A 115 -9.55 -6.21 3.57
N LEU A 116 -8.79 -5.74 2.57
CA LEU A 116 -8.98 -4.45 1.93
C LEU A 116 -10.23 -4.52 1.05
N ARG A 117 -10.71 -3.35 0.63
CA ARG A 117 -11.78 -3.13 -0.33
C ARG A 117 -11.14 -2.53 -1.57
N THR A 118 -11.84 -2.57 -2.71
CA THR A 118 -11.36 -1.97 -3.96
C THR A 118 -12.47 -1.12 -4.61
N GLU A 119 -13.49 -0.76 -3.82
CA GLU A 119 -14.74 -0.14 -4.20
C GLU A 119 -15.62 -1.19 -4.86
N GLY A 1 7.33 -22.62 -7.52
CA GLY A 1 8.71 -22.17 -7.43
C GLY A 1 8.74 -20.66 -7.38
N HIS A 2 9.46 -20.00 -8.29
CA HIS A 2 9.69 -18.57 -8.23
C HIS A 2 8.44 -17.70 -8.21
N MET A 3 7.36 -18.14 -8.90
CA MET A 3 6.07 -17.45 -8.89
C MET A 3 6.21 -16.02 -9.45
N LYS A 4 5.19 -15.19 -9.27
CA LYS A 4 5.24 -13.74 -9.42
C LYS A 4 4.54 -13.10 -8.23
N PHE A 5 4.66 -11.79 -8.11
CA PHE A 5 3.95 -10.96 -7.14
C PHE A 5 2.78 -10.26 -7.86
N THR A 6 1.94 -9.59 -7.09
CA THR A 6 0.80 -8.81 -7.59
C THR A 6 0.78 -7.47 -6.85
N ASP A 7 0.25 -6.43 -7.51
CA ASP A 7 0.27 -5.05 -6.99
C ASP A 7 -0.41 -4.97 -5.62
N GLN A 8 -1.49 -5.73 -5.48
CA GLN A 8 -2.26 -5.98 -4.26
C GLN A 8 -1.34 -6.36 -3.08
N GLN A 9 -0.63 -7.49 -3.25
CA GLN A 9 0.17 -8.14 -2.24
C GLN A 9 1.38 -7.25 -1.90
N ILE A 10 1.98 -6.60 -2.90
CA ILE A 10 3.03 -5.62 -2.71
C ILE A 10 2.48 -4.45 -1.89
N GLY A 11 1.22 -4.07 -2.10
CA GLY A 11 0.56 -3.00 -1.37
C GLY A 11 0.59 -3.26 0.12
N VAL A 12 0.19 -4.44 0.57
CA VAL A 12 0.22 -4.82 1.99
C VAL A 12 1.66 -4.73 2.50
N LEU A 13 2.61 -5.34 1.78
CA LEU A 13 4.02 -5.34 2.14
C LEU A 13 4.58 -3.94 2.33
N ALA A 14 4.35 -3.04 1.38
CA ALA A 14 4.88 -1.68 1.42
C ALA A 14 4.27 -0.89 2.59
N GLY A 15 2.97 -1.00 2.84
CA GLY A 15 2.36 -0.32 3.98
C GLY A 15 2.83 -0.91 5.30
N LEU A 16 3.23 -2.18 5.34
CA LEU A 16 3.75 -2.76 6.56
C LEU A 16 5.07 -2.12 6.98
N ALA A 17 5.82 -1.53 6.05
CA ALA A 17 6.99 -0.71 6.36
C ALA A 17 6.60 0.70 6.84
N ILE A 18 5.41 1.22 6.52
CA ILE A 18 5.02 2.61 6.73
C ILE A 18 3.58 2.58 7.28
N SER A 19 3.42 2.75 8.58
CA SER A 19 2.14 2.74 9.28
C SER A 19 1.42 1.37 9.21
N PRO A 20 2.05 0.29 9.72
CA PRO A 20 1.45 -1.04 9.77
C PRO A 20 0.23 -1.08 10.71
N GLU A 21 0.28 -0.46 11.90
CA GLU A 21 -0.81 -0.48 12.88
C GLU A 21 -2.12 -0.02 12.23
N TRP A 22 -2.09 1.18 11.64
CA TRP A 22 -3.21 1.76 10.92
C TRP A 22 -3.73 0.80 9.85
N LEU A 23 -2.82 0.13 9.12
CA LEU A 23 -3.20 -0.72 7.99
C LEU A 23 -3.99 -1.89 8.57
N LYS A 24 -3.40 -2.60 9.54
CA LYS A 24 -4.01 -3.76 10.19
C LYS A 24 -5.35 -3.39 10.81
N GLN A 25 -5.42 -2.26 11.51
CA GLN A 25 -6.63 -1.77 12.14
C GLN A 25 -7.76 -1.65 11.10
N ASN A 26 -7.49 -0.96 9.99
CA ASN A 26 -8.54 -0.72 9.01
C ASN A 26 -8.91 -2.00 8.26
N ILE A 27 -8.03 -2.99 8.16
CA ILE A 27 -8.42 -4.32 7.69
C ILE A 27 -9.26 -5.04 8.76
N ALA A 28 -8.93 -4.91 10.04
CA ALA A 28 -9.62 -5.56 11.14
C ALA A 28 -11.07 -5.08 11.30
N ALA A 29 -11.48 -4.05 10.55
CA ALA A 29 -12.86 -3.62 10.38
C ALA A 29 -13.28 -3.56 8.91
N ASN A 30 -12.45 -4.10 7.99
CA ASN A 30 -12.59 -4.15 6.53
C ASN A 30 -12.91 -2.76 5.92
N GLN A 31 -12.47 -1.70 6.60
CA GLN A 31 -12.67 -0.29 6.23
C GLN A 31 -11.63 0.20 5.22
N LEU A 32 -10.61 -0.58 4.89
CA LEU A 32 -9.55 -0.13 4.01
C LEU A 32 -10.04 -0.16 2.54
N VAL A 33 -9.57 0.76 1.69
CA VAL A 33 -9.78 0.74 0.23
C VAL A 33 -8.39 0.78 -0.44
N TYR A 34 -8.33 0.36 -1.70
CA TYR A 34 -7.21 0.40 -2.63
C TYR A 34 -7.71 1.03 -3.93
N GLY A 35 -6.87 1.81 -4.62
CA GLY A 35 -7.21 2.37 -5.93
C GLY A 35 -5.96 2.82 -6.67
N ILE A 36 -6.10 3.23 -7.92
CA ILE A 36 -5.08 3.91 -8.71
C ILE A 36 -5.52 5.37 -8.79
N VAL A 37 -4.54 6.27 -8.83
CA VAL A 37 -4.70 7.70 -9.04
C VAL A 37 -5.57 8.02 -10.25
N LYS A 38 -4.99 7.91 -11.46
CA LYS A 38 -5.56 8.33 -12.74
C LYS A 38 -5.92 9.83 -12.80
N PRO A 39 -6.16 10.39 -13.99
CA PRO A 39 -6.65 11.76 -14.15
C PRO A 39 -8.16 11.81 -13.87
N SER A 40 -8.50 11.51 -12.63
CA SER A 40 -9.85 11.24 -12.15
C SER A 40 -10.12 11.84 -10.78
N ASP A 41 -9.10 12.24 -10.01
CA ASP A 41 -9.24 12.60 -8.60
C ASP A 41 -8.23 13.71 -8.27
N THR A 42 -8.41 14.46 -7.18
CA THR A 42 -7.42 15.44 -6.74
C THR A 42 -6.22 14.67 -6.21
N VAL A 43 -5.07 14.85 -6.85
CA VAL A 43 -3.81 14.22 -6.50
C VAL A 43 -2.67 15.23 -6.66
N PRO A 44 -1.52 15.00 -6.00
CA PRO A 44 -0.33 15.79 -6.28
C PRO A 44 0.25 15.41 -7.65
N ALA A 45 1.37 16.04 -8.01
CA ALA A 45 2.14 15.61 -9.16
C ALA A 45 2.88 14.31 -8.88
N GLY A 46 3.35 13.65 -9.94
CA GLY A 46 4.31 12.56 -9.83
C GLY A 46 3.70 11.21 -9.49
N VAL A 47 2.38 11.04 -9.67
CA VAL A 47 1.65 9.85 -9.21
C VAL A 47 0.57 9.39 -10.18
N ASP A 48 0.61 9.78 -11.45
CA ASP A 48 -0.46 9.65 -12.47
C ASP A 48 -0.98 8.22 -12.73
N ASP A 49 -0.26 7.22 -12.23
CA ASP A 49 -0.61 5.80 -12.29
C ASP A 49 -0.19 5.06 -11.01
N TYR A 50 0.12 5.81 -9.95
CA TYR A 50 0.46 5.22 -8.66
C TYR A 50 -0.80 4.62 -8.04
N SER A 51 -0.62 3.53 -7.29
CA SER A 51 -1.59 3.03 -6.35
C SER A 51 -1.67 3.95 -5.14
N TYR A 52 -2.79 3.90 -4.42
CA TYR A 52 -2.94 4.43 -3.07
C TYR A 52 -3.70 3.43 -2.20
N LEU A 53 -3.58 3.62 -0.88
CA LEU A 53 -4.33 2.94 0.16
C LEU A 53 -4.77 4.03 1.12
N VAL A 54 -6.02 3.96 1.54
CA VAL A 54 -6.69 4.88 2.44
C VAL A 54 -7.81 4.04 3.10
N ALA A 55 -8.64 4.62 3.97
CA ALA A 55 -9.77 3.90 4.54
C ALA A 55 -11.03 4.75 4.45
N ALA A 56 -12.17 4.07 4.51
CA ALA A 56 -13.47 4.56 4.09
C ALA A 56 -14.07 5.64 4.97
N ASP A 57 -13.55 5.78 6.18
CA ASP A 57 -13.95 6.83 7.11
C ASP A 57 -12.79 7.76 7.44
N ASP A 58 -11.54 7.32 7.21
CA ASP A 58 -10.37 8.12 7.53
C ASP A 58 -10.00 9.01 6.34
N GLN A 59 -10.98 9.57 5.62
CA GLN A 59 -10.76 10.22 4.32
C GLN A 59 -9.62 11.26 4.35
N ASP A 60 -9.67 12.20 5.29
CA ASP A 60 -8.63 13.22 5.45
C ASP A 60 -7.60 12.81 6.52
N GLY A 61 -7.73 11.62 7.11
CA GLY A 61 -6.98 11.18 8.28
C GLY A 61 -5.53 10.85 7.96
N THR A 62 -5.29 9.80 7.16
CA THR A 62 -3.95 9.37 6.74
C THR A 62 -4.07 8.84 5.30
N ILE A 63 -3.01 8.87 4.49
CA ILE A 63 -3.04 8.27 3.15
C ILE A 63 -1.60 7.86 2.77
N ILE A 64 -1.41 6.80 1.98
CA ILE A 64 -0.11 6.40 1.44
C ILE A 64 -0.30 6.01 -0.04
N PHE A 65 0.74 6.23 -0.85
CA PHE A 65 0.80 5.93 -2.28
C PHE A 65 2.00 5.02 -2.57
N PHE A 66 2.04 4.36 -3.72
CA PHE A 66 3.17 3.54 -4.16
C PHE A 66 3.13 3.26 -5.66
N LYS A 67 4.28 2.88 -6.24
CA LYS A 67 4.36 2.23 -7.54
C LYS A 67 5.47 1.19 -7.50
N ALA A 68 5.12 -0.10 -7.55
CA ALA A 68 6.12 -1.15 -7.66
C ALA A 68 6.51 -1.25 -9.13
N GLU A 69 7.67 -0.69 -9.44
CA GLU A 69 8.28 -0.65 -10.75
C GLU A 69 9.28 -1.81 -10.79
N GLY A 70 8.84 -2.99 -11.22
CA GLY A 70 9.70 -4.15 -11.31
C GLY A 70 10.20 -4.55 -9.93
N GLN A 71 11.49 -4.88 -9.86
CA GLN A 71 12.18 -5.31 -8.64
C GLN A 71 12.23 -4.26 -7.51
N THR A 72 11.60 -3.09 -7.62
CA THR A 72 11.66 -2.01 -6.64
C THR A 72 10.31 -1.28 -6.55
N VAL A 73 10.03 -0.60 -5.43
CA VAL A 73 8.80 0.17 -5.23
C VAL A 73 9.03 1.51 -4.58
N ILE A 74 8.69 2.58 -5.29
CA ILE A 74 8.69 3.93 -4.75
C ILE A 74 7.42 4.06 -3.90
N ILE A 75 7.55 3.80 -2.60
CA ILE A 75 6.58 4.14 -1.57
C ILE A 75 6.60 5.67 -1.48
N LYS A 76 5.42 6.28 -1.63
CA LYS A 76 5.24 7.72 -1.51
C LYS A 76 4.22 7.96 -0.39
N TYR A 77 4.66 8.21 0.84
CA TYR A 77 3.77 8.40 1.99
C TYR A 77 3.76 9.84 2.47
N THR A 78 2.75 10.17 3.26
CA THR A 78 2.65 11.42 3.98
C THR A 78 1.93 11.13 5.30
N SER A 79 1.98 12.08 6.23
CA SER A 79 1.21 12.09 7.47
C SER A 79 -0.03 12.96 7.33
N GLN A 80 -0.11 13.75 6.27
CA GLN A 80 -1.21 14.64 6.00
C GLN A 80 -1.53 14.60 4.51
N ARG A 81 -2.81 14.47 4.20
CA ARG A 81 -3.34 14.45 2.83
C ARG A 81 -2.93 15.70 2.04
N ASN A 82 -2.66 16.81 2.73
CA ASN A 82 -2.29 18.08 2.10
C ASN A 82 -0.83 18.29 1.69
N THR A 83 0.07 17.38 2.00
CA THR A 83 1.53 17.61 1.84
C THR A 83 2.19 16.67 0.84
N LYS A 84 3.39 17.05 0.37
CA LYS A 84 4.17 16.27 -0.59
C LYS A 84 4.59 14.95 0.04
N LEU A 85 4.79 13.94 -0.78
CA LEU A 85 5.07 12.60 -0.32
C LEU A 85 6.58 12.42 -0.13
N LYS A 86 6.96 11.75 0.95
CA LYS A 86 8.30 11.20 1.14
C LYS A 86 8.60 10.17 0.04
N ALA A 87 9.82 9.67 0.00
CA ALA A 87 10.23 8.61 -0.91
C ALA A 87 10.98 7.54 -0.14
N LYS A 88 10.53 6.29 -0.21
CA LYS A 88 11.30 5.10 0.15
C LYS A 88 11.18 4.20 -1.07
N ALA A 89 12.30 3.79 -1.67
CA ALA A 89 12.26 2.80 -2.75
C ALA A 89 12.57 1.44 -2.09
N LEU A 90 11.78 0.35 -2.26
CA LEU A 90 12.17 -0.91 -1.60
C LEU A 90 12.27 -1.99 -2.65
N THR A 91 13.30 -2.83 -2.60
CA THR A 91 13.33 -3.96 -3.50
C THR A 91 12.17 -4.91 -3.19
N LEU A 92 11.64 -5.61 -4.21
CA LEU A 92 10.76 -6.77 -4.00
C LEU A 92 11.40 -7.74 -3.01
N SER A 93 12.71 -7.96 -3.15
CA SER A 93 13.44 -8.89 -2.34
C SER A 93 13.42 -8.45 -0.87
N GLN A 94 13.66 -7.16 -0.58
CA GLN A 94 13.56 -6.62 0.77
C GLN A 94 12.22 -6.98 1.38
N LEU A 95 11.12 -6.52 0.77
CA LEU A 95 9.81 -6.66 1.38
C LEU A 95 9.43 -8.12 1.57
N LYS A 96 9.87 -9.02 0.69
CA LYS A 96 9.68 -10.46 0.86
C LYS A 96 10.46 -10.95 2.07
N LYS A 97 11.69 -10.48 2.28
CA LYS A 97 12.51 -10.93 3.38
C LYS A 97 11.98 -10.41 4.71
N GLU A 98 11.72 -9.12 4.78
CA GLU A 98 11.16 -8.43 5.94
C GLU A 98 9.86 -9.11 6.33
N PHE A 99 8.91 -9.20 5.39
CA PHE A 99 7.50 -9.41 5.71
C PHE A 99 6.95 -10.72 5.11
N TYR A 100 7.80 -11.66 4.68
CA TYR A 100 7.29 -12.90 4.08
C TYR A 100 8.12 -14.17 4.32
N GLN A 101 8.90 -14.24 5.41
CA GLN A 101 9.75 -15.39 5.70
C GLN A 101 9.00 -16.60 6.29
N THR A 102 8.22 -16.45 7.38
CA THR A 102 7.62 -17.61 8.06
C THR A 102 6.29 -18.03 7.41
N ARG A 103 5.82 -19.27 7.63
CA ARG A 103 4.53 -19.73 7.11
C ARG A 103 3.33 -18.98 7.67
N SER A 104 3.25 -18.72 8.98
CA SER A 104 2.08 -18.03 9.51
C SER A 104 1.99 -16.64 8.87
N GLN A 105 3.14 -15.98 8.70
CA GLN A 105 3.17 -14.65 8.13
C GLN A 105 2.49 -14.65 6.76
N LYS A 106 2.70 -15.70 5.97
CA LYS A 106 2.07 -15.79 4.67
C LYS A 106 0.56 -15.74 4.74
N ARG A 107 -0.02 -16.36 5.76
CA ARG A 107 -1.46 -16.42 5.94
C ARG A 107 -1.92 -15.01 6.23
N GLU A 108 -1.45 -14.42 7.32
CA GLU A 108 -1.83 -13.10 7.79
C GLU A 108 -1.72 -12.05 6.67
N VAL A 109 -0.57 -11.99 6.02
CA VAL A 109 -0.30 -11.07 4.91
C VAL A 109 -1.33 -11.23 3.79
N ASP A 110 -1.60 -12.45 3.36
CA ASP A 110 -2.56 -12.75 2.29
C ASP A 110 -4.00 -12.45 2.74
N ASP A 111 -4.27 -12.61 4.04
CA ASP A 111 -5.52 -12.30 4.69
C ASP A 111 -5.82 -10.80 4.56
N TYR A 112 -4.80 -9.95 4.73
CA TYR A 112 -4.95 -8.50 4.57
C TYR A 112 -5.38 -8.13 3.16
N VAL A 113 -4.87 -8.80 2.13
CA VAL A 113 -5.28 -8.51 0.76
C VAL A 113 -6.77 -8.82 0.59
N ALA A 114 -7.25 -9.94 1.16
CA ALA A 114 -8.67 -10.27 1.07
C ALA A 114 -9.55 -9.36 1.95
N GLY A 115 -8.95 -8.58 2.86
CA GLY A 115 -9.65 -7.79 3.86
C GLY A 115 -9.74 -6.30 3.52
N LEU A 116 -9.42 -5.92 2.28
CA LEU A 116 -9.57 -4.56 1.78
C LEU A 116 -10.56 -4.54 0.63
N ARG A 117 -10.89 -3.34 0.17
CA ARG A 117 -11.93 -3.07 -0.80
C ARG A 117 -11.33 -2.26 -1.94
N THR A 118 -12.03 -2.11 -3.05
CA THR A 118 -11.45 -1.42 -4.22
C THR A 118 -12.34 -0.28 -4.74
N GLU A 119 -13.51 -0.18 -4.14
CA GLU A 119 -14.65 0.69 -4.40
C GLU A 119 -15.70 0.28 -3.35
N GLY A 1 2.56 -2.73 -10.78
CA GLY A 1 2.90 -4.16 -10.81
C GLY A 1 3.57 -4.54 -12.12
N HIS A 2 4.92 -4.67 -12.14
CA HIS A 2 5.73 -4.83 -13.34
C HIS A 2 6.70 -6.02 -13.31
N MET A 3 6.99 -6.64 -12.15
CA MET A 3 7.90 -7.78 -12.03
C MET A 3 7.42 -8.73 -10.92
N LYS A 4 6.60 -9.71 -11.30
CA LYS A 4 6.04 -10.76 -10.43
C LYS A 4 5.21 -10.16 -9.30
N PHE A 5 4.68 -11.03 -8.44
CA PHE A 5 3.63 -10.75 -7.48
C PHE A 5 2.37 -10.25 -8.19
N THR A 6 1.38 -9.85 -7.41
CA THR A 6 0.24 -9.08 -7.82
C THR A 6 0.27 -7.81 -7.00
N ASP A 7 -0.23 -6.72 -7.56
CA ASP A 7 0.05 -5.38 -7.06
C ASP A 7 -0.49 -5.22 -5.64
N GLN A 8 -1.63 -5.84 -5.34
CA GLN A 8 -2.27 -5.76 -4.03
C GLN A 8 -1.38 -6.42 -2.97
N GLN A 9 -0.80 -7.59 -3.28
CA GLN A 9 0.07 -8.31 -2.36
C GLN A 9 1.29 -7.45 -2.01
N ILE A 10 1.79 -6.68 -2.98
CA ILE A 10 2.92 -5.80 -2.78
C ILE A 10 2.50 -4.64 -1.87
N GLY A 11 1.33 -4.03 -2.11
CA GLY A 11 0.86 -2.87 -1.37
C GLY A 11 0.72 -3.13 0.13
N VAL A 12 0.28 -4.33 0.52
CA VAL A 12 0.20 -4.73 1.92
C VAL A 12 1.62 -4.75 2.52
N LEU A 13 2.59 -5.39 1.86
CA LEU A 13 3.94 -5.47 2.39
C LEU A 13 4.56 -4.08 2.51
N ALA A 14 4.37 -3.26 1.48
CA ALA A 14 4.79 -1.87 1.46
C ALA A 14 4.21 -1.15 2.66
N GLY A 15 2.93 -1.37 2.98
CA GLY A 15 2.30 -0.71 4.11
C GLY A 15 2.88 -1.25 5.40
N LEU A 16 3.23 -2.53 5.50
CA LEU A 16 3.81 -3.07 6.74
C LEU A 16 5.15 -2.41 7.10
N ALA A 17 5.79 -1.75 6.12
CA ALA A 17 6.97 -0.91 6.29
C ALA A 17 6.65 0.55 6.67
N ILE A 18 5.42 1.05 6.47
CA ILE A 18 4.97 2.41 6.72
C ILE A 18 3.61 2.31 7.43
N SER A 19 3.61 2.39 8.75
CA SER A 19 2.45 2.28 9.65
C SER A 19 1.71 0.93 9.50
N PRO A 20 2.29 -0.18 10.00
CA PRO A 20 1.63 -1.48 10.09
C PRO A 20 0.36 -1.42 10.94
N GLU A 21 0.42 -0.80 12.13
CA GLU A 21 -0.68 -0.79 13.09
C GLU A 21 -1.92 -0.09 12.52
N TRP A 22 -1.76 0.85 11.59
CA TRP A 22 -2.88 1.46 10.88
C TRP A 22 -3.57 0.38 10.03
N LEU A 23 -2.88 -0.15 9.02
CA LEU A 23 -3.43 -1.09 8.05
C LEU A 23 -4.13 -2.25 8.75
N LYS A 24 -3.45 -2.85 9.75
CA LYS A 24 -3.94 -4.00 10.49
C LYS A 24 -5.26 -3.65 11.19
N GLN A 25 -5.35 -2.50 11.88
CA GLN A 25 -6.62 -2.05 12.45
C GLN A 25 -7.67 -1.82 11.36
N ASN A 26 -7.30 -1.22 10.23
CA ASN A 26 -8.27 -0.89 9.19
C ASN A 26 -8.92 -2.18 8.68
N ILE A 27 -8.10 -3.20 8.36
CA ILE A 27 -8.56 -4.50 7.92
C ILE A 27 -9.41 -5.17 9.01
N ALA A 28 -9.10 -4.97 10.29
CA ALA A 28 -9.86 -5.59 11.37
C ALA A 28 -11.32 -5.07 11.44
N ALA A 29 -11.68 -4.04 10.68
CA ALA A 29 -13.06 -3.63 10.46
C ALA A 29 -13.44 -3.58 8.97
N ASN A 30 -12.58 -4.13 8.10
CA ASN A 30 -12.69 -4.11 6.64
C ASN A 30 -12.93 -2.67 6.10
N GLN A 31 -12.31 -1.69 6.77
CA GLN A 31 -12.41 -0.25 6.50
C GLN A 31 -11.42 0.29 5.46
N LEU A 32 -10.56 -0.57 4.91
CA LEU A 32 -9.45 -0.16 4.04
C LEU A 32 -9.92 -0.15 2.58
N VAL A 33 -9.59 0.90 1.84
CA VAL A 33 -9.84 1.05 0.42
C VAL A 33 -8.48 1.18 -0.29
N TYR A 34 -8.47 0.79 -1.55
CA TYR A 34 -7.34 0.71 -2.45
C TYR A 34 -7.78 1.30 -3.79
N GLY A 35 -6.85 1.93 -4.53
CA GLY A 35 -7.09 2.35 -5.89
C GLY A 35 -5.80 2.66 -6.62
N ILE A 36 -5.88 2.94 -7.92
CA ILE A 36 -4.84 3.61 -8.69
C ILE A 36 -5.23 5.08 -8.73
N VAL A 37 -4.22 5.95 -8.75
CA VAL A 37 -4.33 7.40 -8.83
C VAL A 37 -5.35 7.88 -9.86
N LYS A 38 -5.17 7.53 -11.13
CA LYS A 38 -5.98 7.94 -12.28
C LYS A 38 -6.02 9.46 -12.48
N PRO A 39 -6.48 9.94 -13.65
CA PRO A 39 -6.67 11.37 -13.88
C PRO A 39 -7.91 11.91 -13.13
N SER A 40 -8.88 11.04 -12.85
CA SER A 40 -10.20 11.38 -12.32
C SER A 40 -10.26 11.11 -10.81
N ASP A 41 -9.45 11.84 -10.06
CA ASP A 41 -9.44 11.95 -8.59
C ASP A 41 -8.73 13.28 -8.25
N THR A 42 -8.39 13.55 -6.99
CA THR A 42 -7.57 14.70 -6.57
C THR A 42 -6.30 14.18 -5.90
N VAL A 43 -5.16 14.36 -6.57
CA VAL A 43 -3.85 13.87 -6.15
C VAL A 43 -2.75 14.93 -6.30
N PRO A 44 -1.59 14.74 -5.63
CA PRO A 44 -0.41 15.58 -5.80
C PRO A 44 0.33 15.29 -7.10
N ALA A 45 1.34 16.10 -7.41
CA ALA A 45 2.14 15.99 -8.62
C ALA A 45 3.14 14.83 -8.50
N GLY A 46 3.23 14.04 -9.56
CA GLY A 46 4.26 13.03 -9.77
C GLY A 46 3.94 11.70 -9.11
N VAL A 47 2.71 11.22 -9.26
CA VAL A 47 2.23 9.90 -8.82
C VAL A 47 1.31 9.29 -9.91
N ASP A 48 1.64 9.49 -11.20
CA ASP A 48 0.66 9.60 -12.30
C ASP A 48 -0.16 8.34 -12.61
N ASP A 49 0.29 7.20 -12.10
CA ASP A 49 -0.34 5.87 -12.17
C ASP A 49 -0.03 5.04 -10.92
N TYR A 50 0.44 5.70 -9.86
CA TYR A 50 0.73 5.05 -8.58
C TYR A 50 -0.55 4.44 -8.03
N SER A 51 -0.38 3.40 -7.24
CA SER A 51 -1.36 2.81 -6.36
C SER A 51 -1.51 3.73 -5.13
N TYR A 52 -2.66 3.73 -4.45
CA TYR A 52 -2.85 4.34 -3.13
C TYR A 52 -3.68 3.43 -2.23
N LEU A 53 -3.64 3.71 -0.93
CA LEU A 53 -4.32 3.01 0.16
C LEU A 53 -4.77 4.06 1.15
N VAL A 54 -6.02 4.00 1.59
CA VAL A 54 -6.64 5.00 2.47
C VAL A 54 -7.84 4.34 3.17
N ALA A 55 -8.32 4.90 4.29
CA ALA A 55 -9.48 4.34 4.97
C ALA A 55 -10.75 4.94 4.39
N ALA A 56 -11.80 4.13 4.36
CA ALA A 56 -13.14 4.47 3.93
C ALA A 56 -13.82 5.55 4.77
N ASP A 57 -13.22 5.92 5.91
CA ASP A 57 -13.81 6.76 6.95
C ASP A 57 -12.85 7.82 7.49
N ASP A 58 -11.59 7.76 7.08
CA ASP A 58 -10.52 8.68 7.45
C ASP A 58 -9.84 9.13 6.17
N GLN A 59 -10.64 9.33 5.11
CA GLN A 59 -10.14 9.65 3.77
C GLN A 59 -9.11 10.79 3.80
N ASP A 60 -9.36 11.80 4.64
CA ASP A 60 -8.57 13.02 4.74
C ASP A 60 -7.42 12.91 5.73
N GLY A 61 -7.36 11.81 6.50
CA GLY A 61 -6.49 11.68 7.65
C GLY A 61 -5.11 11.18 7.26
N THR A 62 -5.05 9.95 6.77
CA THR A 62 -3.79 9.26 6.52
C THR A 62 -3.88 8.62 5.14
N ILE A 63 -2.90 8.87 4.26
CA ILE A 63 -2.87 8.23 2.95
C ILE A 63 -1.46 7.79 2.65
N ILE A 64 -1.32 6.71 1.87
CA ILE A 64 -0.04 6.24 1.37
C ILE A 64 -0.25 5.93 -0.11
N PHE A 65 0.72 6.32 -0.93
CA PHE A 65 0.84 6.01 -2.34
C PHE A 65 2.02 5.05 -2.49
N PHE A 66 2.03 4.20 -3.51
CA PHE A 66 3.17 3.36 -3.84
C PHE A 66 3.12 3.02 -5.33
N LYS A 67 4.21 2.56 -5.93
CA LYS A 67 4.19 2.08 -7.31
C LYS A 67 5.18 0.96 -7.45
N ALA A 68 4.67 -0.26 -7.62
CA ALA A 68 5.46 -1.46 -7.79
C ALA A 68 6.01 -1.50 -9.22
N GLU A 69 7.10 -0.77 -9.41
CA GLU A 69 7.93 -0.72 -10.60
C GLU A 69 8.75 -2.02 -10.71
N GLY A 70 9.57 -2.15 -11.75
CA GLY A 70 10.46 -3.28 -11.95
C GLY A 70 11.35 -3.52 -10.72
N GLN A 71 11.22 -4.70 -10.09
CA GLN A 71 11.95 -5.17 -8.90
C GLN A 71 11.91 -4.20 -7.71
N THR A 72 11.06 -3.17 -7.71
CA THR A 72 11.14 -2.04 -6.78
C THR A 72 9.71 -1.59 -6.42
N VAL A 73 9.56 -0.90 -5.30
CA VAL A 73 8.36 -0.17 -4.93
C VAL A 73 8.85 1.19 -4.45
N ILE A 74 8.47 2.25 -5.15
CA ILE A 74 8.67 3.60 -4.66
C ILE A 74 7.46 3.86 -3.77
N ILE A 75 7.65 3.80 -2.46
CA ILE A 75 6.62 4.13 -1.49
C ILE A 75 6.66 5.64 -1.30
N LYS A 76 5.49 6.28 -1.31
CA LYS A 76 5.30 7.72 -1.24
C LYS A 76 4.19 8.02 -0.23
N TYR A 77 4.56 8.37 1.02
CA TYR A 77 3.62 8.54 2.13
C TYR A 77 3.72 9.95 2.72
N THR A 78 2.77 10.32 3.57
CA THR A 78 2.64 11.67 4.11
C THR A 78 1.95 11.59 5.48
N SER A 79 1.99 12.69 6.24
CA SER A 79 1.16 12.88 7.42
C SER A 79 -0.20 13.50 7.09
N GLN A 80 -0.37 14.08 5.90
CA GLN A 80 -1.54 14.88 5.55
C GLN A 80 -1.82 14.79 4.03
N ARG A 81 -3.09 14.84 3.63
CA ARG A 81 -3.57 14.84 2.22
C ARG A 81 -3.16 16.10 1.43
N ASN A 82 -2.27 16.95 1.96
CA ASN A 82 -1.86 18.19 1.32
C ASN A 82 -0.37 18.52 1.34
N THR A 83 0.46 17.57 1.73
CA THR A 83 1.91 17.77 1.77
C THR A 83 2.61 16.82 0.79
N LYS A 84 3.84 17.16 0.38
CA LYS A 84 4.59 16.41 -0.62
C LYS A 84 5.03 15.08 0.00
N LEU A 85 4.79 13.99 -0.71
CA LEU A 85 5.09 12.64 -0.22
C LEU A 85 6.60 12.49 -0.03
N LYS A 86 6.98 11.71 0.99
CA LYS A 86 8.30 11.15 1.12
C LYS A 86 8.64 10.26 -0.08
N ALA A 87 9.88 9.80 -0.18
CA ALA A 87 10.29 8.76 -1.11
C ALA A 87 11.08 7.72 -0.34
N LYS A 88 10.47 6.54 -0.16
CA LYS A 88 11.08 5.35 0.41
C LYS A 88 11.03 4.34 -0.72
N ALA A 89 12.01 4.37 -1.61
CA ALA A 89 12.16 3.33 -2.61
C ALA A 89 12.81 2.14 -1.94
N LEU A 90 12.31 0.94 -2.24
CA LEU A 90 12.77 -0.32 -1.68
C LEU A 90 12.70 -1.35 -2.79
N THR A 91 13.59 -2.33 -2.79
CA THR A 91 13.47 -3.47 -3.70
C THR A 91 12.37 -4.42 -3.24
N LEU A 92 11.71 -5.11 -4.18
CA LEU A 92 10.72 -6.13 -3.87
C LEU A 92 11.31 -7.22 -2.98
N SER A 93 12.58 -7.57 -3.23
CA SER A 93 13.26 -8.54 -2.40
C SER A 93 13.22 -8.12 -0.92
N GLN A 94 13.44 -6.84 -0.61
CA GLN A 94 13.42 -6.33 0.75
C GLN A 94 12.08 -6.63 1.40
N LEU A 95 10.96 -6.18 0.80
CA LEU A 95 9.63 -6.40 1.34
C LEU A 95 9.36 -7.89 1.59
N LYS A 96 9.81 -8.75 0.69
CA LYS A 96 9.60 -10.18 0.79
C LYS A 96 10.42 -10.77 1.93
N LYS A 97 11.65 -10.28 2.12
CA LYS A 97 12.53 -10.69 3.20
C LYS A 97 12.05 -10.16 4.55
N GLU A 98 11.35 -9.02 4.58
CA GLU A 98 11.03 -8.31 5.81
C GLU A 98 9.72 -8.79 6.43
N PHE A 99 8.68 -8.99 5.62
CA PHE A 99 7.35 -9.37 6.11
C PHE A 99 6.75 -10.54 5.32
N TYR A 100 7.53 -11.27 4.51
CA TYR A 100 7.04 -12.43 3.76
C TYR A 100 8.00 -13.63 3.83
N GLN A 101 8.78 -13.71 4.90
CA GLN A 101 9.83 -14.68 5.14
C GLN A 101 9.36 -15.92 5.91
N THR A 102 8.26 -15.82 6.65
CA THR A 102 7.76 -16.91 7.50
C THR A 102 6.85 -17.86 6.69
N ARG A 103 6.12 -18.75 7.37
CA ARG A 103 4.94 -19.42 6.82
C ARG A 103 3.65 -18.80 7.40
N SER A 104 3.60 -18.52 8.71
CA SER A 104 2.39 -18.02 9.36
C SER A 104 1.96 -16.64 8.85
N GLN A 105 2.83 -15.83 8.27
CA GLN A 105 2.41 -14.56 7.68
C GLN A 105 1.49 -14.80 6.49
N LYS A 106 1.58 -15.96 5.84
CA LYS A 106 0.67 -16.34 4.74
C LYS A 106 -0.77 -16.53 5.23
N ARG A 107 -1.02 -16.49 6.54
CA ARG A 107 -2.34 -16.18 7.05
C ARG A 107 -2.50 -14.68 6.99
N GLU A 108 -1.90 -13.94 7.91
CA GLU A 108 -2.19 -12.54 8.13
C GLU A 108 -2.08 -11.68 6.87
N VAL A 109 -0.92 -11.70 6.22
CA VAL A 109 -0.64 -10.90 5.02
C VAL A 109 -1.64 -11.27 3.91
N ASP A 110 -1.77 -12.55 3.58
CA ASP A 110 -2.74 -13.00 2.56
C ASP A 110 -4.19 -12.68 2.96
N ASP A 111 -4.48 -12.57 4.26
CA ASP A 111 -5.78 -12.20 4.80
C ASP A 111 -6.02 -10.71 4.61
N TYR A 112 -5.02 -9.87 4.85
CA TYR A 112 -5.08 -8.45 4.56
C TYR A 112 -5.39 -8.22 3.08
N VAL A 113 -4.78 -8.99 2.16
CA VAL A 113 -5.07 -8.86 0.74
C VAL A 113 -6.48 -9.39 0.40
N ALA A 114 -6.98 -10.38 1.14
CA ALA A 114 -8.33 -10.90 0.98
C ALA A 114 -9.40 -9.98 1.60
N GLY A 115 -9.01 -9.04 2.46
CA GLY A 115 -9.89 -8.18 3.25
C GLY A 115 -9.94 -6.75 2.72
N LEU A 116 -9.33 -6.47 1.56
CA LEU A 116 -9.18 -5.11 1.04
C LEU A 116 -10.20 -4.88 -0.08
N ARG A 117 -10.68 -3.63 -0.19
CA ARG A 117 -11.75 -3.18 -1.08
C ARG A 117 -11.16 -2.26 -2.14
N THR A 118 -11.81 -2.14 -3.29
CA THR A 118 -11.32 -1.35 -4.42
C THR A 118 -12.43 -0.43 -4.97
N GLU A 119 -13.39 -0.14 -4.09
CA GLU A 119 -14.36 0.95 -4.12
C GLU A 119 -15.39 0.78 -5.24
N GLY A 1 -2.54 -11.62 -14.15
CA GLY A 1 -3.63 -12.22 -13.36
C GLY A 1 -3.11 -12.70 -12.02
N HIS A 2 -3.07 -14.02 -11.82
CA HIS A 2 -2.62 -14.69 -10.60
C HIS A 2 -1.11 -14.93 -10.59
N MET A 3 -0.45 -14.90 -11.75
CA MET A 3 0.97 -15.20 -11.84
C MET A 3 1.78 -14.11 -11.13
N LYS A 4 2.72 -14.54 -10.28
CA LYS A 4 3.60 -13.70 -9.46
C LYS A 4 2.82 -12.85 -8.44
N PHE A 5 3.53 -11.92 -7.79
CA PHE A 5 2.92 -10.85 -7.01
C PHE A 5 2.05 -9.99 -7.94
N THR A 6 1.23 -9.13 -7.36
CA THR A 6 0.37 -8.18 -8.05
C THR A 6 0.51 -6.85 -7.29
N ASP A 7 0.03 -5.76 -7.88
CA ASP A 7 0.17 -4.42 -7.29
C ASP A 7 -0.46 -4.39 -5.88
N GLN A 8 -1.57 -5.10 -5.71
CA GLN A 8 -2.29 -5.22 -4.43
C GLN A 8 -1.41 -5.89 -3.37
N GLN A 9 -0.80 -7.04 -3.73
CA GLN A 9 0.01 -7.86 -2.82
C GLN A 9 1.16 -7.03 -2.27
N ILE A 10 1.74 -6.21 -3.14
CA ILE A 10 2.89 -5.39 -2.85
C ILE A 10 2.49 -4.23 -1.93
N GLY A 11 1.30 -3.68 -2.10
CA GLY A 11 0.78 -2.60 -1.28
C GLY A 11 0.74 -2.95 0.21
N VAL A 12 0.49 -4.22 0.55
CA VAL A 12 0.51 -4.71 1.93
C VAL A 12 1.93 -4.59 2.48
N LEU A 13 2.91 -5.20 1.82
CA LEU A 13 4.32 -5.18 2.24
C LEU A 13 4.84 -3.75 2.40
N ALA A 14 4.49 -2.85 1.48
CA ALA A 14 4.76 -1.43 1.51
C ALA A 14 4.19 -0.80 2.78
N GLY A 15 2.91 -1.04 3.09
CA GLY A 15 2.24 -0.49 4.26
C GLY A 15 2.76 -1.08 5.56
N LEU A 16 3.30 -2.30 5.56
CA LEU A 16 3.87 -2.85 6.79
C LEU A 16 5.13 -2.10 7.24
N ALA A 17 5.78 -1.37 6.33
CA ALA A 17 6.85 -0.46 6.70
C ALA A 17 6.33 0.88 7.19
N ILE A 18 5.08 1.24 6.92
CA ILE A 18 4.59 2.61 6.93
C ILE A 18 3.17 2.56 7.50
N SER A 19 3.03 2.92 8.76
CA SER A 19 1.76 2.85 9.48
C SER A 19 1.15 1.42 9.45
N PRO A 20 1.92 0.40 9.88
CA PRO A 20 1.43 -0.98 9.95
C PRO A 20 0.24 -1.09 10.91
N GLU A 21 0.29 -0.41 12.06
CA GLU A 21 -0.68 -0.62 13.13
C GLU A 21 -2.09 -0.19 12.66
N TRP A 22 -2.17 1.00 12.06
CA TRP A 22 -3.35 1.54 11.37
C TRP A 22 -3.90 0.51 10.40
N LEU A 23 -3.02 -0.13 9.63
CA LEU A 23 -3.43 -0.91 8.47
C LEU A 23 -4.22 -2.13 8.97
N LYS A 24 -3.71 -2.83 10.00
CA LYS A 24 -4.39 -3.99 10.59
C LYS A 24 -5.73 -3.58 11.22
N GLN A 25 -5.85 -2.41 11.86
CA GLN A 25 -7.15 -1.99 12.40
C GLN A 25 -8.16 -1.91 11.26
N ASN A 26 -7.76 -1.25 10.17
CA ASN A 26 -8.66 -0.95 9.07
C ASN A 26 -9.12 -2.23 8.39
N ILE A 27 -8.24 -3.23 8.18
CA ILE A 27 -8.65 -4.53 7.66
C ILE A 27 -9.60 -5.23 8.64
N ALA A 28 -9.29 -5.22 9.94
CA ALA A 28 -10.12 -5.85 10.95
C ALA A 28 -11.51 -5.21 11.07
N ALA A 29 -11.72 -4.06 10.45
CA ALA A 29 -13.01 -3.37 10.36
C ALA A 29 -13.51 -3.26 8.92
N ASN A 30 -12.82 -3.92 7.98
CA ASN A 30 -13.05 -3.91 6.53
C ASN A 30 -13.25 -2.50 5.95
N GLN A 31 -12.57 -1.51 6.54
CA GLN A 31 -12.66 -0.08 6.19
C GLN A 31 -11.81 0.32 4.98
N LEU A 32 -10.88 -0.54 4.55
CA LEU A 32 -9.71 -0.12 3.78
C LEU A 32 -9.99 -0.23 2.28
N VAL A 33 -9.83 0.87 1.55
CA VAL A 33 -9.93 0.91 0.11
C VAL A 33 -8.51 1.01 -0.47
N TYR A 34 -8.29 0.29 -1.57
CA TYR A 34 -7.16 0.33 -2.47
C TYR A 34 -7.64 0.99 -3.77
N GLY A 35 -6.76 1.65 -4.51
CA GLY A 35 -7.12 2.21 -5.79
C GLY A 35 -5.89 2.60 -6.60
N ILE A 36 -6.11 3.01 -7.83
CA ILE A 36 -5.16 3.74 -8.66
C ILE A 36 -5.67 5.17 -8.73
N VAL A 37 -4.74 6.12 -8.73
CA VAL A 37 -5.00 7.55 -8.78
C VAL A 37 -5.99 7.96 -9.89
N LYS A 38 -5.67 7.69 -11.17
CA LYS A 38 -6.37 8.19 -12.34
C LYS A 38 -6.37 9.72 -12.46
N PRO A 39 -6.74 10.29 -13.61
CA PRO A 39 -6.96 11.73 -13.75
C PRO A 39 -8.25 12.19 -13.08
N SER A 40 -9.09 11.26 -12.60
CA SER A 40 -10.37 11.58 -11.99
C SER A 40 -10.21 12.25 -10.62
N ASP A 41 -9.20 11.89 -9.83
CA ASP A 41 -9.22 12.15 -8.39
C ASP A 41 -8.26 13.27 -8.00
N THR A 42 -8.40 13.76 -6.77
CA THR A 42 -7.70 14.93 -6.27
C THR A 42 -6.37 14.52 -5.66
N VAL A 43 -5.26 14.74 -6.38
CA VAL A 43 -3.96 14.12 -6.11
C VAL A 43 -2.81 15.11 -6.29
N PRO A 44 -1.65 14.89 -5.65
CA PRO A 44 -0.44 15.67 -5.89
C PRO A 44 0.15 15.31 -7.26
N ALA A 45 1.24 15.97 -7.63
CA ALA A 45 2.01 15.65 -8.83
C ALA A 45 2.84 14.38 -8.62
N GLY A 46 3.30 13.78 -9.71
CA GLY A 46 4.23 12.67 -9.67
C GLY A 46 3.58 11.32 -9.34
N VAL A 47 2.25 11.22 -9.39
CA VAL A 47 1.49 10.02 -9.11
C VAL A 47 0.25 10.00 -10.01
N ASP A 48 0.37 9.70 -11.30
CA ASP A 48 -0.80 9.53 -12.19
C ASP A 48 -1.33 8.10 -12.23
N ASP A 49 -0.49 7.20 -11.75
CA ASP A 49 -0.57 5.76 -11.99
C ASP A 49 0.02 4.98 -10.81
N TYR A 50 0.36 5.69 -9.73
CA TYR A 50 0.66 5.04 -8.47
C TYR A 50 -0.64 4.48 -7.93
N SER A 51 -0.55 3.32 -7.28
CA SER A 51 -1.58 2.81 -6.43
C SER A 51 -1.64 3.64 -5.15
N TYR A 52 -2.73 3.54 -4.40
CA TYR A 52 -2.85 4.09 -3.05
C TYR A 52 -3.65 3.16 -2.14
N LEU A 53 -3.60 3.42 -0.82
CA LEU A 53 -4.33 2.75 0.24
C LEU A 53 -4.74 3.80 1.26
N VAL A 54 -5.99 3.76 1.71
CA VAL A 54 -6.63 4.77 2.54
C VAL A 54 -7.85 4.09 3.20
N ALA A 55 -8.37 4.60 4.31
CA ALA A 55 -9.65 4.15 4.82
C ALA A 55 -10.76 4.80 3.99
N ALA A 56 -11.94 4.20 3.98
CA ALA A 56 -13.15 4.78 3.42
C ALA A 56 -13.68 5.94 4.27
N ASP A 57 -13.16 6.14 5.48
CA ASP A 57 -13.67 7.09 6.48
C ASP A 57 -12.50 7.85 7.14
N ASP A 58 -11.33 7.94 6.50
CA ASP A 58 -10.20 8.77 6.93
C ASP A 58 -9.57 9.39 5.67
N GLN A 59 -10.38 9.90 4.76
CA GLN A 59 -9.87 10.36 3.46
C GLN A 59 -8.88 11.51 3.65
N ASP A 60 -9.24 12.53 4.45
CA ASP A 60 -8.33 13.64 4.78
C ASP A 60 -7.26 13.25 5.81
N GLY A 61 -7.29 12.03 6.35
CA GLY A 61 -6.43 11.58 7.43
C GLY A 61 -5.10 11.03 6.91
N THR A 62 -4.98 9.71 6.78
CA THR A 62 -3.73 9.04 6.39
C THR A 62 -3.84 8.58 4.94
N ILE A 63 -2.73 8.49 4.19
CA ILE A 63 -2.72 7.76 2.93
C ILE A 63 -1.30 7.29 2.64
N ILE A 64 -1.19 6.21 1.87
CA ILE A 64 0.07 5.71 1.34
C ILE A 64 -0.15 5.50 -0.16
N PHE A 65 0.72 6.06 -1.00
CA PHE A 65 0.81 5.79 -2.43
C PHE A 65 2.01 4.86 -2.66
N PHE A 66 2.03 4.08 -3.74
CA PHE A 66 3.15 3.20 -4.08
C PHE A 66 3.08 2.82 -5.56
N LYS A 67 4.22 2.49 -6.16
CA LYS A 67 4.33 1.95 -7.52
C LYS A 67 5.44 0.92 -7.50
N ALA A 68 5.12 -0.33 -7.84
CA ALA A 68 6.09 -1.37 -8.09
C ALA A 68 6.60 -1.26 -9.53
N GLU A 69 7.88 -1.47 -9.71
CA GLU A 69 8.57 -1.48 -11.00
C GLU A 69 9.50 -2.70 -11.02
N GLY A 70 8.96 -3.86 -11.39
CA GLY A 70 9.67 -5.13 -11.58
C GLY A 70 10.12 -5.78 -10.27
N GLN A 71 10.75 -4.99 -9.39
CA GLN A 71 11.01 -5.30 -8.00
C GLN A 71 10.85 -4.05 -7.14
N THR A 72 11.36 -2.92 -7.60
CA THR A 72 11.52 -1.78 -6.72
C THR A 72 10.18 -1.08 -6.54
N VAL A 73 9.77 -0.89 -5.29
CA VAL A 73 8.55 -0.22 -4.90
C VAL A 73 8.95 1.14 -4.37
N ILE A 74 8.57 2.20 -5.08
CA ILE A 74 8.70 3.56 -4.59
C ILE A 74 7.44 3.79 -3.72
N ILE A 75 7.56 3.58 -2.41
CA ILE A 75 6.52 3.90 -1.45
C ILE A 75 6.53 5.42 -1.25
N LYS A 76 5.42 6.06 -1.60
CA LYS A 76 5.20 7.49 -1.54
C LYS A 76 4.13 7.74 -0.48
N TYR A 77 4.51 7.82 0.80
CA TYR A 77 3.56 8.01 1.90
C TYR A 77 3.58 9.44 2.38
N THR A 78 2.61 9.83 3.19
CA THR A 78 2.61 11.10 3.89
C THR A 78 2.14 10.85 5.33
N SER A 79 2.14 11.92 6.10
CA SER A 79 1.61 11.99 7.44
C SER A 79 0.65 13.18 7.57
N GLN A 80 0.49 13.98 6.51
CA GLN A 80 -0.69 14.80 6.32
C GLN A 80 -0.99 14.93 4.83
N ARG A 81 -2.28 14.94 4.48
CA ARG A 81 -2.75 15.13 3.10
C ARG A 81 -2.26 16.45 2.50
N ASN A 82 -2.14 17.50 3.31
CA ASN A 82 -1.71 18.83 2.87
C ASN A 82 -0.21 18.95 2.59
N THR A 83 0.52 17.84 2.48
CA THR A 83 1.92 17.85 2.04
C THR A 83 2.15 16.77 0.99
N LYS A 84 3.21 16.94 0.18
CA LYS A 84 3.67 15.91 -0.75
C LYS A 84 4.10 14.65 0.00
N LEU A 85 4.42 13.62 -0.77
CA LEU A 85 4.81 12.33 -0.25
C LEU A 85 6.31 12.32 0.09
N LYS A 86 6.68 11.52 1.09
CA LYS A 86 8.01 10.97 1.31
C LYS A 86 8.34 10.01 0.16
N ALA A 87 9.49 9.34 0.18
CA ALA A 87 9.90 8.41 -0.87
C ALA A 87 10.88 7.36 -0.34
N LYS A 88 10.37 6.18 0.05
CA LYS A 88 11.14 5.00 0.46
C LYS A 88 11.12 4.05 -0.74
N ALA A 89 12.27 3.69 -1.32
CA ALA A 89 12.38 2.81 -2.49
C ALA A 89 13.07 1.52 -2.07
N LEU A 90 12.44 0.37 -2.30
CA LEU A 90 12.86 -0.93 -1.74
C LEU A 90 12.62 -2.02 -2.78
N THR A 91 13.50 -3.02 -2.93
CA THR A 91 13.26 -4.10 -3.88
C THR A 91 12.26 -5.14 -3.35
N LEU A 92 11.48 -5.77 -4.22
CA LEU A 92 10.46 -6.77 -3.85
C LEU A 92 11.06 -7.91 -3.05
N SER A 93 12.32 -8.21 -3.33
CA SER A 93 13.09 -9.22 -2.66
C SER A 93 13.32 -8.85 -1.18
N GLN A 94 13.73 -7.59 -0.91
CA GLN A 94 13.76 -7.01 0.42
C GLN A 94 12.38 -7.12 1.04
N LEU A 95 11.34 -6.53 0.43
CA LEU A 95 9.98 -6.52 1.01
C LEU A 95 9.57 -7.92 1.49
N LYS A 96 9.81 -8.94 0.67
CA LYS A 96 9.41 -10.31 0.96
C LYS A 96 10.23 -10.91 2.11
N LYS A 97 11.49 -10.49 2.26
CA LYS A 97 12.25 -10.84 3.45
C LYS A 97 11.62 -10.13 4.64
N GLU A 98 11.67 -8.80 4.65
CA GLU A 98 11.28 -7.90 5.74
C GLU A 98 9.94 -8.34 6.34
N PHE A 99 8.94 -8.52 5.47
CA PHE A 99 7.55 -8.67 5.86
C PHE A 99 6.93 -9.95 5.31
N TYR A 100 7.73 -10.91 4.80
CA TYR A 100 7.20 -12.22 4.41
C TYR A 100 8.12 -13.39 4.88
N GLN A 101 9.07 -13.18 5.81
CA GLN A 101 9.93 -14.29 6.26
C GLN A 101 9.23 -15.49 6.96
N THR A 102 8.29 -15.26 7.90
CA THR A 102 7.86 -16.35 8.81
C THR A 102 6.97 -17.37 8.06
N ARG A 103 6.39 -18.39 8.70
CA ARG A 103 5.37 -19.26 8.06
C ARG A 103 3.99 -18.61 8.09
N SER A 104 3.78 -17.71 9.04
CA SER A 104 2.48 -17.19 9.40
C SER A 104 2.12 -16.01 8.49
N GLN A 105 3.13 -15.37 7.87
CA GLN A 105 2.93 -14.33 6.87
C GLN A 105 2.03 -14.84 5.72
N LYS A 106 2.10 -16.14 5.35
CA LYS A 106 1.29 -16.79 4.31
C LYS A 106 -0.21 -16.81 4.64
N ARG A 107 -0.59 -16.32 5.81
CA ARG A 107 -1.92 -16.29 6.39
C ARG A 107 -2.24 -14.95 7.00
N GLU A 108 -1.28 -14.05 6.96
CA GLU A 108 -1.41 -12.68 7.38
C GLU A 108 -1.31 -11.80 6.16
N VAL A 109 -0.13 -11.69 5.55
CA VAL A 109 0.11 -10.94 4.33
C VAL A 109 -0.94 -11.32 3.30
N ASP A 110 -1.01 -12.62 2.96
CA ASP A 110 -1.96 -13.10 1.97
C ASP A 110 -3.42 -12.85 2.36
N ASP A 111 -3.69 -12.60 3.65
CA ASP A 111 -5.02 -12.38 4.22
C ASP A 111 -5.43 -10.92 4.08
N TYR A 112 -4.53 -9.97 4.35
CA TYR A 112 -4.81 -8.54 4.20
C TYR A 112 -5.10 -8.21 2.73
N VAL A 113 -4.45 -8.88 1.78
CA VAL A 113 -4.76 -8.75 0.36
C VAL A 113 -6.16 -9.28 0.04
N ALA A 114 -6.79 -10.07 0.91
CA ALA A 114 -8.13 -10.59 0.78
C ALA A 114 -9.11 -9.88 1.73
N GLY A 115 -8.67 -8.89 2.51
CA GLY A 115 -9.50 -8.13 3.44
C GLY A 115 -9.64 -6.66 3.03
N LEU A 116 -8.92 -6.21 2.02
CA LEU A 116 -9.06 -4.87 1.45
C LEU A 116 -10.26 -4.82 0.49
N ARG A 117 -10.63 -3.62 0.07
CA ARG A 117 -11.68 -3.32 -0.92
C ARG A 117 -11.03 -2.48 -2.01
N THR A 118 -11.65 -2.37 -3.18
CA THR A 118 -11.07 -1.66 -4.32
C THR A 118 -12.08 -0.71 -4.97
N GLU A 119 -13.22 -0.48 -4.32
CA GLU A 119 -14.45 -0.01 -4.95
C GLU A 119 -14.79 -0.96 -6.10
N GLY A 1 11.87 -5.51 -17.17
CA GLY A 1 10.43 -5.76 -17.23
C GLY A 1 10.05 -7.15 -16.76
N HIS A 2 10.40 -7.51 -15.53
CA HIS A 2 9.96 -8.72 -14.86
C HIS A 2 9.69 -8.38 -13.39
N MET A 3 8.68 -9.01 -12.79
CA MET A 3 8.18 -8.70 -11.46
C MET A 3 7.65 -9.96 -10.78
N LYS A 4 7.24 -9.83 -9.52
CA LYS A 4 6.57 -10.85 -8.71
C LYS A 4 5.54 -10.13 -7.86
N PHE A 5 4.59 -10.88 -7.29
CA PHE A 5 3.42 -10.44 -6.55
C PHE A 5 2.45 -9.60 -7.40
N THR A 6 1.23 -9.42 -6.92
CA THR A 6 0.24 -8.54 -7.55
C THR A 6 0.44 -7.13 -6.96
N ASP A 7 -0.05 -6.10 -7.65
CA ASP A 7 -0.03 -4.71 -7.14
C ASP A 7 -0.58 -4.66 -5.71
N GLN A 8 -1.73 -5.30 -5.47
CA GLN A 8 -2.39 -5.34 -4.17
C GLN A 8 -1.42 -5.84 -3.10
N GLN A 9 -0.84 -7.01 -3.31
CA GLN A 9 0.01 -7.74 -2.38
C GLN A 9 1.23 -6.88 -2.00
N ILE A 10 1.84 -6.26 -3.00
CA ILE A 10 2.97 -5.36 -2.87
C ILE A 10 2.58 -4.18 -1.98
N GLY A 11 1.40 -3.61 -2.21
CA GLY A 11 0.89 -2.47 -1.46
C GLY A 11 0.69 -2.77 0.01
N VAL A 12 0.29 -4.00 0.35
CA VAL A 12 0.12 -4.40 1.74
C VAL A 12 1.48 -4.42 2.43
N LEU A 13 2.47 -5.09 1.84
CA LEU A 13 3.79 -5.20 2.44
C LEU A 13 4.47 -3.84 2.58
N ALA A 14 4.33 -3.00 1.56
CA ALA A 14 4.84 -1.63 1.61
C ALA A 14 4.15 -0.84 2.73
N GLY A 15 2.87 -1.10 2.99
CA GLY A 15 2.13 -0.38 4.02
C GLY A 15 2.51 -0.89 5.40
N LEU A 16 2.91 -2.16 5.54
CA LEU A 16 3.47 -2.65 6.80
C LEU A 16 4.77 -1.91 7.15
N ALA A 17 5.52 -1.41 6.16
CA ALA A 17 6.71 -0.61 6.43
C ALA A 17 6.33 0.81 6.92
N ILE A 18 5.12 1.30 6.63
CA ILE A 18 4.69 2.67 6.86
C ILE A 18 3.34 2.66 7.58
N SER A 19 3.40 2.69 8.90
CA SER A 19 2.25 2.66 9.80
C SER A 19 1.51 1.30 9.66
N PRO A 20 2.15 0.20 10.09
CA PRO A 20 1.54 -1.12 10.05
C PRO A 20 0.33 -1.20 10.98
N GLU A 21 0.35 -0.49 12.11
CA GLU A 21 -0.73 -0.53 13.08
C GLU A 21 -2.01 0.04 12.47
N TRP A 22 -1.95 1.21 11.82
CA TRP A 22 -3.04 1.73 11.00
C TRP A 22 -3.54 0.66 10.04
N LEU A 23 -2.66 0.17 9.15
CA LEU A 23 -2.95 -0.82 8.11
C LEU A 23 -3.77 -1.99 8.70
N LYS A 24 -3.22 -2.64 9.72
CA LYS A 24 -3.81 -3.77 10.41
C LYS A 24 -5.12 -3.41 11.09
N GLN A 25 -5.19 -2.27 11.79
CA GLN A 25 -6.40 -1.80 12.45
C GLN A 25 -7.50 -1.53 11.42
N ASN A 26 -7.16 -1.09 10.21
CA ASN A 26 -8.13 -0.86 9.15
C ASN A 26 -8.72 -2.23 8.77
N ILE A 27 -7.87 -3.24 8.51
CA ILE A 27 -8.34 -4.60 8.19
C ILE A 27 -9.15 -5.19 9.34
N ALA A 28 -8.78 -4.91 10.60
CA ALA A 28 -9.49 -5.42 11.78
C ALA A 28 -10.95 -4.93 11.85
N ALA A 29 -11.31 -3.93 11.02
CA ALA A 29 -12.66 -3.44 10.82
C ALA A 29 -13.06 -3.44 9.34
N ASN A 30 -12.36 -4.21 8.50
CA ASN A 30 -12.56 -4.37 7.05
C ASN A 30 -12.61 -3.04 6.29
N GLN A 31 -12.02 -1.99 6.85
CA GLN A 31 -12.22 -0.60 6.44
C GLN A 31 -11.44 -0.21 5.18
N LEU A 32 -10.34 -0.92 4.97
CA LEU A 32 -9.21 -0.49 4.17
C LEU A 32 -9.56 -0.64 2.68
N VAL A 33 -9.06 0.26 1.83
CA VAL A 33 -9.28 0.30 0.39
C VAL A 33 -7.91 0.29 -0.31
N TYR A 34 -7.90 -0.12 -1.58
CA TYR A 34 -6.83 0.06 -2.54
C TYR A 34 -7.44 0.78 -3.74
N GLY A 35 -6.69 1.68 -4.37
CA GLY A 35 -7.07 2.26 -5.65
C GLY A 35 -5.83 2.59 -6.45
N ILE A 36 -6.03 2.81 -7.75
CA ILE A 36 -5.13 3.59 -8.57
C ILE A 36 -5.67 5.02 -8.55
N VAL A 37 -4.76 5.97 -8.56
CA VAL A 37 -5.01 7.41 -8.56
C VAL A 37 -6.09 7.80 -9.55
N LYS A 38 -5.79 7.67 -10.84
CA LYS A 38 -6.46 8.19 -12.02
C LYS A 38 -6.52 9.73 -12.05
N PRO A 39 -6.53 10.36 -13.24
CA PRO A 39 -6.40 11.80 -13.36
C PRO A 39 -7.68 12.57 -13.03
N SER A 40 -8.83 11.89 -13.00
CA SER A 40 -10.11 12.47 -12.60
C SER A 40 -10.17 12.82 -11.10
N ASP A 41 -9.13 12.49 -10.34
CA ASP A 41 -9.02 12.73 -8.91
C ASP A 41 -7.87 13.72 -8.67
N THR A 42 -7.71 14.18 -7.43
CA THR A 42 -6.84 15.30 -7.07
C THR A 42 -5.65 14.71 -6.31
N VAL A 43 -4.42 14.97 -6.77
CA VAL A 43 -3.20 14.31 -6.28
C VAL A 43 -2.02 15.29 -6.22
N PRO A 44 -1.01 15.04 -5.36
CA PRO A 44 0.29 15.68 -5.45
C PRO A 44 1.03 15.28 -6.73
N ALA A 45 2.18 15.91 -7.02
CA ALA A 45 2.93 15.61 -8.23
C ALA A 45 3.65 14.26 -8.15
N GLY A 46 3.64 13.53 -9.25
CA GLY A 46 4.37 12.29 -9.48
C GLY A 46 3.73 11.09 -8.88
N VAL A 47 2.47 10.94 -9.28
CA VAL A 47 1.53 10.02 -8.74
C VAL A 47 0.23 10.31 -9.48
N ASP A 48 0.19 9.91 -10.76
CA ASP A 48 -0.99 10.03 -11.62
C ASP A 48 -1.58 8.65 -11.93
N ASP A 49 -0.78 7.63 -11.68
CA ASP A 49 -1.07 6.20 -11.87
C ASP A 49 -0.39 5.37 -10.76
N TYR A 50 0.09 6.04 -9.72
CA TYR A 50 0.53 5.41 -8.50
C TYR A 50 -0.70 4.69 -7.91
N SER A 51 -0.49 3.58 -7.24
CA SER A 51 -1.47 2.99 -6.35
C SER A 51 -1.55 3.85 -5.08
N TYR A 52 -2.64 3.76 -4.32
CA TYR A 52 -2.73 4.26 -2.96
C TYR A 52 -3.51 3.27 -2.09
N LEU A 53 -3.27 3.33 -0.79
CA LEU A 53 -4.05 2.68 0.26
C LEU A 53 -4.59 3.81 1.13
N VAL A 54 -5.88 3.78 1.47
CA VAL A 54 -6.53 4.64 2.46
C VAL A 54 -7.68 3.83 3.06
N ALA A 55 -8.26 4.24 4.19
CA ALA A 55 -9.47 3.61 4.71
C ALA A 55 -10.67 4.45 4.29
N ALA A 56 -11.83 3.81 4.10
CA ALA A 56 -13.00 4.47 3.54
C ALA A 56 -13.56 5.59 4.43
N ASP A 57 -13.19 5.59 5.69
CA ASP A 57 -13.64 6.47 6.76
C ASP A 57 -12.42 6.92 7.59
N ASP A 58 -11.24 6.93 6.96
CA ASP A 58 -10.01 7.66 7.33
C ASP A 58 -9.58 8.40 6.05
N GLN A 59 -10.58 8.92 5.33
CA GLN A 59 -10.54 9.32 3.94
C GLN A 59 -9.63 10.54 3.74
N ASP A 60 -9.83 11.58 4.56
CA ASP A 60 -8.93 12.72 4.72
C ASP A 60 -8.06 12.45 5.96
N GLY A 61 -7.63 11.20 6.11
CA GLY A 61 -6.79 10.71 7.19
C GLY A 61 -5.46 10.20 6.62
N THR A 62 -5.10 8.96 6.93
CA THR A 62 -3.79 8.41 6.60
C THR A 62 -3.84 7.80 5.19
N ILE A 63 -2.82 8.05 4.38
CA ILE A 63 -2.72 7.48 3.05
C ILE A 63 -1.29 7.08 2.76
N ILE A 64 -1.13 6.07 1.91
CA ILE A 64 0.16 5.63 1.45
C ILE A 64 0.06 5.42 -0.06
N PHE A 65 0.67 6.27 -0.89
CA PHE A 65 0.84 6.01 -2.32
C PHE A 65 1.99 4.99 -2.51
N PHE A 66 2.00 4.20 -3.59
CA PHE A 66 3.18 3.43 -4.02
C PHE A 66 3.12 3.20 -5.52
N LYS A 67 4.24 2.78 -6.11
CA LYS A 67 4.24 2.10 -7.41
C LYS A 67 5.41 1.13 -7.45
N ALA A 68 5.20 -0.07 -7.98
CA ALA A 68 6.30 -0.91 -8.41
C ALA A 68 6.86 -0.36 -9.73
N GLU A 69 8.16 -0.58 -9.98
CA GLU A 69 8.90 -0.09 -11.15
C GLU A 69 9.86 -1.18 -11.70
N GLY A 70 9.71 -2.44 -11.27
CA GLY A 70 10.57 -3.55 -11.69
C GLY A 70 11.54 -3.86 -10.56
N GLN A 71 11.23 -4.93 -9.81
CA GLN A 71 11.90 -5.34 -8.57
C GLN A 71 12.08 -4.23 -7.53
N THR A 72 11.42 -3.08 -7.67
CA THR A 72 11.60 -1.91 -6.82
C THR A 72 10.22 -1.28 -6.62
N VAL A 73 9.98 -0.66 -5.46
CA VAL A 73 8.73 0.00 -5.09
C VAL A 73 9.07 1.34 -4.46
N ILE A 74 8.68 2.44 -5.11
CA ILE A 74 8.70 3.76 -4.51
C ILE A 74 7.45 3.85 -3.64
N ILE A 75 7.60 3.69 -2.33
CA ILE A 75 6.58 3.96 -1.34
C ILE A 75 6.58 5.48 -1.12
N LYS A 76 5.50 6.14 -1.52
CA LYS A 76 5.34 7.58 -1.43
C LYS A 76 4.30 7.86 -0.35
N TYR A 77 4.72 8.24 0.85
CA TYR A 77 3.82 8.36 2.00
C TYR A 77 3.93 9.75 2.61
N THR A 78 3.08 10.04 3.60
CA THR A 78 2.96 11.35 4.19
C THR A 78 2.08 11.18 5.44
N SER A 79 2.08 12.18 6.32
CA SER A 79 1.12 12.31 7.40
C SER A 79 -0.26 12.78 6.92
N GLN A 80 -0.33 13.26 5.68
CA GLN A 80 -1.42 14.08 5.19
C GLN A 80 -1.86 13.60 3.80
N ARG A 81 -2.72 14.37 3.14
CA ARG A 81 -3.36 14.02 1.88
C ARG A 81 -2.89 14.96 0.80
N ASN A 82 -3.33 16.20 0.88
CA ASN A 82 -2.96 17.25 -0.05
C ASN A 82 -1.54 17.80 0.21
N THR A 83 -0.51 16.96 0.31
CA THR A 83 0.88 17.43 0.48
C THR A 83 1.85 16.55 -0.30
N LYS A 84 3.09 17.03 -0.49
CA LYS A 84 4.16 16.25 -1.13
C LYS A 84 4.56 15.06 -0.26
N LEU A 85 5.22 14.06 -0.86
CA LEU A 85 5.39 12.72 -0.30
C LEU A 85 6.86 12.46 0.01
N LYS A 86 7.15 11.48 0.87
CA LYS A 86 8.48 10.87 0.99
C LYS A 86 8.74 9.96 -0.22
N ALA A 87 9.93 9.37 -0.32
CA ALA A 87 10.39 8.62 -1.48
C ALA A 87 11.24 7.40 -1.10
N LYS A 88 10.73 6.57 -0.18
CA LYS A 88 11.33 5.30 0.22
C LYS A 88 11.28 4.40 -1.02
N ALA A 89 12.41 3.92 -1.54
CA ALA A 89 12.48 3.03 -2.70
C ALA A 89 13.19 1.75 -2.28
N LEU A 90 12.41 0.76 -1.88
CA LEU A 90 12.90 -0.56 -1.49
C LEU A 90 12.81 -1.49 -2.68
N THR A 91 13.57 -2.59 -2.65
CA THR A 91 13.34 -3.65 -3.60
C THR A 91 12.07 -4.43 -3.22
N LEU A 92 11.41 -5.08 -4.18
CA LEU A 92 10.37 -6.08 -3.90
C LEU A 92 10.94 -7.18 -3.02
N SER A 93 12.19 -7.55 -3.31
CA SER A 93 12.92 -8.58 -2.59
C SER A 93 13.15 -8.16 -1.13
N GLN A 94 13.35 -6.87 -0.84
CA GLN A 94 13.35 -6.31 0.51
C GLN A 94 12.03 -6.70 1.16
N LEU A 95 10.90 -6.14 0.70
CA LEU A 95 9.61 -6.26 1.38
C LEU A 95 9.23 -7.72 1.65
N LYS A 96 9.58 -8.64 0.74
CA LYS A 96 9.39 -10.06 0.99
C LYS A 96 10.21 -10.51 2.20
N LYS A 97 11.53 -10.33 2.14
CA LYS A 97 12.42 -10.90 3.14
C LYS A 97 12.19 -10.26 4.51
N GLU A 98 11.77 -8.99 4.51
CA GLU A 98 11.30 -8.20 5.64
C GLU A 98 10.04 -8.89 6.19
N PHE A 99 8.86 -8.60 5.63
CA PHE A 99 7.57 -8.86 6.27
C PHE A 99 7.00 -10.23 5.95
N TYR A 100 7.49 -10.92 4.92
CA TYR A 100 6.87 -12.11 4.36
C TYR A 100 7.76 -13.33 4.57
N GLN A 101 8.30 -13.48 5.78
CA GLN A 101 9.42 -14.38 6.03
C GLN A 101 9.03 -15.86 6.22
N THR A 102 7.91 -16.16 6.87
CA THR A 102 7.50 -17.52 7.24
C THR A 102 6.44 -18.04 6.25
N ARG A 103 5.72 -19.11 6.60
CA ARG A 103 4.45 -19.54 6.01
C ARG A 103 3.25 -19.09 6.85
N SER A 104 3.44 -18.82 8.13
CA SER A 104 2.36 -18.51 9.05
C SER A 104 1.93 -17.06 8.91
N GLN A 105 2.81 -16.12 8.55
CA GLN A 105 2.38 -14.72 8.36
C GLN A 105 1.36 -14.63 7.23
N LYS A 106 1.46 -15.53 6.24
CA LYS A 106 0.57 -15.55 5.09
C LYS A 106 -0.87 -15.56 5.56
N ARG A 107 -1.17 -16.22 6.68
CA ARG A 107 -2.52 -16.30 7.19
C ARG A 107 -3.12 -14.95 7.50
N GLU A 108 -2.30 -13.94 7.79
CA GLU A 108 -2.75 -12.59 7.99
C GLU A 108 -2.51 -11.77 6.74
N VAL A 109 -1.29 -11.77 6.19
CA VAL A 109 -0.93 -10.92 5.06
C VAL A 109 -1.83 -11.23 3.86
N ASP A 110 -1.99 -12.50 3.51
CA ASP A 110 -2.89 -12.91 2.43
C ASP A 110 -4.34 -12.54 2.73
N ASP A 111 -4.74 -12.65 4.00
CA ASP A 111 -6.05 -12.23 4.49
C ASP A 111 -6.23 -10.72 4.28
N TYR A 112 -5.22 -9.89 4.57
CA TYR A 112 -5.26 -8.45 4.38
C TYR A 112 -5.55 -8.11 2.90
N VAL A 113 -4.95 -8.86 1.96
CA VAL A 113 -5.14 -8.63 0.53
C VAL A 113 -6.57 -8.99 0.10
N ALA A 114 -7.21 -9.99 0.72
CA ALA A 114 -8.61 -10.31 0.43
C ALA A 114 -9.56 -9.47 1.29
N GLY A 115 -9.08 -8.85 2.36
CA GLY A 115 -9.85 -8.04 3.30
C GLY A 115 -10.04 -6.63 2.76
N LEU A 116 -8.95 -6.03 2.26
CA LEU A 116 -8.99 -4.72 1.65
C LEU A 116 -10.02 -4.70 0.52
N ARG A 117 -10.72 -3.58 0.39
CA ARG A 117 -11.63 -3.27 -0.68
C ARG A 117 -10.87 -2.67 -1.86
N THR A 118 -11.56 -2.49 -2.97
CA THR A 118 -11.05 -1.77 -4.15
C THR A 118 -11.88 -0.51 -4.45
N GLU A 119 -12.96 -0.34 -3.70
CA GLU A 119 -13.91 0.77 -3.65
C GLU A 119 -14.70 0.62 -2.35
N GLY A 1 7.54 -4.54 -11.74
CA GLY A 1 8.12 -5.84 -12.09
C GLY A 1 7.47 -6.42 -13.34
N HIS A 2 7.80 -7.67 -13.68
CA HIS A 2 7.20 -8.41 -14.78
C HIS A 2 6.98 -9.84 -14.31
N MET A 3 5.75 -10.35 -14.41
CA MET A 3 5.31 -11.65 -13.94
C MET A 3 5.83 -11.97 -12.52
N LYS A 4 5.53 -11.11 -11.54
CA LYS A 4 5.92 -11.36 -10.16
C LYS A 4 4.94 -10.67 -9.21
N PHE A 5 4.31 -11.47 -8.35
CA PHE A 5 3.32 -11.08 -7.33
C PHE A 5 2.04 -10.55 -8.01
N THR A 6 1.10 -10.03 -7.22
CA THR A 6 -0.01 -9.21 -7.67
C THR A 6 0.00 -7.93 -6.83
N ASP A 7 -0.45 -6.82 -7.41
CA ASP A 7 -0.32 -5.47 -6.85
C ASP A 7 -1.12 -5.32 -5.56
N GLN A 8 -2.14 -6.16 -5.42
CA GLN A 8 -2.95 -6.37 -4.24
C GLN A 8 -2.05 -6.78 -3.06
N GLN A 9 -1.16 -7.75 -3.28
CA GLN A 9 -0.23 -8.29 -2.29
C GLN A 9 0.82 -7.24 -1.90
N ILE A 10 1.24 -6.43 -2.87
CA ILE A 10 2.35 -5.49 -2.72
C ILE A 10 1.97 -4.34 -1.79
N GLY A 11 0.76 -3.79 -1.89
CA GLY A 11 0.39 -2.63 -1.09
C GLY A 11 0.33 -2.97 0.39
N VAL A 12 0.00 -4.23 0.73
CA VAL A 12 0.08 -4.73 2.08
C VAL A 12 1.54 -4.66 2.53
N LEU A 13 2.45 -5.31 1.79
CA LEU A 13 3.87 -5.33 2.10
C LEU A 13 4.47 -3.92 2.20
N ALA A 14 4.08 -2.99 1.32
CA ALA A 14 4.55 -1.61 1.36
C ALA A 14 3.98 -0.87 2.57
N GLY A 15 2.69 -1.01 2.85
CA GLY A 15 2.06 -0.32 3.97
C GLY A 15 2.47 -0.94 5.31
N LEU A 16 2.94 -2.19 5.33
CA LEU A 16 3.55 -2.79 6.51
C LEU A 16 4.87 -2.11 6.90
N ALA A 17 5.52 -1.45 5.94
CA ALA A 17 6.71 -0.64 6.18
C ALA A 17 6.38 0.81 6.61
N ILE A 18 5.16 1.30 6.38
CA ILE A 18 4.73 2.66 6.65
C ILE A 18 3.38 2.57 7.38
N SER A 19 3.41 2.59 8.72
CA SER A 19 2.28 2.41 9.61
C SER A 19 1.61 1.04 9.41
N PRO A 20 2.28 -0.07 9.81
CA PRO A 20 1.67 -1.39 9.78
C PRO A 20 0.39 -1.42 10.61
N GLU A 21 0.42 -0.84 11.82
CA GLU A 21 -0.73 -0.80 12.72
C GLU A 21 -1.95 -0.16 12.07
N TRP A 22 -1.81 0.98 11.39
CA TRP A 22 -2.93 1.64 10.73
C TRP A 22 -3.57 0.67 9.74
N LEU A 23 -2.77 0.04 8.88
CA LEU A 23 -3.26 -0.95 7.92
C LEU A 23 -4.03 -2.05 8.66
N LYS A 24 -3.37 -2.72 9.61
CA LYS A 24 -3.91 -3.87 10.33
C LYS A 24 -5.24 -3.52 11.01
N GLN A 25 -5.36 -2.32 11.58
CA GLN A 25 -6.58 -1.91 12.25
C GLN A 25 -7.72 -1.75 11.26
N ASN A 26 -7.47 -1.04 10.15
CA ASN A 26 -8.52 -0.75 9.19
C ASN A 26 -9.00 -2.04 8.50
N ILE A 27 -8.14 -3.06 8.35
CA ILE A 27 -8.58 -4.39 7.91
C ILE A 27 -9.51 -5.01 8.96
N ALA A 28 -9.18 -4.93 10.25
CA ALA A 28 -10.05 -5.43 11.31
C ALA A 28 -11.35 -4.64 11.43
N ALA A 29 -11.48 -3.50 10.73
CA ALA A 29 -12.71 -2.73 10.59
C ALA A 29 -13.40 -2.94 9.24
N ASN A 30 -12.79 -3.70 8.32
CA ASN A 30 -13.18 -3.79 6.90
C ASN A 30 -13.44 -2.38 6.32
N GLN A 31 -12.60 -1.40 6.70
CA GLN A 31 -12.71 0.01 6.30
C GLN A 31 -11.66 0.40 5.26
N LEU A 32 -10.65 -0.44 5.04
CA LEU A 32 -9.45 -0.09 4.28
C LEU A 32 -9.73 -0.32 2.79
N VAL A 33 -9.35 0.62 1.94
CA VAL A 33 -9.56 0.61 0.49
C VAL A 33 -8.19 0.58 -0.22
N TYR A 34 -8.20 0.25 -1.50
CA TYR A 34 -7.09 0.13 -2.43
C TYR A 34 -7.68 0.63 -3.74
N GLY A 35 -7.26 1.79 -4.24
CA GLY A 35 -7.65 2.22 -5.58
C GLY A 35 -6.48 2.90 -6.27
N ILE A 36 -6.64 3.18 -7.56
CA ILE A 36 -5.58 3.75 -8.38
C ILE A 36 -5.84 5.25 -8.52
N VAL A 37 -4.75 6.01 -8.54
CA VAL A 37 -4.74 7.44 -8.77
C VAL A 37 -5.52 7.81 -10.04
N LYS A 38 -5.08 7.30 -11.20
CA LYS A 38 -5.68 7.55 -12.51
C LYS A 38 -5.68 9.03 -12.92
N PRO A 39 -5.94 9.31 -14.21
CA PRO A 39 -6.16 10.68 -14.66
C PRO A 39 -7.43 11.31 -14.04
N SER A 40 -8.40 10.49 -13.65
CA SER A 40 -9.77 10.94 -13.36
C SER A 40 -9.99 11.41 -11.92
N ASP A 41 -8.97 11.45 -11.06
CA ASP A 41 -9.13 11.70 -9.62
C ASP A 41 -8.26 12.88 -9.18
N THR A 42 -8.56 13.49 -8.03
CA THR A 42 -7.84 14.66 -7.52
C THR A 42 -6.66 14.19 -6.67
N VAL A 43 -5.42 14.46 -7.09
CA VAL A 43 -4.25 13.88 -6.45
C VAL A 43 -3.07 14.86 -6.39
N PRO A 44 -2.05 14.55 -5.56
CA PRO A 44 -0.77 15.25 -5.58
C PRO A 44 -0.01 14.99 -6.88
N ALA A 45 1.01 15.81 -7.15
CA ALA A 45 1.89 15.62 -8.29
C ALA A 45 2.74 14.38 -8.11
N GLY A 46 2.91 13.60 -9.19
CA GLY A 46 3.97 12.61 -9.30
C GLY A 46 3.56 11.18 -8.94
N VAL A 47 2.28 10.85 -9.07
CA VAL A 47 1.72 9.57 -8.65
C VAL A 47 0.74 9.03 -9.71
N ASP A 48 0.93 9.33 -11.01
CA ASP A 48 -0.11 9.39 -12.05
C ASP A 48 -0.95 8.13 -12.30
N ASP A 49 -0.45 7.00 -11.82
CA ASP A 49 -1.10 5.68 -11.80
C ASP A 49 -0.48 4.85 -10.68
N TYR A 50 -0.06 5.51 -9.59
CA TYR A 50 0.30 4.80 -8.37
C TYR A 50 -0.99 4.23 -7.78
N SER A 51 -0.84 3.19 -6.99
CA SER A 51 -1.85 2.77 -6.05
C SER A 51 -1.82 3.73 -4.86
N TYR A 52 -2.94 3.87 -4.17
CA TYR A 52 -3.01 4.48 -2.85
C TYR A 52 -3.93 3.66 -1.95
N LEU A 53 -3.62 3.68 -0.66
CA LEU A 53 -4.38 3.06 0.40
C LEU A 53 -4.86 4.21 1.30
N VAL A 54 -6.16 4.25 1.54
CA VAL A 54 -6.83 5.12 2.51
C VAL A 54 -8.00 4.30 3.06
N ALA A 55 -8.54 4.67 4.24
CA ALA A 55 -9.78 4.08 4.70
C ALA A 55 -10.93 4.88 4.10
N ALA A 56 -12.13 4.29 4.04
CA ALA A 56 -13.28 4.98 3.47
C ALA A 56 -13.64 6.26 4.23
N ASP A 57 -13.16 6.39 5.47
CA ASP A 57 -13.49 7.47 6.40
C ASP A 57 -12.25 8.24 6.88
N ASP A 58 -11.07 7.96 6.31
CA ASP A 58 -9.79 8.53 6.75
C ASP A 58 -9.24 9.53 5.72
N GLN A 59 -10.13 10.04 4.88
CA GLN A 59 -9.89 10.81 3.66
C GLN A 59 -8.89 11.95 3.86
N ASP A 60 -9.03 12.70 4.94
CA ASP A 60 -8.16 13.84 5.27
C ASP A 60 -7.16 13.47 6.39
N GLY A 61 -7.33 12.31 7.01
CA GLY A 61 -6.48 11.79 8.07
C GLY A 61 -5.16 11.30 7.50
N THR A 62 -5.17 10.21 6.74
CA THR A 62 -3.96 9.52 6.31
C THR A 62 -4.10 9.01 4.88
N ILE A 63 -2.98 8.70 4.23
CA ILE A 63 -2.93 8.04 2.93
C ILE A 63 -1.51 7.50 2.73
N ILE A 64 -1.33 6.42 1.96
CA ILE A 64 -0.02 5.96 1.51
C ILE A 64 -0.18 5.68 0.02
N PHE A 65 0.85 5.95 -0.78
CA PHE A 65 0.91 5.68 -2.22
C PHE A 65 2.08 4.71 -2.47
N PHE A 66 2.03 3.84 -3.49
CA PHE A 66 3.18 3.03 -3.89
C PHE A 66 3.20 2.78 -5.40
N LYS A 67 4.37 2.41 -5.94
CA LYS A 67 4.49 1.87 -7.31
C LYS A 67 5.74 1.02 -7.43
N ALA A 68 5.57 -0.30 -7.59
CA ALA A 68 6.58 -1.31 -7.88
C ALA A 68 7.22 -1.13 -9.27
N GLU A 69 8.48 -0.70 -9.30
CA GLU A 69 9.21 -0.44 -10.52
C GLU A 69 10.48 -1.29 -10.61
N GLY A 70 10.38 -2.39 -11.34
CA GLY A 70 11.49 -3.28 -11.65
C GLY A 70 12.32 -3.65 -10.43
N GLN A 71 11.79 -4.59 -9.63
CA GLN A 71 12.08 -4.78 -8.23
C GLN A 71 11.50 -3.58 -7.46
N THR A 72 12.26 -2.51 -7.34
CA THR A 72 12.12 -1.51 -6.30
C THR A 72 10.78 -0.75 -6.36
N VAL A 73 10.11 -0.63 -5.23
CA VAL A 73 8.84 0.04 -5.11
C VAL A 73 8.99 1.43 -4.55
N ILE A 74 8.70 2.47 -5.32
CA ILE A 74 8.65 3.84 -4.83
C ILE A 74 7.39 3.97 -3.97
N ILE A 75 7.54 3.92 -2.65
CA ILE A 75 6.48 4.31 -1.73
C ILE A 75 6.51 5.83 -1.64
N LYS A 76 5.35 6.46 -1.61
CA LYS A 76 5.17 7.89 -1.48
C LYS A 76 4.17 8.12 -0.36
N TYR A 77 4.58 8.70 0.76
CA TYR A 77 3.77 8.75 1.99
C TYR A 77 3.86 10.12 2.64
N THR A 78 2.99 10.40 3.59
CA THR A 78 2.88 11.71 4.21
C THR A 78 2.33 11.57 5.62
N SER A 79 2.34 12.65 6.38
CA SER A 79 1.68 12.77 7.66
C SER A 79 0.54 13.81 7.61
N GLN A 80 0.31 14.45 6.44
CA GLN A 80 -0.88 15.26 6.19
C GLN A 80 -1.36 15.12 4.73
N ARG A 81 -2.66 15.33 4.50
CA ARG A 81 -3.27 15.25 3.17
C ARG A 81 -2.99 16.49 2.31
N ASN A 82 -2.22 17.47 2.81
CA ASN A 82 -1.96 18.77 2.16
C ASN A 82 -0.51 19.01 1.74
N THR A 83 0.35 18.05 1.96
CA THR A 83 1.81 18.22 1.89
C THR A 83 2.47 17.32 0.84
N LYS A 84 3.78 17.51 0.59
CA LYS A 84 4.54 16.72 -0.37
C LYS A 84 4.74 15.30 0.14
N LEU A 85 4.47 14.29 -0.69
CA LEU A 85 4.84 12.91 -0.34
C LEU A 85 6.35 12.79 -0.24
N LYS A 86 6.81 12.17 0.84
CA LYS A 86 8.16 11.65 1.01
C LYS A 86 8.38 10.49 0.05
N ALA A 87 9.61 9.97 0.00
CA ALA A 87 9.99 8.80 -0.79
C ALA A 87 10.61 7.73 0.11
N LYS A 88 10.52 6.44 -0.26
CA LYS A 88 11.25 5.30 0.31
C LYS A 88 11.07 4.18 -0.72
N ALA A 89 12.13 3.81 -1.42
CA ALA A 89 12.07 2.89 -2.55
C ALA A 89 12.42 1.48 -2.05
N LEU A 90 11.58 0.43 -2.17
CA LEU A 90 11.92 -0.85 -1.49
C LEU A 90 12.06 -1.98 -2.49
N THR A 91 13.22 -2.62 -2.55
CA THR A 91 13.41 -3.77 -3.43
C THR A 91 12.40 -4.88 -3.08
N LEU A 92 11.91 -5.59 -4.09
CA LEU A 92 11.08 -6.78 -3.85
C LEU A 92 11.75 -7.76 -2.91
N SER A 93 13.08 -7.82 -2.92
CA SER A 93 13.80 -8.64 -1.98
C SER A 93 13.61 -8.16 -0.53
N GLN A 94 13.66 -6.83 -0.27
CA GLN A 94 13.35 -6.25 1.04
C GLN A 94 11.99 -6.74 1.51
N LEU A 95 10.90 -6.38 0.81
CA LEU A 95 9.55 -6.62 1.32
C LEU A 95 9.31 -8.10 1.63
N LYS A 96 9.91 -8.99 0.83
CA LYS A 96 9.73 -10.41 0.99
C LYS A 96 10.42 -10.91 2.25
N LYS A 97 11.62 -10.40 2.57
CA LYS A 97 12.26 -10.73 3.82
C LYS A 97 11.42 -10.14 4.93
N GLU A 98 11.23 -8.81 4.92
CA GLU A 98 10.55 -8.10 6.00
C GLU A 98 9.25 -8.77 6.41
N PHE A 99 8.38 -9.07 5.45
CA PHE A 99 7.00 -9.42 5.75
C PHE A 99 6.55 -10.71 5.04
N TYR A 100 7.46 -11.52 4.51
CA TYR A 100 7.07 -12.77 3.84
C TYR A 100 8.14 -13.87 3.95
N GLN A 101 9.00 -13.76 4.96
CA GLN A 101 10.13 -14.64 5.23
C GLN A 101 9.75 -16.12 5.36
N THR A 102 8.53 -16.42 5.80
CA THR A 102 8.08 -17.76 6.19
C THR A 102 6.69 -18.05 5.62
N ARG A 103 6.30 -19.34 5.52
CA ARG A 103 4.99 -19.76 5.06
C ARG A 103 3.91 -19.45 6.08
N SER A 104 4.19 -19.50 7.38
CA SER A 104 3.17 -19.28 8.38
C SER A 104 2.62 -17.85 8.27
N GLN A 105 3.49 -16.88 7.98
CA GLN A 105 3.14 -15.49 7.73
C GLN A 105 2.24 -15.31 6.49
N LYS A 106 2.20 -16.28 5.57
CA LYS A 106 1.29 -16.21 4.43
C LYS A 106 -0.15 -16.04 4.88
N ARG A 107 -0.52 -16.61 6.04
CA ARG A 107 -1.88 -16.53 6.57
C ARG A 107 -2.32 -15.09 6.68
N GLU A 108 -1.56 -14.31 7.45
CA GLU A 108 -1.97 -12.97 7.87
C GLU A 108 -1.85 -12.00 6.72
N VAL A 109 -0.72 -12.05 6.02
CA VAL A 109 -0.43 -11.17 4.91
C VAL A 109 -1.54 -11.31 3.87
N ASP A 110 -1.79 -12.52 3.39
CA ASP A 110 -2.87 -12.80 2.43
C ASP A 110 -4.25 -12.42 2.97
N ASP A 111 -4.49 -12.51 4.28
CA ASP A 111 -5.77 -12.12 4.86
C ASP A 111 -5.99 -10.61 4.74
N TYR A 112 -4.94 -9.80 4.92
CA TYR A 112 -5.03 -8.36 4.65
C TYR A 112 -5.37 -8.14 3.17
N VAL A 113 -4.75 -8.89 2.24
CA VAL A 113 -5.04 -8.77 0.82
C VAL A 113 -6.50 -9.17 0.52
N ALA A 114 -7.01 -10.20 1.20
CA ALA A 114 -8.34 -10.73 0.99
C ALA A 114 -9.42 -9.91 1.69
N GLY A 115 -9.07 -9.10 2.71
CA GLY A 115 -9.99 -8.30 3.52
C GLY A 115 -9.93 -6.79 3.23
N LEU A 116 -8.99 -6.33 2.40
CA LEU A 116 -9.00 -4.95 1.93
C LEU A 116 -10.05 -4.81 0.82
N ARG A 117 -10.69 -3.64 0.76
CA ARG A 117 -11.69 -3.32 -0.25
C ARG A 117 -11.01 -2.69 -1.46
N THR A 118 -11.72 -2.61 -2.58
CA THR A 118 -11.23 -1.98 -3.81
C THR A 118 -12.15 -0.83 -4.25
N GLU A 119 -13.15 -0.52 -3.41
CA GLU A 119 -14.36 0.23 -3.65
C GLU A 119 -15.17 -0.29 -4.84
N GLY A 1 -6.31 -12.53 -9.10
CA GLY A 1 -5.00 -13.13 -9.38
C GLY A 1 -4.68 -14.28 -8.43
N HIS A 2 -3.79 -15.18 -8.87
CA HIS A 2 -3.17 -16.22 -8.04
C HIS A 2 -1.87 -16.70 -8.73
N MET A 3 -1.07 -15.77 -9.24
CA MET A 3 0.25 -16.05 -9.78
C MET A 3 1.14 -14.84 -9.51
N LYS A 4 2.36 -15.09 -9.05
CA LYS A 4 3.36 -14.11 -8.61
C LYS A 4 2.84 -13.12 -7.55
N PHE A 5 3.71 -12.21 -7.13
CA PHE A 5 3.31 -11.05 -6.32
C PHE A 5 2.30 -10.25 -7.15
N THR A 6 1.10 -10.00 -6.63
CA THR A 6 0.10 -9.18 -7.30
C THR A 6 0.23 -7.74 -6.79
N ASP A 7 -0.38 -6.75 -7.46
CA ASP A 7 -0.33 -5.36 -7.01
C ASP A 7 -0.86 -5.24 -5.58
N GLN A 8 -1.97 -5.92 -5.30
CA GLN A 8 -2.61 -5.94 -3.99
C GLN A 8 -1.62 -6.43 -2.94
N GLN A 9 -0.99 -7.59 -3.21
CA GLN A 9 -0.09 -8.27 -2.29
C GLN A 9 1.07 -7.35 -1.92
N ILE A 10 1.70 -6.72 -2.92
CA ILE A 10 2.89 -5.89 -2.69
C ILE A 10 2.49 -4.68 -1.85
N GLY A 11 1.28 -4.15 -2.06
CA GLY A 11 0.77 -3.03 -1.28
C GLY A 11 0.71 -3.33 0.21
N VAL A 12 0.39 -4.56 0.59
CA VAL A 12 0.28 -4.94 1.99
C VAL A 12 1.67 -4.96 2.63
N LEU A 13 2.65 -5.57 1.95
CA LEU A 13 4.05 -5.61 2.39
C LEU A 13 4.64 -4.22 2.53
N ALA A 14 4.42 -3.36 1.54
CA ALA A 14 4.83 -1.97 1.55
C ALA A 14 4.34 -1.27 2.83
N GLY A 15 3.06 -1.44 3.15
CA GLY A 15 2.47 -0.87 4.35
C GLY A 15 3.06 -1.43 5.64
N LEU A 16 3.53 -2.68 5.67
CA LEU A 16 4.14 -3.21 6.90
C LEU A 16 5.41 -2.47 7.28
N ALA A 17 6.05 -1.81 6.32
CA ALA A 17 7.21 -0.97 6.57
C ALA A 17 6.83 0.51 6.75
N ILE A 18 5.62 0.95 6.35
CA ILE A 18 5.13 2.31 6.49
C ILE A 18 3.79 2.23 7.22
N SER A 19 3.82 2.40 8.55
CA SER A 19 2.66 2.35 9.44
C SER A 19 1.94 0.97 9.37
N PRO A 20 2.60 -0.12 9.81
CA PRO A 20 2.00 -1.47 9.82
C PRO A 20 0.69 -1.51 10.59
N GLU A 21 0.69 -0.87 11.76
CA GLU A 21 -0.41 -0.92 12.71
C GLU A 21 -1.63 -0.22 12.13
N TRP A 22 -1.44 0.90 11.42
CA TRP A 22 -2.53 1.56 10.71
C TRP A 22 -3.18 0.56 9.77
N LEU A 23 -2.41 -0.05 8.87
CA LEU A 23 -2.95 -1.01 7.89
C LEU A 23 -3.73 -2.12 8.60
N LYS A 24 -3.10 -2.78 9.58
CA LYS A 24 -3.70 -3.88 10.33
C LYS A 24 -5.02 -3.47 10.98
N GLN A 25 -5.09 -2.32 11.66
CA GLN A 25 -6.29 -1.87 12.34
C GLN A 25 -7.38 -1.56 11.34
N ASN A 26 -7.04 -0.97 10.19
CA ASN A 26 -8.05 -0.62 9.19
C ASN A 26 -8.63 -1.89 8.54
N ILE A 27 -7.81 -2.90 8.23
CA ILE A 27 -8.28 -4.16 7.66
C ILE A 27 -9.30 -4.82 8.59
N ALA A 28 -9.07 -4.79 9.91
CA ALA A 28 -9.91 -5.45 10.90
C ALA A 28 -11.37 -4.96 10.88
N ALA A 29 -11.67 -3.78 10.33
CA ALA A 29 -13.03 -3.26 10.15
C ALA A 29 -13.35 -2.99 8.66
N ASN A 30 -12.62 -3.66 7.76
CA ASN A 30 -12.69 -3.52 6.30
C ASN A 30 -12.70 -2.04 5.90
N GLN A 31 -11.98 -1.21 6.66
CA GLN A 31 -11.92 0.23 6.46
C GLN A 31 -10.98 0.56 5.31
N LEU A 32 -10.17 -0.39 4.84
CA LEU A 32 -8.95 -0.07 4.14
C LEU A 32 -9.13 -0.39 2.66
N VAL A 33 -8.93 0.58 1.78
CA VAL A 33 -9.09 0.44 0.34
C VAL A 33 -7.74 0.51 -0.32
N TYR A 34 -7.55 -0.28 -1.36
CA TYR A 34 -6.49 -0.17 -2.35
C TYR A 34 -7.10 0.54 -3.56
N GLY A 35 -6.40 1.49 -4.19
CA GLY A 35 -6.89 2.15 -5.39
C GLY A 35 -5.74 2.67 -6.23
N ILE A 36 -6.04 3.28 -7.39
CA ILE A 36 -5.09 3.97 -8.25
C ILE A 36 -5.49 5.46 -8.25
N VAL A 37 -4.47 6.31 -8.36
CA VAL A 37 -4.58 7.75 -8.57
C VAL A 37 -5.44 8.05 -9.81
N LYS A 38 -4.89 7.87 -11.00
CA LYS A 38 -5.26 8.48 -12.29
C LYS A 38 -5.25 10.02 -12.22
N PRO A 39 -5.12 10.72 -13.35
CA PRO A 39 -5.36 12.16 -13.41
C PRO A 39 -6.86 12.49 -13.28
N SER A 40 -7.72 11.47 -13.23
CA SER A 40 -9.15 11.56 -12.97
C SER A 40 -9.49 12.00 -11.54
N ASP A 41 -8.52 12.32 -10.68
CA ASP A 41 -8.72 12.63 -9.27
C ASP A 41 -7.89 13.86 -8.86
N THR A 42 -8.07 14.34 -7.63
CA THR A 42 -7.38 15.48 -7.04
C THR A 42 -6.13 14.96 -6.35
N VAL A 43 -4.95 15.16 -6.94
CA VAL A 43 -3.72 14.50 -6.50
C VAL A 43 -2.49 15.36 -6.79
N PRO A 44 -1.40 15.18 -6.02
CA PRO A 44 -0.14 15.86 -6.26
C PRO A 44 0.53 15.34 -7.54
N ALA A 45 1.54 16.06 -8.04
CA ALA A 45 2.19 15.77 -9.31
C ALA A 45 3.14 14.58 -9.15
N GLY A 46 3.31 13.76 -10.20
CA GLY A 46 4.26 12.66 -10.20
C GLY A 46 3.77 11.43 -9.43
N VAL A 47 2.47 11.14 -9.40
CA VAL A 47 1.91 9.89 -8.92
C VAL A 47 0.85 9.37 -9.91
N ASP A 48 0.96 9.72 -11.20
CA ASP A 48 -0.16 9.77 -12.14
C ASP A 48 -0.89 8.45 -12.39
N ASP A 49 -0.28 7.35 -12.01
CA ASP A 49 -0.76 5.98 -12.09
C ASP A 49 -0.31 5.14 -10.88
N TYR A 50 0.17 5.80 -9.83
CA TYR A 50 0.55 5.14 -8.58
C TYR A 50 -0.71 4.57 -7.93
N SER A 51 -0.55 3.44 -7.26
CA SER A 51 -1.53 2.97 -6.32
C SER A 51 -1.50 3.81 -5.05
N TYR A 52 -2.57 3.73 -4.27
CA TYR A 52 -2.64 4.19 -2.90
C TYR A 52 -3.35 3.15 -2.04
N LEU A 53 -3.34 3.39 -0.74
CA LEU A 53 -4.13 2.70 0.27
C LEU A 53 -4.77 3.79 1.12
N VAL A 54 -6.07 3.70 1.47
CA VAL A 54 -6.68 4.75 2.28
C VAL A 54 -7.79 4.18 3.16
N ALA A 55 -8.05 4.81 4.30
CA ALA A 55 -9.16 4.48 5.17
C ALA A 55 -10.43 5.08 4.57
N ALA A 56 -11.33 4.23 4.10
CA ALA A 56 -12.65 4.49 3.53
C ALA A 56 -13.66 5.11 4.49
N ASP A 57 -13.32 5.17 5.77
CA ASP A 57 -14.06 5.93 6.76
C ASP A 57 -13.29 7.18 7.14
N ASP A 58 -11.98 7.05 7.25
CA ASP A 58 -11.13 8.09 7.77
C ASP A 58 -10.59 8.89 6.58
N GLN A 59 -11.52 9.31 5.69
CA GLN A 59 -11.17 9.82 4.37
C GLN A 59 -10.43 11.17 4.35
N ASP A 60 -10.19 11.81 5.50
CA ASP A 60 -9.27 12.96 5.69
C ASP A 60 -8.22 12.67 6.79
N GLY A 61 -8.09 11.40 7.16
CA GLY A 61 -7.09 10.93 8.10
C GLY A 61 -5.74 10.75 7.41
N THR A 62 -5.50 9.57 6.85
CA THR A 62 -4.18 9.18 6.34
C THR A 62 -4.34 8.62 4.92
N ILE A 63 -3.25 8.57 4.15
CA ILE A 63 -3.18 7.89 2.87
C ILE A 63 -1.72 7.50 2.61
N ILE A 64 -1.46 6.44 1.83
CA ILE A 64 -0.11 5.99 1.52
C ILE A 64 -0.02 5.59 0.03
N PHE A 65 0.72 6.33 -0.81
CA PHE A 65 0.93 6.00 -2.24
C PHE A 65 2.10 5.04 -2.41
N PHE A 66 2.11 4.25 -3.49
CA PHE A 66 3.23 3.39 -3.87
C PHE A 66 3.09 2.98 -5.34
N LYS A 67 4.21 2.65 -5.99
CA LYS A 67 4.21 1.98 -7.29
C LYS A 67 5.37 0.99 -7.33
N ALA A 68 5.08 -0.30 -7.40
CA ALA A 68 6.12 -1.31 -7.51
C ALA A 68 6.48 -1.45 -8.97
N GLU A 69 7.53 -0.73 -9.39
CA GLU A 69 8.02 -0.75 -10.77
C GLU A 69 8.59 -2.13 -11.17
N GLY A 70 8.63 -3.10 -10.25
CA GLY A 70 9.18 -4.41 -10.51
C GLY A 70 10.65 -4.38 -10.13
N GLN A 71 11.06 -5.33 -9.29
CA GLN A 71 12.28 -5.32 -8.49
C GLN A 71 12.49 -4.07 -7.63
N THR A 72 11.75 -2.97 -7.78
CA THR A 72 11.83 -1.78 -6.93
C THR A 72 10.42 -1.17 -6.77
N VAL A 73 10.20 -0.41 -5.69
CA VAL A 73 8.90 0.17 -5.35
C VAL A 73 9.04 1.51 -4.67
N ILE A 74 8.71 2.58 -5.38
CA ILE A 74 8.74 3.92 -4.86
C ILE A 74 7.47 4.09 -4.02
N ILE A 75 7.64 4.13 -2.70
CA ILE A 75 6.59 4.39 -1.72
C ILE A 75 6.61 5.88 -1.38
N LYS A 76 5.48 6.56 -1.52
CA LYS A 76 5.31 8.01 -1.39
C LYS A 76 4.24 8.23 -0.32
N TYR A 77 4.60 8.58 0.91
CA TYR A 77 3.63 8.72 2.01
C TYR A 77 3.59 10.16 2.53
N THR A 78 2.56 10.49 3.33
CA THR A 78 2.42 11.76 4.02
C THR A 78 1.69 11.54 5.35
N SER A 79 1.69 12.57 6.19
CA SER A 79 0.98 12.69 7.46
C SER A 79 -0.18 13.68 7.36
N GLN A 80 -0.35 14.32 6.20
CA GLN A 80 -1.44 15.23 5.91
C GLN A 80 -1.99 14.92 4.53
N ARG A 81 -3.32 14.80 4.42
CA ARG A 81 -3.99 14.52 3.15
C ARG A 81 -3.66 15.52 2.06
N ASN A 82 -3.25 16.74 2.41
CA ASN A 82 -3.14 17.88 1.50
C ASN A 82 -1.75 18.17 0.95
N THR A 83 -0.73 17.39 1.30
CA THR A 83 0.67 17.80 1.05
C THR A 83 1.42 16.87 0.09
N LYS A 84 2.60 17.29 -0.39
CA LYS A 84 3.45 16.47 -1.26
C LYS A 84 4.10 15.36 -0.42
N LEU A 85 4.44 14.23 -1.06
CA LEU A 85 4.82 13.00 -0.38
C LEU A 85 6.32 12.96 -0.08
N LYS A 86 6.71 12.07 0.84
CA LYS A 86 8.09 11.65 1.09
C LYS A 86 8.57 10.74 -0.06
N ALA A 87 9.76 10.15 0.03
CA ALA A 87 10.31 9.25 -0.98
C ALA A 87 11.10 8.10 -0.33
N LYS A 88 10.46 6.96 -0.10
CA LYS A 88 11.14 5.67 0.18
C LYS A 88 11.06 4.86 -1.12
N ALA A 89 12.02 3.98 -1.41
CA ALA A 89 12.00 3.09 -2.55
C ALA A 89 12.57 1.75 -2.08
N LEU A 90 11.90 0.60 -2.24
CA LEU A 90 12.49 -0.65 -1.72
C LEU A 90 12.64 -1.61 -2.85
N THR A 91 13.51 -2.62 -2.76
CA THR A 91 13.43 -3.71 -3.72
C THR A 91 12.22 -4.58 -3.40
N LEU A 92 11.69 -5.32 -4.39
CA LEU A 92 10.72 -6.36 -4.08
C LEU A 92 11.35 -7.39 -3.14
N SER A 93 12.64 -7.66 -3.33
CA SER A 93 13.33 -8.65 -2.54
C SER A 93 13.43 -8.20 -1.07
N GLN A 94 13.63 -6.89 -0.83
CA GLN A 94 13.59 -6.29 0.50
C GLN A 94 12.28 -6.70 1.19
N LEU A 95 11.13 -6.37 0.59
CA LEU A 95 9.82 -6.60 1.18
C LEU A 95 9.61 -8.07 1.54
N LYS A 96 10.06 -8.98 0.68
CA LYS A 96 9.91 -10.41 0.94
C LYS A 96 10.70 -10.80 2.17
N LYS A 97 11.94 -10.33 2.30
CA LYS A 97 12.80 -10.68 3.41
C LYS A 97 12.30 -10.05 4.70
N GLU A 98 11.73 -8.85 4.63
CA GLU A 98 11.17 -8.16 5.77
C GLU A 98 9.92 -8.92 6.25
N PHE A 99 8.91 -9.08 5.38
CA PHE A 99 7.55 -9.42 5.79
C PHE A 99 6.92 -10.53 4.97
N TYR A 100 7.69 -11.36 4.24
CA TYR A 100 7.10 -12.54 3.59
C TYR A 100 8.01 -13.77 3.65
N GLN A 101 8.24 -14.31 4.85
CA GLN A 101 9.27 -15.31 5.12
C GLN A 101 8.81 -16.68 5.66
N THR A 102 7.66 -16.79 6.32
CA THR A 102 7.19 -18.01 7.00
C THR A 102 5.69 -18.15 6.75
N ARG A 103 5.12 -19.36 6.76
CA ARG A 103 3.69 -19.56 6.45
C ARG A 103 2.78 -18.79 7.39
N SER A 104 3.20 -18.59 8.63
CA SER A 104 2.43 -17.86 9.61
C SER A 104 2.03 -16.50 9.06
N GLN A 105 2.97 -15.73 8.48
CA GLN A 105 2.55 -14.42 7.99
C GLN A 105 1.71 -14.63 6.72
N LYS A 106 2.01 -15.65 5.91
CA LYS A 106 1.19 -16.00 4.75
C LYS A 106 -0.23 -16.44 5.08
N ARG A 107 -0.64 -16.54 6.35
CA ARG A 107 -2.05 -16.44 6.68
C ARG A 107 -2.37 -14.95 6.60
N GLU A 108 -2.06 -14.22 7.67
CA GLU A 108 -2.60 -12.89 7.90
C GLU A 108 -2.31 -11.91 6.78
N VAL A 109 -1.06 -11.84 6.35
CA VAL A 109 -0.57 -10.98 5.29
C VAL A 109 -1.33 -11.26 3.98
N ASP A 110 -1.65 -12.51 3.69
CA ASP A 110 -2.45 -12.89 2.51
C ASP A 110 -3.94 -12.63 2.75
N ASP A 111 -4.43 -12.77 3.99
CA ASP A 111 -5.81 -12.45 4.35
C ASP A 111 -6.08 -10.95 4.30
N TYR A 112 -5.09 -10.09 4.58
CA TYR A 112 -5.22 -8.64 4.40
C TYR A 112 -5.46 -8.28 2.93
N VAL A 113 -5.03 -9.13 1.99
CA VAL A 113 -5.30 -8.94 0.57
C VAL A 113 -6.73 -9.37 0.24
N ALA A 114 -7.44 -10.04 1.16
CA ALA A 114 -8.86 -10.38 1.02
C ALA A 114 -9.74 -9.49 1.91
N GLY A 115 -9.16 -8.82 2.92
CA GLY A 115 -9.84 -7.92 3.85
C GLY A 115 -9.75 -6.45 3.44
N LEU A 116 -9.41 -6.17 2.18
CA LEU A 116 -9.31 -4.83 1.64
C LEU A 116 -10.50 -4.54 0.72
N ARG A 117 -10.87 -3.26 0.70
CA ARG A 117 -11.70 -2.62 -0.30
C ARG A 117 -10.85 -2.39 -1.55
N THR A 118 -11.48 -2.00 -2.66
CA THR A 118 -10.81 -1.70 -3.92
C THR A 118 -11.33 -0.40 -4.58
N GLU A 119 -12.35 0.19 -3.97
CA GLU A 119 -13.05 1.44 -4.27
C GLU A 119 -14.05 1.66 -3.14
N GLY A 1 5.97 -10.37 -20.46
CA GLY A 1 5.38 -11.70 -20.49
C GLY A 1 5.01 -12.15 -19.08
N HIS A 2 5.95 -12.69 -18.32
CA HIS A 2 5.69 -13.04 -16.92
C HIS A 2 5.70 -11.78 -16.05
N MET A 3 5.02 -11.84 -14.92
CA MET A 3 4.99 -10.81 -13.88
C MET A 3 5.51 -11.38 -12.56
N LYS A 4 5.73 -10.52 -11.55
CA LYS A 4 6.13 -10.90 -10.20
C LYS A 4 5.33 -10.05 -9.22
N PHE A 5 4.90 -10.67 -8.11
CA PHE A 5 3.87 -10.17 -7.19
C PHE A 5 2.59 -9.69 -7.93
N THR A 6 1.64 -9.08 -7.22
CA THR A 6 0.41 -8.46 -7.69
C THR A 6 0.22 -7.18 -6.84
N ASP A 7 -0.32 -6.08 -7.39
CA ASP A 7 -0.40 -4.80 -6.67
C ASP A 7 -1.09 -4.99 -5.32
N GLN A 8 -2.18 -5.77 -5.33
CA GLN A 8 -2.94 -6.18 -4.15
C GLN A 8 -2.00 -6.65 -3.03
N GLN A 9 -1.10 -7.61 -3.33
CA GLN A 9 -0.17 -8.20 -2.36
C GLN A 9 0.89 -7.19 -1.91
N ILE A 10 1.34 -6.33 -2.82
CA ILE A 10 2.44 -5.41 -2.59
C ILE A 10 1.98 -4.30 -1.64
N GLY A 11 0.75 -3.80 -1.79
CA GLY A 11 0.29 -2.68 -0.99
C GLY A 11 0.22 -3.03 0.50
N VAL A 12 -0.15 -4.27 0.85
CA VAL A 12 -0.11 -4.73 2.23
C VAL A 12 1.32 -4.69 2.75
N LEU A 13 2.29 -5.16 1.96
CA LEU A 13 3.70 -5.13 2.31
C LEU A 13 4.20 -3.69 2.46
N ALA A 14 3.73 -2.76 1.62
CA ALA A 14 4.08 -1.35 1.70
C ALA A 14 3.49 -0.71 2.96
N GLY A 15 2.24 -1.04 3.31
CA GLY A 15 1.61 -0.54 4.54
C GLY A 15 2.26 -1.15 5.78
N LEU A 16 2.72 -2.40 5.72
CA LEU A 16 3.50 -2.97 6.82
C LEU A 16 4.82 -2.23 7.02
N ALA A 17 5.38 -1.67 5.94
CA ALA A 17 6.55 -0.81 6.03
C ALA A 17 6.23 0.55 6.66
N ILE A 18 4.99 1.06 6.54
CA ILE A 18 4.63 2.44 6.81
C ILE A 18 3.32 2.42 7.62
N SER A 19 3.44 2.52 8.94
CA SER A 19 2.31 2.48 9.86
C SER A 19 1.58 1.12 9.74
N PRO A 20 2.24 0.02 10.14
CA PRO A 20 1.68 -1.32 10.05
C PRO A 20 0.40 -1.43 10.87
N GLU A 21 0.30 -0.73 11.99
CA GLU A 21 -0.90 -0.80 12.81
C GLU A 21 -2.09 -0.10 12.15
N TRP A 22 -1.89 1.03 11.49
CA TRP A 22 -2.96 1.69 10.72
C TRP A 22 -3.49 0.71 9.68
N LEU A 23 -2.58 0.14 8.87
CA LEU A 23 -2.86 -0.93 7.90
C LEU A 23 -3.72 -2.01 8.57
N LYS A 24 -3.24 -2.60 9.68
CA LYS A 24 -3.89 -3.70 10.38
C LYS A 24 -5.27 -3.32 10.91
N GLN A 25 -5.44 -2.12 11.47
CA GLN A 25 -6.73 -1.68 12.02
C GLN A 25 -7.75 -1.51 10.89
N ASN A 26 -7.36 -0.82 9.81
CA ASN A 26 -8.23 -0.58 8.66
C ASN A 26 -8.73 -1.92 8.09
N ILE A 27 -7.84 -2.91 7.99
CA ILE A 27 -8.17 -4.27 7.58
C ILE A 27 -9.16 -4.89 8.55
N ALA A 28 -8.85 -4.90 9.85
CA ALA A 28 -9.68 -5.55 10.86
C ALA A 28 -11.13 -5.05 10.78
N ALA A 29 -11.30 -3.75 10.59
CA ALA A 29 -12.60 -3.10 10.46
C ALA A 29 -13.34 -3.39 9.15
N ASN A 30 -12.70 -4.04 8.18
CA ASN A 30 -13.12 -4.13 6.78
C ASN A 30 -13.45 -2.74 6.22
N GLN A 31 -12.63 -1.74 6.55
CA GLN A 31 -12.79 -0.36 6.07
C GLN A 31 -11.67 0.08 5.11
N LEU A 32 -10.64 -0.74 4.90
CA LEU A 32 -9.54 -0.41 3.99
C LEU A 32 -10.00 -0.52 2.55
N VAL A 33 -9.77 0.53 1.75
CA VAL A 33 -9.94 0.53 0.31
C VAL A 33 -8.54 0.68 -0.31
N TYR A 34 -8.37 0.12 -1.50
CA TYR A 34 -7.21 0.18 -2.36
C TYR A 34 -7.65 0.81 -3.68
N GLY A 35 -6.76 1.53 -4.35
CA GLY A 35 -7.08 2.19 -5.60
C GLY A 35 -5.83 2.60 -6.36
N ILE A 36 -6.04 3.15 -7.55
CA ILE A 36 -5.02 3.82 -8.36
C ILE A 36 -5.31 5.32 -8.27
N VAL A 37 -4.24 6.13 -8.35
CA VAL A 37 -4.30 7.58 -8.45
C VAL A 37 -5.22 8.00 -9.59
N LYS A 38 -4.74 8.10 -10.84
CA LYS A 38 -5.44 8.74 -11.97
C LYS A 38 -5.85 10.21 -11.67
N PRO A 39 -6.21 11.00 -12.69
CA PRO A 39 -6.62 12.40 -12.52
C PRO A 39 -8.10 12.59 -12.15
N SER A 40 -8.91 11.52 -12.08
CA SER A 40 -10.34 11.58 -11.82
C SER A 40 -10.69 12.23 -10.46
N ASP A 41 -9.77 12.22 -9.51
CA ASP A 41 -9.81 12.86 -8.20
C ASP A 41 -8.56 13.74 -8.07
N THR A 42 -8.53 14.64 -7.08
CA THR A 42 -7.31 15.39 -6.78
C THR A 42 -6.23 14.41 -6.26
N VAL A 43 -4.99 14.73 -6.59
CA VAL A 43 -3.79 14.04 -6.13
C VAL A 43 -2.61 15.02 -6.14
N PRO A 44 -1.51 14.72 -5.44
CA PRO A 44 -0.28 15.49 -5.53
C PRO A 44 0.46 15.17 -6.83
N ALA A 45 1.46 15.98 -7.17
CA ALA A 45 2.37 15.73 -8.26
C ALA A 45 3.29 14.56 -7.93
N GLY A 46 3.55 13.69 -8.91
CA GLY A 46 4.56 12.65 -8.87
C GLY A 46 4.00 11.30 -8.41
N VAL A 47 2.79 10.92 -8.81
CA VAL A 47 2.13 9.65 -8.47
C VAL A 47 1.14 9.22 -9.58
N ASP A 48 1.32 9.60 -10.85
CA ASP A 48 0.21 9.79 -11.81
C ASP A 48 -0.59 8.54 -12.22
N ASP A 49 -0.01 7.39 -11.93
CA ASP A 49 -0.59 6.03 -11.99
C ASP A 49 0.19 5.19 -10.97
N TYR A 50 0.26 5.71 -9.74
CA TYR A 50 0.65 4.95 -8.57
C TYR A 50 -0.62 4.35 -7.97
N SER A 51 -0.47 3.25 -7.24
CA SER A 51 -1.51 2.76 -6.35
C SER A 51 -1.52 3.61 -5.09
N TYR A 52 -2.62 3.54 -4.34
CA TYR A 52 -2.73 4.06 -2.99
C TYR A 52 -3.56 3.11 -2.14
N LEU A 53 -3.56 3.38 -0.84
CA LEU A 53 -4.34 2.72 0.17
C LEU A 53 -4.81 3.79 1.16
N VAL A 54 -6.06 3.70 1.60
CA VAL A 54 -6.68 4.61 2.57
C VAL A 54 -7.94 3.90 3.11
N ALA A 55 -8.42 4.24 4.31
CA ALA A 55 -9.72 3.75 4.76
C ALA A 55 -10.82 4.55 4.07
N ALA A 56 -12.03 3.99 3.98
CA ALA A 56 -13.20 4.66 3.40
C ALA A 56 -13.61 5.92 4.16
N ASP A 57 -13.21 6.03 5.42
CA ASP A 57 -13.48 7.21 6.26
C ASP A 57 -12.27 8.12 6.34
N ASP A 58 -11.05 7.57 6.28
CA ASP A 58 -9.75 8.25 6.36
C ASP A 58 -9.45 9.08 5.10
N GLN A 59 -10.45 9.32 4.26
CA GLN A 59 -10.33 9.93 2.93
C GLN A 59 -9.72 11.34 2.95
N ASP A 60 -9.59 11.97 4.11
CA ASP A 60 -8.95 13.28 4.26
C ASP A 60 -7.77 13.23 5.25
N GLY A 61 -7.50 12.08 5.88
CA GLY A 61 -6.50 11.93 6.93
C GLY A 61 -5.16 11.42 6.38
N THR A 62 -4.99 10.11 6.29
CA THR A 62 -3.74 9.46 5.88
C THR A 62 -3.87 8.95 4.44
N ILE A 63 -2.76 8.58 3.81
CA ILE A 63 -2.72 7.82 2.56
C ILE A 63 -1.30 7.30 2.35
N ILE A 64 -1.13 6.16 1.67
CA ILE A 64 0.16 5.58 1.38
C ILE A 64 0.17 5.16 -0.09
N PHE A 65 0.76 5.99 -0.96
CA PHE A 65 0.92 5.66 -2.37
C PHE A 65 2.10 4.70 -2.54
N PHE A 66 2.09 3.87 -3.58
CA PHE A 66 3.27 3.10 -4.00
C PHE A 66 3.13 2.71 -5.46
N LYS A 67 4.25 2.40 -6.11
CA LYS A 67 4.29 1.76 -7.42
C LYS A 67 5.45 0.80 -7.38
N ALA A 68 5.20 -0.51 -7.32
CA ALA A 68 6.27 -1.48 -7.52
C ALA A 68 6.41 -1.65 -9.02
N GLU A 69 7.62 -1.91 -9.48
CA GLU A 69 8.06 -1.86 -10.87
C GLU A 69 9.13 -2.93 -11.08
N GLY A 70 10.01 -2.72 -12.05
CA GLY A 70 11.19 -3.52 -12.31
C GLY A 70 12.05 -3.66 -11.05
N GLN A 71 11.76 -4.70 -10.26
CA GLN A 71 12.43 -5.09 -9.03
C GLN A 71 12.54 -3.99 -7.96
N THR A 72 11.88 -2.84 -8.15
CA THR A 72 11.95 -1.67 -7.29
C THR A 72 10.51 -1.29 -6.89
N VAL A 73 10.32 -0.47 -5.85
CA VAL A 73 9.03 0.06 -5.43
C VAL A 73 9.16 1.40 -4.77
N ILE A 74 8.77 2.45 -5.47
CA ILE A 74 8.69 3.78 -4.92
C ILE A 74 7.46 3.78 -4.01
N ILE A 75 7.64 3.58 -2.71
CA ILE A 75 6.62 3.91 -1.72
C ILE A 75 6.70 5.43 -1.53
N LYS A 76 5.55 6.09 -1.66
CA LYS A 76 5.39 7.53 -1.52
C LYS A 76 4.28 7.78 -0.51
N TYR A 77 4.65 8.01 0.75
CA TYR A 77 3.72 8.14 1.86
C TYR A 77 3.90 9.48 2.55
N THR A 78 2.98 9.87 3.41
CA THR A 78 2.88 11.23 3.93
C THR A 78 2.76 11.19 5.45
N SER A 79 2.33 12.29 6.03
CA SER A 79 1.61 12.32 7.29
C SER A 79 0.25 13.01 7.15
N GLN A 80 -0.07 13.49 5.95
CA GLN A 80 -1.35 14.13 5.62
C GLN A 80 -1.68 14.00 4.14
N ARG A 81 -2.97 13.85 3.81
CA ARG A 81 -3.45 13.98 2.43
C ARG A 81 -3.01 15.28 1.77
N ASN A 82 -2.89 16.37 2.53
CA ASN A 82 -2.59 17.71 1.98
C ASN A 82 -1.15 18.00 1.63
N THR A 83 -0.24 17.11 1.94
CA THR A 83 1.20 17.38 1.89
C THR A 83 1.99 16.28 1.17
N LYS A 84 3.23 16.62 0.78
CA LYS A 84 4.01 15.84 -0.17
C LYS A 84 4.44 14.50 0.42
N LEU A 85 4.85 13.60 -0.46
CA LEU A 85 5.18 12.24 -0.12
C LEU A 85 6.68 12.15 0.12
N LYS A 86 7.05 11.41 1.16
CA LYS A 86 8.40 10.87 1.36
C LYS A 86 8.75 9.94 0.20
N ALA A 87 10.02 9.55 0.11
CA ALA A 87 10.54 8.66 -0.93
C ALA A 87 11.28 7.49 -0.29
N LYS A 88 10.54 6.39 -0.03
CA LYS A 88 11.08 5.11 0.40
C LYS A 88 10.97 4.19 -0.80
N ALA A 89 11.95 4.23 -1.72
CA ALA A 89 12.04 3.20 -2.74
C ALA A 89 12.53 1.92 -2.06
N LEU A 90 12.00 0.73 -2.38
CA LEU A 90 12.60 -0.50 -1.87
C LEU A 90 12.70 -1.46 -3.05
N THR A 91 13.15 -2.68 -2.84
CA THR A 91 13.12 -3.69 -3.87
C THR A 91 11.96 -4.65 -3.65
N LEU A 92 11.50 -5.29 -4.72
CA LEU A 92 10.60 -6.45 -4.63
C LEU A 92 11.24 -7.60 -3.85
N SER A 93 12.55 -7.58 -3.66
CA SER A 93 13.25 -8.52 -2.80
C SER A 93 13.09 -8.09 -1.35
N GLN A 94 13.38 -6.82 -1.01
CA GLN A 94 13.21 -6.26 0.32
C GLN A 94 11.86 -6.67 0.88
N LEU A 95 10.75 -6.29 0.25
CA LEU A 95 9.44 -6.44 0.87
C LEU A 95 9.14 -7.89 1.25
N LYS A 96 9.56 -8.87 0.43
CA LYS A 96 9.45 -10.28 0.77
C LYS A 96 10.32 -10.62 1.98
N LYS A 97 11.55 -10.13 1.99
CA LYS A 97 12.55 -10.28 3.05
C LYS A 97 12.26 -9.40 4.29
N GLU A 98 11.21 -8.58 4.26
CA GLU A 98 10.79 -7.69 5.32
C GLU A 98 9.55 -8.26 6.00
N PHE A 99 8.56 -8.69 5.21
CA PHE A 99 7.20 -8.99 5.67
C PHE A 99 6.61 -10.26 5.03
N TYR A 100 7.43 -11.13 4.43
CA TYR A 100 6.91 -12.38 3.87
C TYR A 100 7.84 -13.58 4.12
N GLN A 101 8.82 -13.46 5.02
CA GLN A 101 9.72 -14.53 5.41
C GLN A 101 9.02 -15.79 5.95
N THR A 102 8.34 -15.69 7.09
CA THR A 102 7.88 -16.90 7.77
C THR A 102 6.69 -17.55 7.03
N ARG A 103 6.17 -18.66 7.54
CA ARG A 103 4.93 -19.27 7.06
C ARG A 103 3.72 -18.59 7.66
N SER A 104 3.64 -18.53 8.98
CA SER A 104 2.40 -18.12 9.61
C SER A 104 2.10 -16.65 9.29
N GLN A 105 3.13 -15.84 9.02
CA GLN A 105 2.97 -14.46 8.57
C GLN A 105 2.11 -14.40 7.31
N LYS A 106 2.27 -15.37 6.41
CA LYS A 106 1.53 -15.41 5.15
C LYS A 106 0.04 -15.52 5.41
N ARG A 107 -0.37 -16.13 6.53
CA ARG A 107 -1.78 -16.29 6.84
C ARG A 107 -2.39 -14.90 7.03
N GLU A 108 -1.75 -14.08 7.88
CA GLU A 108 -2.16 -12.73 8.15
C GLU A 108 -2.04 -11.87 6.90
N VAL A 109 -0.84 -11.77 6.33
CA VAL A 109 -0.58 -10.93 5.17
C VAL A 109 -1.62 -11.23 4.08
N ASP A 110 -1.83 -12.49 3.70
CA ASP A 110 -2.74 -12.84 2.63
C ASP A 110 -4.22 -12.69 3.03
N ASP A 111 -4.53 -12.79 4.34
CA ASP A 111 -5.81 -12.40 4.89
C ASP A 111 -6.05 -10.92 4.64
N TYR A 112 -5.07 -10.07 4.93
CA TYR A 112 -5.14 -8.64 4.73
C TYR A 112 -5.36 -8.34 3.23
N VAL A 113 -4.67 -9.06 2.34
CA VAL A 113 -4.79 -8.83 0.90
C VAL A 113 -6.21 -9.13 0.41
N ALA A 114 -6.99 -9.95 1.12
CA ALA A 114 -8.39 -10.21 0.76
C ALA A 114 -9.38 -9.46 1.65
N GLY A 115 -8.94 -8.93 2.80
CA GLY A 115 -9.74 -8.10 3.69
C GLY A 115 -9.85 -6.68 3.14
N LEU A 116 -8.87 -6.22 2.36
CA LEU A 116 -8.93 -4.92 1.71
C LEU A 116 -9.93 -4.95 0.55
N ARG A 117 -10.58 -3.81 0.33
CA ARG A 117 -11.61 -3.61 -0.67
C ARG A 117 -10.99 -2.78 -1.80
N THR A 118 -11.65 -2.68 -2.96
CA THR A 118 -11.18 -1.83 -4.06
C THR A 118 -12.26 -0.85 -4.54
N GLU A 119 -13.41 -0.86 -3.88
CA GLU A 119 -14.59 -0.04 -4.15
C GLU A 119 -15.47 -0.09 -2.91
N GLY A 1 0.93 -8.20 -18.96
CA GLY A 1 1.16 -7.22 -17.90
C GLY A 1 1.52 -7.91 -16.58
N HIS A 2 0.52 -8.45 -15.87
CA HIS A 2 0.63 -8.96 -14.50
C HIS A 2 1.60 -10.15 -14.42
N MET A 3 2.87 -9.97 -14.01
CA MET A 3 3.78 -11.10 -13.81
C MET A 3 4.89 -10.72 -12.83
N LYS A 4 5.22 -11.66 -11.92
CA LYS A 4 6.04 -11.54 -10.72
C LYS A 4 5.24 -10.81 -9.65
N PHE A 5 4.70 -11.57 -8.68
CA PHE A 5 3.87 -11.05 -7.60
C PHE A 5 2.66 -10.29 -8.16
N THR A 6 1.83 -9.66 -7.33
CA THR A 6 0.64 -8.95 -7.80
C THR A 6 0.42 -7.67 -7.01
N ASP A 7 -0.25 -6.68 -7.64
CA ASP A 7 -0.32 -5.30 -7.14
C ASP A 7 -0.99 -5.27 -5.77
N GLN A 8 -2.03 -6.08 -5.55
CA GLN A 8 -2.77 -6.07 -4.29
C GLN A 8 -1.85 -6.52 -3.16
N GLN A 9 -1.16 -7.65 -3.39
CA GLN A 9 -0.28 -8.29 -2.43
C GLN A 9 0.87 -7.33 -2.08
N ILE A 10 1.49 -6.71 -3.09
CA ILE A 10 2.60 -5.79 -2.90
C ILE A 10 2.14 -4.58 -2.07
N GLY A 11 0.92 -4.08 -2.28
CA GLY A 11 0.42 -2.92 -1.56
C GLY A 11 0.19 -3.18 -0.07
N VAL A 12 0.05 -4.45 0.35
CA VAL A 12 0.03 -4.78 1.76
C VAL A 12 1.42 -4.58 2.31
N LEU A 13 2.43 -5.18 1.67
CA LEU A 13 3.80 -5.11 2.17
C LEU A 13 4.32 -3.67 2.15
N ALA A 14 3.93 -2.88 1.14
CA ALA A 14 4.20 -1.44 1.11
C ALA A 14 3.67 -0.74 2.36
N GLY A 15 2.42 -0.99 2.74
CA GLY A 15 1.85 -0.40 3.95
C GLY A 15 2.54 -0.94 5.20
N LEU A 16 2.97 -2.21 5.22
CA LEU A 16 3.66 -2.75 6.39
C LEU A 16 5.01 -2.07 6.63
N ALA A 17 5.66 -1.54 5.60
CA ALA A 17 6.87 -0.74 5.79
C ALA A 17 6.56 0.69 6.29
N ILE A 18 5.30 1.15 6.22
CA ILE A 18 4.93 2.55 6.40
C ILE A 18 3.68 2.59 7.29
N SER A 19 3.88 2.65 8.61
CA SER A 19 2.81 2.67 9.61
C SER A 19 2.03 1.34 9.58
N PRO A 20 2.68 0.19 9.84
CA PRO A 20 2.02 -1.12 9.82
C PRO A 20 0.85 -1.21 10.80
N GLU A 21 0.94 -0.54 11.94
CA GLU A 21 -0.13 -0.52 12.95
C GLU A 21 -1.40 0.13 12.42
N TRP A 22 -1.27 1.17 11.57
CA TRP A 22 -2.42 1.79 10.93
C TRP A 22 -3.05 0.75 10.02
N LEU A 23 -2.27 0.20 9.09
CA LEU A 23 -2.75 -0.83 8.17
C LEU A 23 -3.47 -1.94 8.95
N LYS A 24 -2.85 -2.46 10.01
CA LYS A 24 -3.42 -3.47 10.88
C LYS A 24 -4.77 -3.04 11.46
N GLN A 25 -4.83 -1.86 12.11
CA GLN A 25 -6.07 -1.37 12.70
C GLN A 25 -7.19 -1.25 11.66
N ASN A 26 -6.84 -0.76 10.49
CA ASN A 26 -7.76 -0.54 9.39
C ASN A 26 -8.32 -1.88 8.89
N ILE A 27 -7.44 -2.85 8.57
CA ILE A 27 -7.81 -4.17 8.07
C ILE A 27 -8.73 -4.88 9.08
N ALA A 28 -8.41 -4.76 10.38
CA ALA A 28 -9.17 -5.37 11.45
C ALA A 28 -10.59 -4.80 11.57
N ALA A 29 -10.91 -3.73 10.84
CA ALA A 29 -12.22 -3.11 10.74
C ALA A 29 -12.74 -3.08 9.29
N ASN A 30 -12.01 -3.72 8.35
CA ASN A 30 -12.19 -3.61 6.90
C ASN A 30 -12.39 -2.16 6.45
N GLN A 31 -11.74 -1.23 7.14
CA GLN A 31 -11.73 0.19 6.84
C GLN A 31 -10.43 0.46 6.09
N LEU A 32 -10.03 -0.40 5.14
CA LEU A 32 -8.89 -0.11 4.29
C LEU A 32 -9.26 -0.42 2.84
N VAL A 33 -8.79 0.41 1.90
CA VAL A 33 -8.94 0.25 0.46
C VAL A 33 -7.60 0.29 -0.23
N TYR A 34 -7.60 -0.12 -1.49
CA TYR A 34 -6.51 -0.12 -2.43
C TYR A 34 -7.13 0.50 -3.68
N GLY A 35 -6.58 1.61 -4.14
CA GLY A 35 -7.04 2.31 -5.35
C GLY A 35 -5.85 2.71 -6.20
N ILE A 36 -6.11 3.38 -7.33
CA ILE A 36 -5.10 3.98 -8.21
C ILE A 36 -5.44 5.48 -8.33
N VAL A 37 -4.40 6.31 -8.42
CA VAL A 37 -4.41 7.75 -8.64
C VAL A 37 -5.36 8.14 -9.78
N LYS A 38 -5.00 7.90 -11.05
CA LYS A 38 -5.68 8.47 -12.22
C LYS A 38 -5.70 10.02 -12.16
N PRO A 39 -6.04 10.73 -13.25
CA PRO A 39 -6.06 12.20 -13.26
C PRO A 39 -7.32 12.77 -12.60
N SER A 40 -8.24 11.89 -12.20
CA SER A 40 -9.58 12.13 -11.73
C SER A 40 -9.58 13.03 -10.49
N ASP A 41 -9.28 12.45 -9.34
CA ASP A 41 -9.24 13.15 -8.07
C ASP A 41 -7.91 13.89 -7.96
N THR A 42 -7.91 14.97 -7.18
CA THR A 42 -6.83 15.93 -7.11
C THR A 42 -5.62 15.28 -6.43
N VAL A 43 -4.49 15.23 -7.11
CA VAL A 43 -3.28 14.54 -6.65
C VAL A 43 -2.06 15.42 -6.89
N PRO A 44 -0.93 15.15 -6.21
CA PRO A 44 0.34 15.79 -6.50
C PRO A 44 0.88 15.31 -7.86
N ALA A 45 1.94 15.96 -8.33
CA ALA A 45 2.68 15.52 -9.49
C ALA A 45 3.58 14.33 -9.13
N GLY A 46 3.85 13.46 -10.10
CA GLY A 46 4.79 12.35 -9.99
C GLY A 46 4.18 11.22 -9.17
N VAL A 47 2.94 10.83 -9.49
CA VAL A 47 2.25 9.64 -8.98
C VAL A 47 1.24 9.13 -10.02
N ASP A 48 1.43 9.37 -11.32
CA ASP A 48 0.32 9.49 -12.30
C ASP A 48 -0.54 8.24 -12.49
N ASP A 49 -0.01 7.13 -12.05
CA ASP A 49 -0.49 5.77 -12.21
C ASP A 49 -0.20 4.93 -10.97
N TYR A 50 0.14 5.58 -9.86
CA TYR A 50 0.47 4.96 -8.59
C TYR A 50 -0.81 4.39 -7.96
N SER A 51 -0.63 3.31 -7.21
CA SER A 51 -1.63 2.85 -6.27
C SER A 51 -1.69 3.78 -5.05
N TYR A 52 -2.76 3.68 -4.27
CA TYR A 52 -2.86 4.27 -2.94
C TYR A 52 -3.61 3.34 -2.01
N LEU A 53 -3.42 3.49 -0.70
CA LEU A 53 -4.17 2.85 0.35
C LEU A 53 -4.83 3.93 1.19
N VAL A 54 -6.11 3.79 1.57
CA VAL A 54 -6.78 4.79 2.42
C VAL A 54 -7.90 4.10 3.23
N ALA A 55 -8.31 4.64 4.39
CA ALA A 55 -9.41 4.07 5.13
C ALA A 55 -10.73 4.72 4.68
N ALA A 56 -11.68 3.91 4.19
CA ALA A 56 -12.85 4.41 3.45
C ALA A 56 -13.83 5.26 4.26
N ASP A 57 -13.66 5.30 5.58
CA ASP A 57 -14.53 6.02 6.50
C ASP A 57 -13.75 7.13 7.22
N ASP A 58 -12.49 7.27 6.85
CA ASP A 58 -11.50 8.21 7.36
C ASP A 58 -10.78 8.79 6.13
N GLN A 59 -11.52 9.04 5.05
CA GLN A 59 -10.87 9.25 3.76
C GLN A 59 -9.99 10.51 3.72
N ASP A 60 -10.08 11.41 4.70
CA ASP A 60 -9.29 12.64 4.86
C ASP A 60 -8.28 12.54 6.02
N GLY A 61 -8.14 11.37 6.66
CA GLY A 61 -7.18 11.12 7.73
C GLY A 61 -5.80 10.83 7.15
N THR A 62 -5.59 9.61 6.67
CA THR A 62 -4.30 9.12 6.19
C THR A 62 -4.43 8.67 4.73
N ILE A 63 -3.30 8.66 4.00
CA ILE A 63 -3.20 7.95 2.74
C ILE A 63 -1.73 7.56 2.55
N ILE A 64 -1.47 6.48 1.81
CA ILE A 64 -0.14 6.07 1.40
C ILE A 64 -0.20 5.74 -0.09
N PHE A 65 0.53 6.46 -0.94
CA PHE A 65 0.70 6.10 -2.35
C PHE A 65 1.83 5.08 -2.47
N PHE A 66 1.84 4.23 -3.51
CA PHE A 66 3.00 3.44 -3.89
C PHE A 66 2.94 3.07 -5.36
N LYS A 67 4.07 2.66 -5.96
CA LYS A 67 4.05 1.93 -7.22
C LYS A 67 5.16 0.90 -7.26
N ALA A 68 4.81 -0.33 -7.61
CA ALA A 68 5.75 -1.35 -8.02
C ALA A 68 6.30 -1.03 -9.40
N GLU A 69 7.60 -0.83 -9.48
CA GLU A 69 8.38 -0.49 -10.66
C GLU A 69 9.58 -1.46 -10.67
N GLY A 70 9.32 -2.72 -11.06
CA GLY A 70 10.33 -3.76 -11.26
C GLY A 70 10.60 -4.55 -9.98
N GLN A 71 11.85 -4.71 -9.58
CA GLN A 71 12.24 -5.26 -8.27
C GLN A 71 12.35 -4.19 -7.19
N THR A 72 11.68 -3.05 -7.36
CA THR A 72 11.60 -1.95 -6.41
C THR A 72 10.16 -1.46 -6.38
N VAL A 73 9.72 -0.98 -5.22
CA VAL A 73 8.47 -0.23 -5.04
C VAL A 73 8.90 1.12 -4.52
N ILE A 74 8.41 2.19 -5.16
CA ILE A 74 8.54 3.54 -4.67
C ILE A 74 7.29 3.78 -3.84
N ILE A 75 7.43 3.84 -2.51
CA ILE A 75 6.33 4.20 -1.64
C ILE A 75 6.39 5.73 -1.49
N LYS A 76 5.25 6.41 -1.45
CA LYS A 76 5.13 7.85 -1.33
C LYS A 76 4.03 8.15 -0.33
N TYR A 77 4.40 8.48 0.91
CA TYR A 77 3.45 8.67 2.00
C TYR A 77 3.46 10.11 2.48
N THR A 78 2.45 10.49 3.26
CA THR A 78 2.34 11.76 3.95
C THR A 78 1.60 11.52 5.27
N SER A 79 1.56 12.55 6.11
CA SER A 79 0.75 12.61 7.31
C SER A 79 -0.43 13.56 7.10
N GLN A 80 -0.78 13.82 5.84
CA GLN A 80 -2.03 14.48 5.47
C GLN A 80 -2.74 13.63 4.41
N ARG A 81 -3.81 14.17 3.82
CA ARG A 81 -4.45 13.60 2.65
C ARG A 81 -3.85 14.07 1.33
N ASN A 82 -3.25 15.25 1.33
CA ASN A 82 -3.20 16.10 0.14
C ASN A 82 -1.89 16.85 -0.05
N THR A 83 -0.81 16.47 0.64
CA THR A 83 0.42 17.28 0.66
C THR A 83 1.64 16.56 0.10
N LYS A 84 2.81 17.24 0.08
CA LYS A 84 4.06 16.70 -0.41
C LYS A 84 4.36 15.37 0.25
N LEU A 85 4.57 14.37 -0.58
CA LEU A 85 4.87 13.00 -0.19
C LEU A 85 6.34 12.90 0.19
N LYS A 86 6.69 11.86 0.96
CA LYS A 86 8.06 11.50 1.29
C LYS A 86 8.68 10.68 0.15
N ALA A 87 9.95 10.30 0.27
CA ALA A 87 10.65 9.38 -0.63
C ALA A 87 11.12 8.15 0.15
N LYS A 88 10.66 6.95 -0.23
CA LYS A 88 11.14 5.66 0.27
C LYS A 88 11.06 4.68 -0.90
N ALA A 89 12.12 3.92 -1.16
CA ALA A 89 12.29 3.07 -2.33
C ALA A 89 12.92 1.77 -1.83
N LEU A 90 12.12 0.69 -1.75
CA LEU A 90 12.53 -0.59 -1.16
C LEU A 90 12.46 -1.65 -2.26
N THR A 91 13.37 -2.63 -2.25
CA THR A 91 13.31 -3.73 -3.20
C THR A 91 12.20 -4.73 -2.85
N LEU A 92 11.68 -5.44 -3.87
CA LEU A 92 10.80 -6.58 -3.64
C LEU A 92 11.52 -7.67 -2.84
N SER A 93 12.86 -7.70 -2.89
CA SER A 93 13.63 -8.59 -2.05
C SER A 93 13.54 -8.19 -0.58
N GLN A 94 13.69 -6.89 -0.24
CA GLN A 94 13.55 -6.37 1.11
C GLN A 94 12.22 -6.83 1.72
N LEU A 95 11.10 -6.38 1.15
CA LEU A 95 9.78 -6.58 1.74
C LEU A 95 9.45 -8.05 1.91
N LYS A 96 9.90 -8.89 0.98
CA LYS A 96 9.61 -10.31 1.02
C LYS A 96 10.36 -10.96 2.17
N LYS A 97 11.56 -10.48 2.49
CA LYS A 97 12.30 -10.95 3.64
C LYS A 97 11.61 -10.44 4.91
N GLU A 98 11.39 -9.13 5.02
CA GLU A 98 10.79 -8.51 6.19
C GLU A 98 9.45 -9.18 6.53
N PHE A 99 8.53 -9.21 5.57
CA PHE A 99 7.11 -9.43 5.82
C PHE A 99 6.54 -10.60 5.02
N TYR A 100 7.35 -11.46 4.40
CA TYR A 100 6.83 -12.65 3.72
C TYR A 100 7.74 -13.89 3.82
N GLN A 101 8.60 -13.99 4.83
CA GLN A 101 9.61 -15.06 4.87
C GLN A 101 9.04 -16.46 5.12
N THR A 102 8.07 -16.56 5.99
CA THR A 102 7.59 -17.78 6.64
C THR A 102 6.22 -18.16 6.04
N ARG A 103 5.67 -19.33 6.40
CA ARG A 103 4.36 -19.79 5.93
C ARG A 103 3.22 -19.15 6.69
N SER A 104 3.30 -19.15 8.02
CA SER A 104 2.26 -18.63 8.88
C SER A 104 1.94 -17.17 8.53
N GLN A 105 2.97 -16.37 8.19
CA GLN A 105 2.78 -14.96 7.84
C GLN A 105 1.91 -14.80 6.59
N LYS A 106 1.94 -15.77 5.68
CA LYS A 106 1.18 -15.72 4.44
C LYS A 106 -0.31 -15.76 4.76
N ARG A 107 -0.72 -16.48 5.80
CA ARG A 107 -2.12 -16.51 6.22
C ARG A 107 -2.58 -15.11 6.54
N GLU A 108 -1.82 -14.38 7.35
CA GLU A 108 -2.22 -13.04 7.75
C GLU A 108 -2.14 -12.10 6.57
N VAL A 109 -0.98 -11.97 5.94
CA VAL A 109 -0.76 -11.09 4.79
C VAL A 109 -1.85 -11.28 3.74
N ASP A 110 -2.09 -12.51 3.28
CA ASP A 110 -3.08 -12.79 2.24
C ASP A 110 -4.53 -12.62 2.76
N ASP A 111 -4.72 -12.62 4.08
CA ASP A 111 -6.00 -12.28 4.71
C ASP A 111 -6.18 -10.76 4.81
N TYR A 112 -5.10 -10.00 4.93
CA TYR A 112 -5.12 -8.55 4.76
C TYR A 112 -5.50 -8.23 3.31
N VAL A 113 -5.05 -9.03 2.32
CA VAL A 113 -5.46 -8.85 0.93
C VAL A 113 -6.97 -9.12 0.78
N ALA A 114 -7.60 -9.90 1.68
CA ALA A 114 -9.04 -10.11 1.69
C ALA A 114 -9.77 -9.07 2.55
N GLY A 115 -9.13 -7.94 2.90
CA GLY A 115 -9.67 -6.92 3.80
C GLY A 115 -9.44 -5.48 3.33
N LEU A 116 -8.96 -5.31 2.08
CA LEU A 116 -8.32 -4.08 1.62
C LEU A 116 -9.03 -3.37 0.47
N ARG A 117 -10.31 -3.66 0.35
CA ARG A 117 -11.32 -3.18 -0.61
C ARG A 117 -10.76 -3.18 -2.02
N THR A 118 -11.41 -2.48 -2.92
CA THR A 118 -10.71 -2.06 -4.13
C THR A 118 -11.24 -0.74 -4.69
N GLU A 119 -12.30 -0.22 -4.09
CA GLU A 119 -13.04 0.93 -4.54
C GLU A 119 -13.91 1.35 -3.37
N GLY A 1 4.29 -22.50 -7.98
CA GLY A 1 2.89 -22.40 -8.41
C GLY A 1 2.56 -21.02 -8.97
N HIS A 2 1.40 -20.85 -9.61
CA HIS A 2 0.99 -19.60 -10.28
C HIS A 2 0.75 -18.39 -9.35
N MET A 3 1.01 -18.53 -8.05
CA MET A 3 0.69 -17.57 -6.99
C MET A 3 1.38 -16.20 -7.16
N LYS A 4 2.60 -16.14 -7.73
CA LYS A 4 3.26 -14.90 -8.15
C LYS A 4 3.35 -13.88 -7.00
N PHE A 5 3.60 -12.62 -7.32
CA PHE A 5 3.08 -11.50 -6.54
C PHE A 5 1.88 -10.93 -7.32
N THR A 6 1.00 -10.17 -6.67
CA THR A 6 0.01 -9.33 -7.34
C THR A 6 0.24 -7.88 -6.91
N ASP A 7 -0.44 -6.94 -7.55
CA ASP A 7 -0.29 -5.52 -7.23
C ASP A 7 -0.73 -5.26 -5.80
N GLN A 8 -1.87 -5.86 -5.41
CA GLN A 8 -2.44 -5.71 -4.07
C GLN A 8 -1.46 -6.22 -3.02
N GLN A 9 -0.92 -7.42 -3.26
CA GLN A 9 -0.02 -8.13 -2.36
C GLN A 9 1.19 -7.27 -2.01
N ILE A 10 1.80 -6.66 -3.02
CA ILE A 10 2.99 -5.84 -2.82
C ILE A 10 2.62 -4.61 -1.97
N GLY A 11 1.39 -4.10 -2.11
CA GLY A 11 0.91 -2.97 -1.35
C GLY A 11 0.77 -3.23 0.14
N VAL A 12 0.48 -4.48 0.54
CA VAL A 12 0.32 -4.82 1.94
C VAL A 12 1.71 -4.89 2.55
N LEU A 13 2.66 -5.53 1.86
CA LEU A 13 4.06 -5.56 2.26
C LEU A 13 4.59 -4.14 2.41
N ALA A 14 4.31 -3.25 1.46
CA ALA A 14 4.71 -1.85 1.52
C ALA A 14 4.13 -1.15 2.76
N GLY A 15 2.85 -1.39 3.06
CA GLY A 15 2.20 -0.76 4.20
C GLY A 15 2.65 -1.36 5.54
N LEU A 16 3.21 -2.57 5.54
CA LEU A 16 3.79 -3.13 6.74
C LEU A 16 5.08 -2.42 7.14
N ALA A 17 5.79 -1.82 6.18
CA ALA A 17 6.94 -0.96 6.45
C ALA A 17 6.51 0.46 6.84
N ILE A 18 5.36 0.94 6.39
CA ILE A 18 4.88 2.30 6.56
C ILE A 18 3.48 2.18 7.16
N SER A 19 3.39 2.27 8.48
CA SER A 19 2.16 2.20 9.26
C SER A 19 1.48 0.81 9.20
N PRO A 20 2.15 -0.25 9.74
CA PRO A 20 1.59 -1.59 9.80
C PRO A 20 0.31 -1.63 10.65
N GLU A 21 0.29 -0.94 11.80
CA GLU A 21 -0.83 -1.05 12.72
C GLU A 21 -2.08 -0.39 12.11
N TRP A 22 -1.94 0.78 11.48
CA TRP A 22 -3.02 1.44 10.78
C TRP A 22 -3.58 0.58 9.65
N LEU A 23 -2.71 -0.15 8.95
CA LEU A 23 -3.12 -1.14 7.96
C LEU A 23 -3.97 -2.19 8.66
N LYS A 24 -3.40 -2.94 9.61
CA LYS A 24 -4.07 -4.07 10.26
C LYS A 24 -5.42 -3.67 10.88
N GLN A 25 -5.51 -2.46 11.45
CA GLN A 25 -6.72 -2.04 12.13
C GLN A 25 -7.90 -1.94 11.16
N ASN A 26 -7.66 -1.34 10.00
CA ASN A 26 -8.67 -1.09 8.99
C ASN A 26 -9.12 -2.39 8.36
N ILE A 27 -8.23 -3.38 8.19
CA ILE A 27 -8.65 -4.74 7.86
C ILE A 27 -9.59 -5.29 8.94
N ALA A 28 -9.29 -5.12 10.23
CA ALA A 28 -10.10 -5.66 11.32
C ALA A 28 -11.52 -5.08 11.41
N ALA A 29 -11.87 -4.09 10.59
CA ALA A 29 -13.24 -3.59 10.44
C ALA A 29 -13.68 -3.58 8.98
N ASN A 30 -12.89 -4.20 8.10
CA ASN A 30 -13.02 -4.23 6.64
C ASN A 30 -13.22 -2.82 6.03
N GLN A 31 -12.65 -1.77 6.64
CA GLN A 31 -12.82 -0.35 6.29
C GLN A 31 -11.80 0.21 5.29
N LEU A 32 -10.88 -0.58 4.74
CA LEU A 32 -9.85 -0.11 3.82
C LEU A 32 -10.35 -0.14 2.38
N VAL A 33 -10.03 0.87 1.57
CA VAL A 33 -10.19 0.86 0.11
C VAL A 33 -8.79 0.92 -0.51
N TYR A 34 -8.48 -0.07 -1.34
CA TYR A 34 -7.48 0.01 -2.39
C TYR A 34 -8.02 0.90 -3.50
N GLY A 35 -7.21 1.82 -4.04
CA GLY A 35 -7.62 2.65 -5.15
C GLY A 35 -6.46 3.00 -6.07
N ILE A 36 -6.81 3.53 -7.24
CA ILE A 36 -5.89 4.08 -8.22
C ILE A 36 -6.25 5.56 -8.36
N VAL A 37 -5.21 6.40 -8.37
CA VAL A 37 -5.24 7.85 -8.48
C VAL A 37 -6.15 8.27 -9.65
N LYS A 38 -5.69 8.01 -10.88
CA LYS A 38 -6.22 8.54 -12.14
C LYS A 38 -6.20 10.08 -12.21
N PRO A 39 -6.24 10.68 -13.41
CA PRO A 39 -6.24 12.12 -13.57
C PRO A 39 -7.56 12.74 -13.12
N SER A 40 -8.58 11.90 -12.90
CA SER A 40 -9.87 12.28 -12.38
C SER A 40 -9.79 12.89 -10.97
N ASP A 41 -8.67 12.77 -10.25
CA ASP A 41 -8.55 13.19 -8.86
C ASP A 41 -7.31 14.04 -8.60
N THR A 42 -7.04 14.37 -7.34
CA THR A 42 -6.36 15.59 -6.93
C THR A 42 -5.21 15.21 -6.00
N VAL A 43 -4.01 15.21 -6.56
CA VAL A 43 -2.87 14.42 -6.10
C VAL A 43 -1.57 15.21 -6.23
N PRO A 44 -0.54 14.83 -5.46
CA PRO A 44 0.77 15.46 -5.56
C PRO A 44 1.45 15.11 -6.90
N ALA A 45 2.57 15.77 -7.16
CA ALA A 45 3.38 15.53 -8.35
C ALA A 45 4.00 14.12 -8.32
N GLY A 46 4.07 13.46 -9.48
CA GLY A 46 4.70 12.16 -9.66
C GLY A 46 3.91 11.05 -9.07
N VAL A 47 2.62 11.12 -9.30
CA VAL A 47 1.67 10.17 -8.87
C VAL A 47 0.38 10.54 -9.57
N ASP A 48 0.30 10.13 -10.82
CA ASP A 48 -0.95 10.05 -11.56
C ASP A 48 -1.52 8.63 -11.57
N ASP A 49 -0.73 7.68 -11.06
CA ASP A 49 -0.99 6.25 -11.21
C ASP A 49 -0.43 5.40 -10.06
N TYR A 50 0.26 5.98 -9.08
CA TYR A 50 0.80 5.23 -7.94
C TYR A 50 -0.38 4.72 -7.10
N SER A 51 -0.60 3.42 -7.00
CA SER A 51 -1.72 2.82 -6.29
C SER A 51 -1.76 3.36 -4.86
N TYR A 52 -2.96 3.65 -4.32
CA TYR A 52 -3.12 4.22 -2.98
C TYR A 52 -4.00 3.36 -2.08
N LEU A 53 -3.99 3.67 -0.79
CA LEU A 53 -4.63 2.97 0.30
C LEU A 53 -5.12 4.03 1.29
N VAL A 54 -6.40 4.02 1.62
CA VAL A 54 -7.04 4.99 2.52
C VAL A 54 -8.32 4.34 3.10
N ALA A 55 -8.80 4.78 4.27
CA ALA A 55 -9.98 4.21 4.92
C ALA A 55 -11.20 5.10 4.69
N ALA A 56 -12.40 4.51 4.79
CA ALA A 56 -13.64 5.12 4.32
C ALA A 56 -13.96 6.47 4.96
N ASP A 57 -13.47 6.71 6.16
CA ASP A 57 -13.77 7.89 6.96
C ASP A 57 -12.60 8.86 7.01
N ASP A 58 -11.45 8.45 6.50
CA ASP A 58 -10.22 9.21 6.57
C ASP A 58 -9.67 9.44 5.18
N GLN A 59 -10.60 9.58 4.21
CA GLN A 59 -10.30 9.96 2.83
C GLN A 59 -9.44 11.22 2.70
N ASP A 60 -9.41 12.11 3.71
CA ASP A 60 -8.56 13.30 3.78
C ASP A 60 -7.55 13.25 4.94
N GLY A 61 -7.46 12.12 5.64
CA GLY A 61 -6.57 11.87 6.77
C GLY A 61 -5.21 11.38 6.27
N THR A 62 -4.73 10.23 6.77
CA THR A 62 -3.55 9.57 6.23
C THR A 62 -3.86 9.14 4.78
N ILE A 63 -2.84 8.89 3.96
CA ILE A 63 -2.94 8.11 2.75
C ILE A 63 -1.53 7.61 2.46
N ILE A 64 -1.44 6.41 1.87
CA ILE A 64 -0.18 5.84 1.44
C ILE A 64 -0.36 5.48 -0.02
N PHE A 65 0.64 5.81 -0.82
CA PHE A 65 0.74 5.50 -2.22
C PHE A 65 2.00 4.64 -2.42
N PHE A 66 2.07 3.86 -3.49
CA PHE A 66 3.28 3.12 -3.85
C PHE A 66 3.22 2.76 -5.32
N LYS A 67 4.38 2.58 -5.95
CA LYS A 67 4.49 1.97 -7.26
C LYS A 67 5.49 0.85 -7.12
N ALA A 68 5.00 -0.39 -7.21
CA ALA A 68 5.85 -1.52 -7.49
C ALA A 68 6.27 -1.41 -8.96
N GLU A 69 7.32 -0.64 -9.21
CA GLU A 69 7.97 -0.59 -10.51
C GLU A 69 8.83 -1.86 -10.65
N GLY A 70 9.67 -1.91 -11.68
CA GLY A 70 10.57 -3.00 -11.96
C GLY A 70 11.47 -3.29 -10.76
N GLN A 71 11.15 -4.37 -10.03
CA GLN A 71 11.99 -4.98 -9.00
C GLN A 71 12.23 -4.01 -7.83
N THR A 72 11.45 -2.92 -7.74
CA THR A 72 11.60 -1.82 -6.82
C THR A 72 10.20 -1.34 -6.42
N VAL A 73 9.96 -1.02 -5.15
CA VAL A 73 8.76 -0.35 -4.67
C VAL A 73 9.19 1.01 -4.14
N ILE A 74 8.79 2.08 -4.82
CA ILE A 74 8.87 3.43 -4.31
C ILE A 74 7.59 3.65 -3.51
N ILE A 75 7.70 3.61 -2.18
CA ILE A 75 6.60 3.84 -1.25
C ILE A 75 6.55 5.35 -1.03
N LYS A 76 5.46 5.97 -1.48
CA LYS A 76 5.20 7.40 -1.43
C LYS A 76 4.11 7.66 -0.38
N TYR A 77 4.47 8.06 0.84
CA TYR A 77 3.51 8.25 1.93
C TYR A 77 3.60 9.66 2.48
N THR A 78 2.62 10.05 3.28
CA THR A 78 2.47 11.36 3.88
C THR A 78 1.64 11.24 5.15
N SER A 79 1.59 12.34 5.89
CA SER A 79 0.78 12.51 7.08
C SER A 79 -0.48 13.33 6.77
N GLN A 80 -0.56 13.95 5.59
CA GLN A 80 -1.79 14.68 5.22
C GLN A 80 -2.02 14.61 3.72
N ARG A 81 -3.30 14.56 3.33
CA ARG A 81 -3.74 14.63 1.93
C ARG A 81 -3.16 15.88 1.28
N ASN A 82 -3.16 17.00 2.00
CA ASN A 82 -2.60 18.28 1.59
C ASN A 82 -1.06 18.38 1.72
N THR A 83 -0.30 17.29 1.66
CA THR A 83 1.17 17.37 1.61
C THR A 83 1.76 16.45 0.55
N LYS A 84 3.00 16.77 0.13
CA LYS A 84 3.83 15.91 -0.71
C LYS A 84 4.16 14.62 0.04
N LEU A 85 4.66 13.67 -0.72
CA LEU A 85 4.92 12.30 -0.32
C LEU A 85 6.43 12.12 -0.13
N LYS A 86 6.85 11.15 0.67
CA LYS A 86 8.21 10.63 0.72
C LYS A 86 8.50 9.82 -0.55
N ALA A 87 9.70 9.26 -0.66
CA ALA A 87 10.05 8.26 -1.66
C ALA A 87 11.00 7.23 -1.03
N LYS A 88 10.49 6.40 -0.12
CA LYS A 88 11.21 5.24 0.42
C LYS A 88 11.28 4.24 -0.72
N ALA A 89 12.42 4.14 -1.41
CA ALA A 89 12.59 3.13 -2.44
C ALA A 89 13.29 1.93 -1.82
N LEU A 90 12.80 0.73 -2.14
CA LEU A 90 13.23 -0.55 -1.61
C LEU A 90 13.08 -1.56 -2.75
N THR A 91 13.84 -2.63 -2.75
CA THR A 91 13.70 -3.67 -3.75
C THR A 91 12.48 -4.56 -3.48
N LEU A 92 11.92 -5.19 -4.51
CA LEU A 92 10.91 -6.23 -4.31
C LEU A 92 11.47 -7.39 -3.49
N SER A 93 12.80 -7.59 -3.52
CA SER A 93 13.43 -8.54 -2.60
C SER A 93 13.38 -8.07 -1.14
N GLN A 94 13.71 -6.81 -0.83
CA GLN A 94 13.65 -6.23 0.52
C GLN A 94 12.33 -6.60 1.20
N LEU A 95 11.21 -6.20 0.59
CA LEU A 95 9.86 -6.36 1.08
C LEU A 95 9.55 -7.85 1.32
N LYS A 96 9.95 -8.73 0.39
CA LYS A 96 9.68 -10.16 0.49
C LYS A 96 10.44 -10.76 1.67
N LYS A 97 11.62 -10.25 1.97
CA LYS A 97 12.37 -10.69 3.11
C LYS A 97 11.57 -10.24 4.33
N GLU A 98 11.49 -8.93 4.52
CA GLU A 98 11.03 -8.25 5.72
C GLU A 98 9.71 -8.76 6.25
N PHE A 99 8.73 -9.01 5.37
CA PHE A 99 7.38 -9.38 5.80
C PHE A 99 6.90 -10.65 5.12
N TYR A 100 7.82 -11.46 4.58
CA TYR A 100 7.48 -12.73 3.95
C TYR A 100 8.55 -13.80 4.24
N GLN A 101 9.43 -13.61 5.24
CA GLN A 101 10.28 -14.66 5.79
C GLN A 101 9.48 -15.91 6.16
N THR A 102 8.70 -15.88 7.25
CA THR A 102 8.10 -17.11 7.76
C THR A 102 6.84 -17.39 6.95
N ARG A 103 6.45 -18.66 6.80
CA ARG A 103 5.19 -19.02 6.16
C ARG A 103 3.99 -18.79 7.08
N SER A 104 4.16 -18.73 8.41
CA SER A 104 3.06 -18.41 9.30
C SER A 104 2.51 -17.04 8.92
N GLN A 105 3.38 -16.03 8.79
CA GLN A 105 2.93 -14.68 8.48
C GLN A 105 2.22 -14.60 7.12
N LYS A 106 2.52 -15.53 6.21
CA LYS A 106 1.86 -15.62 4.90
C LYS A 106 0.40 -16.09 5.02
N ARG A 107 -0.10 -16.45 6.20
CA ARG A 107 -1.52 -16.37 6.44
C ARG A 107 -1.82 -14.89 6.52
N GLU A 108 -1.48 -14.24 7.63
CA GLU A 108 -2.02 -12.95 8.00
C GLU A 108 -1.83 -11.87 6.93
N VAL A 109 -0.61 -11.78 6.41
CA VAL A 109 -0.23 -10.87 5.34
C VAL A 109 -1.13 -11.06 4.13
N ASP A 110 -1.28 -12.31 3.67
CA ASP A 110 -2.06 -12.66 2.48
C ASP A 110 -3.57 -12.56 2.77
N ASP A 111 -3.97 -12.75 4.03
CA ASP A 111 -5.30 -12.51 4.59
C ASP A 111 -5.65 -11.04 4.41
N TYR A 112 -4.76 -10.11 4.82
CA TYR A 112 -4.99 -8.67 4.72
C TYR A 112 -5.27 -8.24 3.27
N VAL A 113 -4.74 -8.96 2.28
CA VAL A 113 -4.98 -8.70 0.86
C VAL A 113 -6.38 -9.14 0.40
N ALA A 114 -6.99 -10.11 1.08
CA ALA A 114 -8.38 -10.50 0.82
C ALA A 114 -9.35 -9.71 1.70
N GLY A 115 -8.86 -9.10 2.78
CA GLY A 115 -9.67 -8.38 3.77
C GLY A 115 -9.90 -6.90 3.45
N LEU A 116 -9.54 -6.45 2.24
CA LEU A 116 -9.68 -5.05 1.81
C LEU A 116 -10.86 -4.87 0.84
N ARG A 117 -11.23 -3.62 0.59
CA ARG A 117 -12.21 -3.21 -0.41
C ARG A 117 -11.49 -2.53 -1.56
N THR A 118 -12.22 -2.15 -2.60
CA THR A 118 -11.66 -1.67 -3.84
C THR A 118 -12.47 -0.50 -4.42
N GLU A 119 -13.48 -0.07 -3.68
CA GLU A 119 -14.65 0.69 -4.07
C GLU A 119 -15.46 -0.09 -5.09
N GLY A 1 5.26 -13.68 -16.26
CA GLY A 1 6.03 -14.45 -15.27
C GLY A 1 7.26 -13.67 -14.84
N HIS A 2 8.35 -14.39 -14.56
CA HIS A 2 9.54 -13.91 -13.86
C HIS A 2 9.24 -13.31 -12.48
N MET A 3 10.30 -12.89 -11.78
CA MET A 3 10.28 -12.09 -10.57
C MET A 3 9.36 -10.90 -10.77
N LYS A 4 8.16 -10.95 -10.20
CA LYS A 4 7.19 -9.87 -10.18
C LYS A 4 6.38 -10.04 -8.89
N PHE A 5 5.33 -9.25 -8.72
CA PHE A 5 4.36 -9.38 -7.65
C PHE A 5 2.97 -9.01 -8.20
N THR A 6 1.99 -8.80 -7.35
CA THR A 6 0.65 -8.35 -7.68
C THR A 6 0.38 -7.07 -6.90
N ASP A 7 -0.23 -6.07 -7.53
CA ASP A 7 -0.29 -4.70 -6.99
C ASP A 7 -1.19 -4.66 -5.76
N GLN A 8 -2.31 -5.37 -5.82
CA GLN A 8 -3.16 -5.73 -4.70
C GLN A 8 -2.31 -6.21 -3.52
N GLN A 9 -1.41 -7.17 -3.75
CA GLN A 9 -0.55 -7.76 -2.75
C GLN A 9 0.52 -6.77 -2.24
N ILE A 10 1.10 -5.90 -3.08
CA ILE A 10 2.18 -5.01 -2.64
C ILE A 10 1.67 -4.05 -1.57
N GLY A 11 0.42 -3.57 -1.64
CA GLY A 11 -0.07 -2.55 -0.71
C GLY A 11 0.15 -2.94 0.75
N VAL A 12 -0.21 -4.17 1.12
CA VAL A 12 -0.08 -4.65 2.49
C VAL A 12 1.39 -4.63 2.91
N LEU A 13 2.28 -5.15 2.06
CA LEU A 13 3.70 -5.28 2.38
C LEU A 13 4.39 -3.92 2.43
N ALA A 14 3.96 -2.98 1.58
CA ALA A 14 4.39 -1.59 1.60
C ALA A 14 3.96 -0.95 2.93
N GLY A 15 2.70 -1.12 3.33
CA GLY A 15 2.19 -0.63 4.61
C GLY A 15 2.97 -1.22 5.77
N LEU A 16 3.42 -2.48 5.69
CA LEU A 16 4.16 -3.06 6.81
C LEU A 16 5.48 -2.31 7.05
N ALA A 17 6.09 -1.75 5.99
CA ALA A 17 7.25 -0.87 6.13
C ALA A 17 6.90 0.54 6.61
N ILE A 18 5.64 0.98 6.47
CA ILE A 18 5.21 2.37 6.55
C ILE A 18 3.83 2.41 7.23
N SER A 19 3.81 2.59 8.55
CA SER A 19 2.66 2.47 9.43
C SER A 19 1.98 1.09 9.31
N PRO A 20 2.63 0.02 9.83
CA PRO A 20 2.02 -1.29 9.92
C PRO A 20 0.78 -1.20 10.81
N GLU A 21 0.89 -0.47 11.92
CA GLU A 21 -0.19 -0.22 12.86
C GLU A 21 -1.43 0.30 12.14
N TRP A 22 -1.32 1.39 11.38
CA TRP A 22 -2.45 1.96 10.67
C TRP A 22 -3.14 0.90 9.82
N LEU A 23 -2.39 0.20 8.96
CA LEU A 23 -2.98 -0.80 8.09
C LEU A 23 -3.68 -1.89 8.91
N LYS A 24 -3.03 -2.44 9.93
CA LYS A 24 -3.61 -3.47 10.80
C LYS A 24 -4.92 -2.99 11.41
N GLN A 25 -4.93 -1.75 11.91
CA GLN A 25 -6.06 -1.18 12.62
C GLN A 25 -7.19 -0.95 11.59
N ASN A 26 -6.87 -0.50 10.38
CA ASN A 26 -7.85 -0.29 9.32
C ASN A 26 -8.48 -1.62 8.89
N ILE A 27 -7.65 -2.65 8.65
CA ILE A 27 -8.10 -3.98 8.23
C ILE A 27 -9.03 -4.58 9.28
N ALA A 28 -8.79 -4.35 10.57
CA ALA A 28 -9.63 -4.89 11.64
C ALA A 28 -11.11 -4.60 11.39
N ALA A 29 -11.42 -3.39 10.91
CA ALA A 29 -12.75 -2.91 10.58
C ALA A 29 -13.06 -2.96 9.06
N ASN A 30 -12.18 -3.53 8.22
CA ASN A 30 -12.25 -3.50 6.74
C ASN A 30 -12.35 -2.06 6.19
N GLN A 31 -11.98 -1.04 6.98
CA GLN A 31 -12.06 0.37 6.60
C GLN A 31 -10.85 0.81 5.78
N LEU A 32 -10.02 -0.11 5.33
CA LEU A 32 -8.93 0.17 4.40
C LEU A 32 -9.53 0.10 3.01
N VAL A 33 -9.05 0.93 2.09
CA VAL A 33 -9.30 0.84 0.67
C VAL A 33 -7.98 0.86 -0.08
N TYR A 34 -8.04 0.49 -1.34
CA TYR A 34 -6.98 0.45 -2.34
C TYR A 34 -7.57 1.08 -3.59
N GLY A 35 -6.75 1.56 -4.52
CA GLY A 35 -7.22 2.12 -5.78
C GLY A 35 -6.06 2.66 -6.60
N ILE A 36 -6.37 3.12 -7.81
CA ILE A 36 -5.45 3.71 -8.77
C ILE A 36 -5.85 5.15 -8.92
N VAL A 37 -4.78 5.92 -8.87
CA VAL A 37 -4.58 7.30 -9.16
C VAL A 37 -5.29 7.71 -10.46
N LYS A 38 -4.65 7.48 -11.61
CA LYS A 38 -5.12 7.94 -12.92
C LYS A 38 -5.24 9.46 -13.01
N PRO A 39 -5.39 10.01 -14.23
CA PRO A 39 -5.77 11.40 -14.41
C PRO A 39 -7.18 11.77 -13.92
N SER A 40 -8.01 10.81 -13.49
CA SER A 40 -9.44 11.04 -13.28
C SER A 40 -9.81 11.46 -11.84
N ASP A 41 -9.31 10.75 -10.81
CA ASP A 41 -9.58 11.15 -9.43
C ASP A 41 -8.62 12.27 -9.03
N THR A 42 -8.86 12.89 -7.88
CA THR A 42 -7.97 13.90 -7.33
C THR A 42 -6.79 13.20 -6.63
N VAL A 43 -5.61 13.27 -7.23
CA VAL A 43 -4.34 12.91 -6.61
C VAL A 43 -3.32 14.03 -6.87
N PRO A 44 -2.20 14.06 -6.11
CA PRO A 44 -1.20 15.10 -6.27
C PRO A 44 -0.36 14.87 -7.53
N ALA A 45 0.34 15.93 -7.93
CA ALA A 45 1.36 15.88 -8.95
C ALA A 45 2.44 14.85 -8.54
N GLY A 46 2.70 13.84 -9.38
CA GLY A 46 3.79 12.89 -9.21
C GLY A 46 3.34 11.51 -8.74
N VAL A 47 2.10 11.10 -9.04
CA VAL A 47 1.57 9.76 -8.82
C VAL A 47 0.62 9.41 -9.99
N ASP A 48 1.19 8.97 -11.10
CA ASP A 48 0.51 8.73 -12.40
C ASP A 48 -0.06 7.33 -12.60
N ASP A 49 0.37 6.41 -11.75
CA ASP A 49 0.06 4.98 -11.77
C ASP A 49 0.45 4.33 -10.43
N TYR A 50 0.69 5.14 -9.39
CA TYR A 50 0.99 4.67 -8.04
C TYR A 50 -0.33 4.25 -7.39
N SER A 51 -0.52 2.96 -7.18
CA SER A 51 -1.58 2.44 -6.36
C SER A 51 -1.60 3.18 -5.00
N TYR A 52 -2.77 3.52 -4.46
CA TYR A 52 -2.89 4.11 -3.14
C TYR A 52 -3.58 3.16 -2.18
N LEU A 53 -3.56 3.52 -0.91
CA LEU A 53 -4.32 2.93 0.19
C LEU A 53 -4.88 4.10 0.99
N VAL A 54 -6.14 4.06 1.40
CA VAL A 54 -6.68 5.11 2.25
C VAL A 54 -7.67 4.49 3.23
N ALA A 55 -7.98 5.21 4.31
CA ALA A 55 -9.02 4.82 5.24
C ALA A 55 -10.35 5.29 4.65
N ALA A 56 -11.32 4.39 4.44
CA ALA A 56 -12.63 4.78 3.96
C ALA A 56 -13.37 5.63 4.99
N ASP A 57 -13.08 5.37 6.25
CA ASP A 57 -13.72 6.02 7.39
C ASP A 57 -12.91 7.19 7.91
N ASP A 58 -11.69 7.36 7.43
CA ASP A 58 -10.81 8.46 7.76
C ASP A 58 -10.29 8.97 6.41
N GLN A 59 -11.22 9.29 5.48
CA GLN A 59 -10.81 9.82 4.16
C GLN A 59 -9.77 10.94 4.26
N ASP A 60 -9.99 11.91 5.16
CA ASP A 60 -9.12 13.06 5.40
C ASP A 60 -7.98 12.73 6.40
N GLY A 61 -7.89 11.48 6.88
CA GLY A 61 -7.10 11.07 8.04
C GLY A 61 -5.64 10.75 7.72
N THR A 62 -5.37 9.67 6.99
CA THR A 62 -4.03 9.21 6.59
C THR A 62 -4.10 8.62 5.17
N ILE A 63 -2.97 8.53 4.44
CA ILE A 63 -2.96 7.94 3.11
C ILE A 63 -1.55 7.44 2.81
N ILE A 64 -1.43 6.44 1.92
CA ILE A 64 -0.16 5.91 1.42
C ILE A 64 -0.34 5.66 -0.07
N PHE A 65 0.74 5.77 -0.85
CA PHE A 65 0.84 5.41 -2.26
C PHE A 65 2.05 4.49 -2.41
N PHE A 66 2.06 3.61 -3.43
CA PHE A 66 3.19 2.75 -3.77
C PHE A 66 3.16 2.44 -5.27
N LYS A 67 4.30 2.04 -5.84
CA LYS A 67 4.41 1.64 -7.25
C LYS A 67 5.61 0.72 -7.40
N ALA A 68 5.42 -0.46 -7.96
CA ALA A 68 6.52 -1.30 -8.40
C ALA A 68 7.25 -0.66 -9.58
N GLU A 69 8.51 -1.05 -9.80
CA GLU A 69 9.32 -0.57 -10.92
C GLU A 69 10.14 -1.67 -11.59
N GLY A 70 10.10 -2.90 -11.08
CA GLY A 70 10.87 -4.02 -11.62
C GLY A 70 11.93 -4.46 -10.62
N GLN A 71 11.52 -5.28 -9.64
CA GLN A 71 12.28 -5.75 -8.50
C GLN A 71 12.47 -4.71 -7.39
N THR A 72 11.83 -3.54 -7.48
CA THR A 72 11.82 -2.50 -6.47
C THR A 72 10.40 -1.90 -6.43
N VAL A 73 10.06 -1.23 -5.33
CA VAL A 73 8.81 -0.49 -5.12
C VAL A 73 9.21 0.85 -4.52
N ILE A 74 8.55 1.93 -4.96
CA ILE A 74 8.67 3.27 -4.41
C ILE A 74 7.43 3.49 -3.56
N ILE A 75 7.58 3.64 -2.24
CA ILE A 75 6.47 3.99 -1.36
C ILE A 75 6.49 5.51 -1.20
N LYS A 76 5.32 6.13 -1.39
CA LYS A 76 5.09 7.57 -1.37
C LYS A 76 3.99 7.83 -0.35
N TYR A 77 4.33 8.23 0.87
CA TYR A 77 3.41 8.36 2.00
C TYR A 77 3.49 9.76 2.59
N THR A 78 2.58 10.12 3.49
CA THR A 78 2.58 11.40 4.16
C THR A 78 1.86 11.28 5.52
N SER A 79 1.99 12.31 6.35
CA SER A 79 1.25 12.49 7.58
C SER A 79 -0.03 13.30 7.37
N GLN A 80 -0.21 13.90 6.18
CA GLN A 80 -1.27 14.85 5.89
C GLN A 80 -1.70 14.73 4.43
N ARG A 81 -2.99 14.47 4.19
CA ARG A 81 -3.58 14.30 2.87
C ARG A 81 -3.24 15.45 1.94
N ASN A 82 -3.16 16.66 2.49
CA ASN A 82 -2.98 17.92 1.77
C ASN A 82 -1.58 18.17 1.26
N THR A 83 -0.63 17.29 1.55
CA THR A 83 0.81 17.58 1.44
C THR A 83 1.55 16.67 0.47
N LYS A 84 2.82 16.98 0.19
CA LYS A 84 3.69 16.18 -0.68
C LYS A 84 3.90 14.80 -0.05
N LEU A 85 4.14 13.79 -0.89
CA LEU A 85 4.52 12.47 -0.43
C LEU A 85 6.03 12.43 -0.22
N LYS A 86 6.46 11.85 0.90
CA LYS A 86 7.81 11.38 1.15
C LYS A 86 8.18 10.29 0.12
N ALA A 87 9.41 9.79 0.14
CA ALA A 87 9.89 8.82 -0.85
C ALA A 87 10.82 7.82 -0.15
N LYS A 88 10.36 6.59 0.06
CA LYS A 88 11.18 5.48 0.54
C LYS A 88 11.07 4.39 -0.51
N ALA A 89 12.13 4.15 -1.28
CA ALA A 89 12.22 3.00 -2.16
C ALA A 89 12.64 1.79 -1.32
N LEU A 90 12.07 0.61 -1.58
CA LEU A 90 12.47 -0.67 -1.00
C LEU A 90 12.50 -1.68 -2.14
N THR A 91 13.53 -2.52 -2.22
CA THR A 91 13.61 -3.63 -3.15
C THR A 91 12.49 -4.64 -2.84
N LEU A 92 12.03 -5.43 -3.83
CA LEU A 92 11.17 -6.60 -3.61
C LEU A 92 11.88 -7.53 -2.64
N SER A 93 13.19 -7.72 -2.83
CA SER A 93 14.00 -8.55 -1.94
C SER A 93 13.80 -8.10 -0.49
N GLN A 94 14.03 -6.81 -0.22
CA GLN A 94 13.84 -6.13 1.05
C GLN A 94 12.50 -6.53 1.66
N LEU A 95 11.38 -6.15 1.04
CA LEU A 95 10.06 -6.39 1.59
C LEU A 95 9.76 -7.89 1.72
N LYS A 96 10.28 -8.74 0.83
CA LYS A 96 9.98 -10.17 0.85
C LYS A 96 10.65 -10.77 2.07
N LYS A 97 11.88 -10.35 2.39
CA LYS A 97 12.58 -10.75 3.59
C LYS A 97 11.85 -10.20 4.80
N GLU A 98 11.54 -8.89 4.82
CA GLU A 98 10.93 -8.23 5.98
C GLU A 98 9.64 -8.91 6.40
N PHE A 99 8.78 -9.23 5.43
CA PHE A 99 7.36 -9.44 5.69
C PHE A 99 6.75 -10.59 4.87
N TYR A 100 7.58 -11.47 4.30
CA TYR A 100 7.03 -12.64 3.61
C TYR A 100 7.97 -13.85 3.71
N GLN A 101 8.54 -14.05 4.91
CA GLN A 101 9.60 -15.03 5.14
C GLN A 101 9.13 -16.33 5.82
N THR A 102 8.05 -16.29 6.59
CA THR A 102 7.49 -17.42 7.33
C THR A 102 6.42 -18.12 6.46
N ARG A 103 5.71 -19.14 6.99
CA ARG A 103 4.73 -19.90 6.22
C ARG A 103 3.32 -19.46 6.54
N SER A 104 2.97 -19.28 7.81
CA SER A 104 1.63 -18.76 8.16
C SER A 104 1.44 -17.34 7.62
N GLN A 105 2.48 -16.52 7.52
CA GLN A 105 2.38 -15.17 6.97
C GLN A 105 1.92 -15.14 5.52
N LYS A 106 1.99 -16.26 4.80
CA LYS A 106 1.43 -16.37 3.45
C LYS A 106 -0.09 -16.24 3.49
N ARG A 107 -0.71 -16.56 4.62
CA ARG A 107 -2.11 -16.27 4.91
C ARG A 107 -2.17 -14.81 5.26
N GLU A 108 -1.60 -14.42 6.39
CA GLU A 108 -2.00 -13.19 7.05
C GLU A 108 -1.95 -11.99 6.12
N VAL A 109 -0.81 -11.80 5.46
CA VAL A 109 -0.57 -10.73 4.52
C VAL A 109 -1.67 -10.75 3.46
N ASP A 110 -1.88 -11.87 2.79
CA ASP A 110 -2.85 -11.95 1.72
C ASP A 110 -4.29 -11.81 2.23
N ASP A 111 -4.53 -12.22 3.48
CA ASP A 111 -5.82 -12.10 4.14
C ASP A 111 -6.17 -10.62 4.33
N TYR A 112 -5.18 -9.78 4.65
CA TYR A 112 -5.33 -8.33 4.66
C TYR A 112 -5.65 -7.79 3.25
N VAL A 113 -5.13 -8.41 2.18
CA VAL A 113 -5.50 -8.05 0.80
C VAL A 113 -6.95 -8.46 0.48
N ALA A 114 -7.56 -9.33 1.28
CA ALA A 114 -8.96 -9.71 1.18
C ALA A 114 -9.77 -9.11 2.35
N GLY A 115 -9.22 -8.09 3.03
CA GLY A 115 -9.87 -7.33 4.10
C GLY A 115 -9.92 -5.85 3.77
N LEU A 116 -9.78 -5.48 2.48
CA LEU A 116 -9.77 -4.10 2.02
C LEU A 116 -10.81 -3.88 0.93
N ARG A 117 -11.30 -2.65 0.86
CA ARG A 117 -12.13 -2.08 -0.20
C ARG A 117 -11.28 -1.87 -1.45
N THR A 118 -11.88 -1.38 -2.54
CA THR A 118 -11.19 -1.23 -3.83
C THR A 118 -11.51 0.07 -4.55
N GLU A 119 -12.37 0.90 -3.96
CA GLU A 119 -12.80 2.19 -4.46
C GLU A 119 -13.41 2.97 -3.31
N GLY A 1 4.66 -5.74 -13.01
CA GLY A 1 4.93 -7.11 -13.45
C GLY A 1 3.63 -7.86 -13.70
N HIS A 2 3.67 -9.19 -13.58
CA HIS A 2 2.57 -10.11 -13.87
C HIS A 2 2.39 -11.16 -12.78
N MET A 3 3.45 -11.91 -12.47
CA MET A 3 3.41 -13.03 -11.53
C MET A 3 4.40 -12.86 -10.39
N LYS A 4 5.45 -12.05 -10.57
CA LYS A 4 6.31 -11.63 -9.48
C LYS A 4 5.59 -10.51 -8.76
N PHE A 5 4.99 -10.86 -7.62
CA PHE A 5 4.05 -10.06 -6.84
C PHE A 5 2.79 -9.70 -7.64
N THR A 6 1.81 -9.15 -6.91
CA THR A 6 0.67 -8.41 -7.43
C THR A 6 0.65 -7.12 -6.61
N ASP A 7 0.08 -6.06 -7.16
CA ASP A 7 0.18 -4.74 -6.54
C ASP A 7 -0.51 -4.73 -5.18
N GLN A 8 -1.59 -5.51 -5.03
CA GLN A 8 -2.30 -5.68 -3.76
C GLN A 8 -1.36 -6.21 -2.66
N GLN A 9 -0.60 -7.26 -2.99
CA GLN A 9 0.28 -7.96 -2.06
C GLN A 9 1.36 -7.00 -1.56
N ILE A 10 1.96 -6.25 -2.48
CA ILE A 10 2.99 -5.26 -2.22
C ILE A 10 2.40 -4.19 -1.30
N GLY A 11 1.19 -3.71 -1.59
CA GLY A 11 0.50 -2.70 -0.80
C GLY A 11 0.42 -3.08 0.67
N VAL A 12 0.23 -4.36 0.99
CA VAL A 12 0.27 -4.84 2.37
C VAL A 12 1.69 -4.67 2.90
N LEU A 13 2.71 -5.29 2.29
CA LEU A 13 4.06 -5.30 2.86
C LEU A 13 4.59 -3.87 3.04
N ALA A 14 4.35 -3.01 2.05
CA ALA A 14 4.70 -1.60 2.07
C ALA A 14 3.98 -0.86 3.21
N GLY A 15 2.71 -1.17 3.45
CA GLY A 15 1.96 -0.60 4.57
C GLY A 15 2.45 -1.12 5.93
N LEU A 16 3.06 -2.30 6.00
CA LEU A 16 3.65 -2.76 7.24
C LEU A 16 4.89 -1.94 7.57
N ALA A 17 5.71 -1.63 6.56
CA ALA A 17 6.84 -0.73 6.74
C ALA A 17 6.38 0.68 7.13
N ILE A 18 5.22 1.13 6.66
CA ILE A 18 4.72 2.49 6.77
C ILE A 18 3.33 2.43 7.40
N SER A 19 3.28 2.67 8.70
CA SER A 19 2.06 2.81 9.50
C SER A 19 1.24 1.50 9.57
N PRO A 20 1.77 0.45 10.25
CA PRO A 20 1.12 -0.85 10.33
C PRO A 20 -0.14 -0.84 11.21
N GLU A 21 -0.16 -0.07 12.30
CA GLU A 21 -1.28 -0.01 13.25
C GLU A 21 -2.56 0.42 12.53
N TRP A 22 -2.55 1.60 11.91
CA TRP A 22 -3.63 2.14 11.09
C TRP A 22 -4.13 1.10 10.08
N LEU A 23 -3.23 0.46 9.34
CA LEU A 23 -3.60 -0.56 8.35
C LEU A 23 -4.35 -1.70 9.03
N LYS A 24 -3.84 -2.22 10.15
CA LYS A 24 -4.49 -3.29 10.89
C LYS A 24 -5.86 -2.86 11.42
N GLN A 25 -6.02 -1.61 11.90
CA GLN A 25 -7.31 -1.12 12.36
C GLN A 25 -8.31 -1.13 11.20
N ASN A 26 -7.84 -0.75 10.00
CA ASN A 26 -8.69 -0.63 8.83
C ASN A 26 -9.04 -1.99 8.26
N ILE A 27 -8.08 -2.91 8.12
CA ILE A 27 -8.37 -4.27 7.66
C ILE A 27 -9.34 -4.95 8.62
N ALA A 28 -9.11 -4.85 9.94
CA ALA A 28 -9.98 -5.49 10.92
C ALA A 28 -11.43 -5.01 10.73
N ALA A 29 -11.61 -3.73 10.42
CA ALA A 29 -12.91 -3.13 10.15
C ALA A 29 -13.40 -3.29 8.70
N ASN A 30 -12.65 -3.96 7.83
CA ASN A 30 -12.84 -3.99 6.37
C ASN A 30 -13.14 -2.59 5.81
N GLN A 31 -12.35 -1.60 6.26
CA GLN A 31 -12.45 -0.20 5.80
C GLN A 31 -11.33 0.21 4.83
N LEU A 32 -10.35 -0.66 4.53
CA LEU A 32 -9.17 -0.25 3.76
C LEU A 32 -9.46 -0.32 2.25
N VAL A 33 -9.36 0.81 1.55
CA VAL A 33 -9.63 0.94 0.12
C VAL A 33 -8.31 1.13 -0.62
N TYR A 34 -8.04 0.20 -1.53
CA TYR A 34 -7.04 0.25 -2.58
C TYR A 34 -7.67 0.86 -3.83
N GLY A 35 -6.86 1.49 -4.69
CA GLY A 35 -7.36 2.03 -5.94
C GLY A 35 -6.24 2.66 -6.75
N ILE A 36 -6.60 3.10 -7.97
CA ILE A 36 -5.69 3.71 -8.92
C ILE A 36 -6.11 5.16 -9.13
N VAL A 37 -5.11 6.03 -9.15
CA VAL A 37 -5.15 7.48 -9.23
C VAL A 37 -5.96 7.95 -10.43
N LYS A 38 -5.43 7.85 -11.66
CA LYS A 38 -6.05 8.41 -12.88
C LYS A 38 -6.26 9.94 -12.77
N PRO A 39 -6.58 10.67 -13.86
CA PRO A 39 -7.00 12.07 -13.74
C PRO A 39 -8.33 12.23 -12.97
N SER A 40 -8.99 11.13 -12.61
CA SER A 40 -10.36 11.06 -12.11
C SER A 40 -10.52 11.40 -10.63
N ASP A 41 -9.47 11.81 -9.90
CA ASP A 41 -9.57 12.32 -8.54
C ASP A 41 -8.66 13.52 -8.33
N THR A 42 -8.60 14.03 -7.11
CA THR A 42 -7.52 14.92 -6.68
C THR A 42 -6.27 14.05 -6.46
N VAL A 43 -5.10 14.58 -6.78
CA VAL A 43 -3.80 14.03 -6.36
C VAL A 43 -2.69 15.10 -6.48
N PRO A 44 -1.58 14.96 -5.75
CA PRO A 44 -0.41 15.83 -5.86
C PRO A 44 0.39 15.54 -7.15
N ALA A 45 1.50 16.25 -7.33
CA ALA A 45 2.34 16.12 -8.52
C ALA A 45 3.19 14.86 -8.50
N GLY A 46 3.25 14.22 -9.66
CA GLY A 46 4.09 13.08 -9.93
C GLY A 46 3.67 11.90 -9.07
N VAL A 47 2.43 11.46 -9.21
CA VAL A 47 1.92 10.18 -8.71
C VAL A 47 0.90 9.59 -9.72
N ASP A 48 1.06 9.87 -11.02
CA ASP A 48 0.02 9.77 -12.06
C ASP A 48 -0.68 8.43 -12.22
N ASP A 49 -0.12 7.39 -11.66
CA ASP A 49 -0.72 6.05 -11.56
C ASP A 49 -0.14 5.29 -10.37
N TYR A 50 0.34 6.01 -9.34
CA TYR A 50 0.82 5.41 -8.10
C TYR A 50 -0.36 4.88 -7.32
N SER A 51 -0.53 3.57 -7.22
CA SER A 51 -1.58 2.90 -6.49
C SER A 51 -1.66 3.46 -5.06
N TYR A 52 -2.86 3.70 -4.53
CA TYR A 52 -3.01 4.30 -3.21
C TYR A 52 -3.76 3.36 -2.26
N LEU A 53 -3.61 3.62 -0.97
CA LEU A 53 -4.24 2.96 0.16
C LEU A 53 -4.70 4.04 1.11
N VAL A 54 -5.93 3.92 1.57
CA VAL A 54 -6.66 4.94 2.30
C VAL A 54 -7.81 4.17 2.99
N ALA A 55 -8.52 4.78 3.94
CA ALA A 55 -9.75 4.21 4.47
C ALA A 55 -10.88 4.46 3.48
N ALA A 56 -12.11 4.07 3.84
CA ALA A 56 -13.32 4.59 3.19
C ALA A 56 -13.90 5.80 3.92
N ASP A 57 -13.48 6.05 5.16
CA ASP A 57 -14.20 6.90 6.11
C ASP A 57 -13.24 7.81 6.91
N ASP A 58 -12.05 8.06 6.37
CA ASP A 58 -11.02 8.93 6.95
C ASP A 58 -10.40 9.76 5.80
N GLN A 59 -11.17 10.18 4.77
CA GLN A 59 -10.57 10.59 3.48
C GLN A 59 -9.61 11.79 3.61
N ASP A 60 -9.69 12.57 4.69
CA ASP A 60 -8.84 13.72 4.99
C ASP A 60 -7.69 13.42 5.96
N GLY A 61 -7.53 12.16 6.39
CA GLY A 61 -6.61 11.72 7.44
C GLY A 61 -5.29 11.23 6.85
N THR A 62 -4.83 10.04 7.24
CA THR A 62 -3.66 9.41 6.63
C THR A 62 -3.99 8.98 5.20
N ILE A 63 -2.98 8.85 4.34
CA ILE A 63 -3.09 8.15 3.07
C ILE A 63 -1.70 7.60 2.76
N ILE A 64 -1.58 6.59 1.91
CA ILE A 64 -0.29 6.04 1.45
C ILE A 64 -0.44 5.84 -0.06
N PHE A 65 0.64 6.08 -0.81
CA PHE A 65 0.75 5.80 -2.23
C PHE A 65 1.94 4.87 -2.41
N PHE A 66 1.97 4.07 -3.47
CA PHE A 66 3.15 3.32 -3.87
C PHE A 66 3.05 3.00 -5.36
N LYS A 67 4.17 2.69 -6.01
CA LYS A 67 4.16 2.00 -7.28
C LYS A 67 5.32 1.04 -7.28
N ALA A 68 5.03 -0.24 -7.19
CA ALA A 68 6.03 -1.25 -7.49
C ALA A 68 6.05 -1.41 -9.00
N GLU A 69 7.21 -1.75 -9.51
CA GLU A 69 7.61 -1.82 -10.90
C GLU A 69 8.52 -3.05 -11.05
N GLY A 70 9.41 -3.06 -12.04
CA GLY A 70 10.29 -4.17 -12.37
C GLY A 70 11.33 -4.35 -11.28
N GLN A 71 10.97 -5.16 -10.27
CA GLN A 71 11.75 -5.50 -9.10
C GLN A 71 12.10 -4.30 -8.21
N THR A 72 11.51 -3.12 -8.40
CA THR A 72 11.66 -1.94 -7.53
C THR A 72 10.29 -1.44 -7.11
N VAL A 73 10.21 -0.62 -6.07
CA VAL A 73 9.02 0.13 -5.69
C VAL A 73 9.45 1.44 -5.10
N ILE A 74 8.61 2.45 -5.23
CA ILE A 74 8.67 3.70 -4.52
C ILE A 74 7.39 3.74 -3.68
N ILE A 75 7.52 3.60 -2.36
CA ILE A 75 6.44 3.92 -1.44
C ILE A 75 6.52 5.44 -1.21
N LYS A 76 5.39 6.13 -1.39
CA LYS A 76 5.21 7.57 -1.22
C LYS A 76 4.14 7.81 -0.16
N TYR A 77 4.53 8.21 1.06
CA TYR A 77 3.61 8.40 2.19
C TYR A 77 3.78 9.80 2.76
N THR A 78 2.86 10.25 3.63
CA THR A 78 2.89 11.54 4.30
C THR A 78 2.05 11.40 5.56
N SER A 79 2.21 12.35 6.49
CA SER A 79 1.32 12.46 7.65
C SER A 79 0.04 13.21 7.32
N GLN A 80 0.01 13.95 6.21
CA GLN A 80 -1.17 14.70 5.80
C GLN A 80 -1.35 14.75 4.29
N ARG A 81 -2.58 14.48 3.86
CA ARG A 81 -3.11 14.44 2.51
C ARG A 81 -2.65 15.66 1.70
N ASN A 82 -2.68 16.83 2.34
CA ASN A 82 -2.36 18.11 1.71
C ASN A 82 -0.86 18.42 1.61
N THR A 83 0.03 17.48 1.94
CA THR A 83 1.47 17.76 2.09
C THR A 83 2.33 16.68 1.43
N LYS A 84 3.34 17.10 0.64
CA LYS A 84 4.09 16.24 -0.28
C LYS A 84 4.66 15.00 0.39
N LEU A 85 4.71 13.93 -0.40
CA LEU A 85 5.06 12.58 0.03
C LEU A 85 6.55 12.46 0.37
N LYS A 86 6.93 11.40 1.08
CA LYS A 86 8.29 10.92 1.32
C LYS A 86 8.73 10.04 0.15
N ALA A 87 9.98 9.58 0.20
CA ALA A 87 10.56 8.60 -0.70
C ALA A 87 11.10 7.43 0.16
N LYS A 88 10.58 6.22 -0.04
CA LYS A 88 11.14 4.94 0.41
C LYS A 88 11.17 4.09 -0.85
N ALA A 89 12.30 3.51 -1.26
CA ALA A 89 12.37 2.67 -2.46
C ALA A 89 12.90 1.30 -2.09
N LEU A 90 12.25 0.20 -2.50
CA LEU A 90 12.66 -1.13 -2.00
C LEU A 90 12.72 -2.07 -3.21
N THR A 91 13.48 -3.17 -3.20
CA THR A 91 13.36 -4.17 -4.27
C THR A 91 12.28 -5.16 -3.90
N LEU A 92 11.59 -5.76 -4.87
CA LEU A 92 10.49 -6.68 -4.60
C LEU A 92 10.98 -7.83 -3.74
N SER A 93 12.18 -8.31 -4.07
CA SER A 93 12.87 -9.34 -3.35
C SER A 93 13.14 -8.92 -1.90
N GLN A 94 13.47 -7.64 -1.65
CA GLN A 94 13.64 -7.04 -0.33
C GLN A 94 12.40 -7.19 0.53
N LEU A 95 11.23 -6.70 0.10
CA LEU A 95 9.98 -6.80 0.88
C LEU A 95 9.69 -8.27 1.21
N LYS A 96 10.05 -9.19 0.32
CA LYS A 96 9.93 -10.64 0.52
C LYS A 96 10.95 -11.22 1.51
N LYS A 97 11.65 -10.39 2.26
CA LYS A 97 12.69 -10.77 3.20
C LYS A 97 12.51 -10.06 4.54
N GLU A 98 12.02 -8.82 4.52
CA GLU A 98 11.30 -8.22 5.62
C GLU A 98 10.03 -8.94 5.97
N PHE A 99 8.94 -8.58 5.30
CA PHE A 99 7.61 -8.92 5.76
C PHE A 99 7.17 -10.25 5.18
N TYR A 100 8.14 -11.05 4.71
CA TYR A 100 7.89 -12.40 4.25
C TYR A 100 9.10 -13.27 4.55
N GLN A 101 9.04 -14.06 5.61
CA GLN A 101 10.08 -14.98 6.07
C GLN A 101 9.62 -16.41 6.43
N THR A 102 8.42 -16.62 6.97
CA THR A 102 8.00 -17.89 7.55
C THR A 102 6.63 -18.31 7.00
N ARG A 103 6.40 -19.61 6.79
CA ARG A 103 5.21 -20.11 6.09
C ARG A 103 3.93 -19.78 6.83
N SER A 104 3.92 -19.80 8.16
CA SER A 104 2.73 -19.43 8.92
C SER A 104 2.32 -17.96 8.69
N GLN A 105 3.19 -17.07 8.21
CA GLN A 105 2.79 -15.68 7.97
C GLN A 105 1.76 -15.57 6.85
N LYS A 106 1.71 -16.56 5.96
CA LYS A 106 0.88 -16.62 4.76
C LYS A 106 -0.62 -16.56 5.06
N ARG A 107 -0.99 -16.62 6.34
CA ARG A 107 -2.38 -16.64 6.78
C ARG A 107 -2.87 -15.32 7.35
N GLU A 108 -1.90 -14.45 7.51
CA GLU A 108 -2.01 -13.08 7.95
C GLU A 108 -1.58 -12.16 6.82
N VAL A 109 -0.33 -12.24 6.40
CA VAL A 109 0.24 -11.40 5.35
C VAL A 109 -0.54 -11.54 4.03
N ASP A 110 -0.92 -12.75 3.64
CA ASP A 110 -1.83 -12.96 2.50
C ASP A 110 -3.31 -12.65 2.84
N ASP A 111 -3.65 -12.51 4.11
CA ASP A 111 -5.00 -12.23 4.60
C ASP A 111 -5.38 -10.76 4.46
N TYR A 112 -4.46 -9.85 4.78
CA TYR A 112 -4.67 -8.42 4.63
C TYR A 112 -4.97 -8.08 3.17
N VAL A 113 -4.44 -8.86 2.22
CA VAL A 113 -4.67 -8.68 0.79
C VAL A 113 -6.13 -8.96 0.41
N ALA A 114 -6.84 -9.80 1.17
CA ALA A 114 -8.26 -10.06 0.96
C ALA A 114 -9.15 -9.20 1.86
N GLY A 115 -8.59 -8.62 2.94
CA GLY A 115 -9.33 -7.79 3.88
C GLY A 115 -9.41 -6.32 3.45
N LEU A 116 -8.69 -5.95 2.40
CA LEU A 116 -8.84 -4.67 1.69
C LEU A 116 -9.96 -4.78 0.66
N ARG A 117 -10.25 -3.66 0.01
CA ARG A 117 -11.33 -3.45 -0.95
C ARG A 117 -10.80 -2.61 -2.10
N THR A 118 -11.51 -2.54 -3.22
CA THR A 118 -11.13 -1.73 -4.39
C THR A 118 -12.29 -0.82 -4.82
N GLU A 119 -13.20 -0.58 -3.88
CA GLU A 119 -14.57 -0.11 -3.99
C GLU A 119 -15.47 -1.24 -4.48
N GLY A 1 6.69 -13.64 -16.74
CA GLY A 1 6.68 -12.47 -17.63
C GLY A 1 7.53 -11.35 -17.05
N HIS A 2 7.26 -10.10 -17.44
CA HIS A 2 8.07 -8.93 -17.06
C HIS A 2 8.24 -8.81 -15.55
N MET A 3 7.20 -8.44 -14.81
CA MET A 3 7.31 -8.19 -13.37
C MET A 3 7.24 -9.50 -12.57
N LYS A 4 7.42 -9.43 -11.26
CA LYS A 4 7.01 -10.45 -10.29
C LYS A 4 6.05 -9.82 -9.31
N PHE A 5 5.39 -10.67 -8.50
CA PHE A 5 4.33 -10.29 -7.58
C PHE A 5 3.18 -9.59 -8.36
N THR A 6 2.26 -9.00 -7.63
CA THR A 6 1.18 -8.14 -8.09
C THR A 6 1.15 -6.95 -7.14
N ASP A 7 0.79 -5.76 -7.64
CA ASP A 7 0.90 -4.51 -6.87
C ASP A 7 0.12 -4.63 -5.55
N GLN A 8 -1.06 -5.26 -5.55
CA GLN A 8 -1.90 -5.33 -4.34
C GLN A 8 -1.15 -6.07 -3.22
N GLN A 9 -0.53 -7.21 -3.58
CA GLN A 9 0.27 -8.02 -2.68
C GLN A 9 1.47 -7.24 -2.16
N ILE A 10 2.03 -6.35 -2.98
CA ILE A 10 3.17 -5.52 -2.64
C ILE A 10 2.73 -4.40 -1.68
N GLY A 11 1.57 -3.79 -1.92
CA GLY A 11 1.06 -2.65 -1.16
C GLY A 11 0.95 -2.96 0.32
N VAL A 12 0.48 -4.16 0.66
CA VAL A 12 0.41 -4.60 2.05
C VAL A 12 1.81 -4.65 2.66
N LEU A 13 2.81 -5.20 1.97
CA LEU A 13 4.18 -5.30 2.48
C LEU A 13 4.75 -3.89 2.68
N ALA A 14 4.54 -3.03 1.69
CA ALA A 14 4.94 -1.63 1.73
C ALA A 14 4.35 -0.95 2.97
N GLY A 15 3.05 -1.14 3.23
CA GLY A 15 2.40 -0.57 4.40
C GLY A 15 2.83 -1.24 5.70
N LEU A 16 3.31 -2.48 5.68
CA LEU A 16 3.81 -3.09 6.89
C LEU A 16 5.12 -2.43 7.37
N ALA A 17 5.81 -1.70 6.49
CA ALA A 17 6.95 -0.85 6.84
C ALA A 17 6.55 0.58 7.18
N ILE A 18 5.39 1.07 6.74
CA ILE A 18 4.94 2.45 6.93
C ILE A 18 3.49 2.35 7.38
N SER A 19 3.28 2.60 8.67
CA SER A 19 2.00 2.57 9.36
C SER A 19 1.30 1.20 9.23
N PRO A 20 1.93 0.12 9.76
CA PRO A 20 1.36 -1.23 9.78
C PRO A 20 0.16 -1.30 10.72
N GLU A 21 0.24 -0.67 11.88
CA GLU A 21 -0.76 -0.78 12.93
C GLU A 21 -2.06 -0.18 12.41
N TRP A 22 -2.01 1.05 11.90
CA TRP A 22 -3.11 1.66 11.15
C TRP A 22 -3.70 0.69 10.12
N LEU A 23 -2.84 0.03 9.33
CA LEU A 23 -3.31 -0.85 8.26
C LEU A 23 -4.12 -1.97 8.90
N LYS A 24 -3.54 -2.65 9.88
CA LYS A 24 -4.14 -3.81 10.54
C LYS A 24 -5.42 -3.47 11.29
N GLN A 25 -5.54 -2.26 11.87
CA GLN A 25 -6.76 -1.85 12.53
C GLN A 25 -7.88 -1.82 11.50
N ASN A 26 -7.64 -1.13 10.39
CA ASN A 26 -8.63 -0.93 9.36
C ASN A 26 -8.98 -2.24 8.65
N ILE A 27 -8.02 -3.15 8.42
CA ILE A 27 -8.31 -4.48 7.88
C ILE A 27 -9.25 -5.21 8.83
N ALA A 28 -8.95 -5.27 10.14
CA ALA A 28 -9.81 -5.96 11.09
C ALA A 28 -11.22 -5.34 11.10
N ALA A 29 -11.31 -4.02 10.98
CA ALA A 29 -12.57 -3.29 10.91
C ALA A 29 -13.29 -3.46 9.57
N ASN A 30 -12.65 -4.08 8.57
CA ASN A 30 -13.06 -4.09 7.17
C ASN A 30 -13.40 -2.69 6.66
N GLN A 31 -12.63 -1.70 7.12
CA GLN A 31 -12.79 -0.28 6.80
C GLN A 31 -11.76 0.21 5.78
N LEU A 32 -10.79 -0.62 5.40
CA LEU A 32 -9.69 -0.23 4.55
C LEU A 32 -10.08 -0.45 3.09
N VAL A 33 -9.90 0.57 2.26
CA VAL A 33 -10.11 0.50 0.81
C VAL A 33 -8.76 0.71 0.15
N TYR A 34 -8.66 0.22 -1.08
CA TYR A 34 -7.53 0.31 -1.97
C TYR A 34 -8.04 0.97 -3.26
N GLY A 35 -7.23 1.78 -3.92
CA GLY A 35 -7.65 2.46 -5.14
C GLY A 35 -6.49 2.89 -6.03
N ILE A 36 -6.84 3.43 -7.19
CA ILE A 36 -5.96 3.98 -8.21
C ILE A 36 -6.38 5.40 -8.45
N VAL A 37 -5.31 6.17 -8.51
CA VAL A 37 -5.18 7.59 -8.67
C VAL A 37 -5.63 7.99 -10.07
N LYS A 38 -4.98 7.44 -11.12
CA LYS A 38 -5.10 7.81 -12.54
C LYS A 38 -4.79 9.30 -12.81
N PRO A 39 -4.57 9.67 -14.09
CA PRO A 39 -4.79 11.04 -14.52
C PRO A 39 -6.30 11.29 -14.52
N SER A 40 -6.86 11.57 -13.35
CA SER A 40 -8.17 12.18 -13.19
C SER A 40 -8.19 12.79 -11.80
N ASP A 41 -8.27 11.95 -10.76
CA ASP A 41 -8.61 12.38 -9.41
C ASP A 41 -7.63 13.40 -8.85
N THR A 42 -8.03 14.14 -7.82
CA THR A 42 -7.14 15.03 -7.11
C THR A 42 -6.08 14.18 -6.39
N VAL A 43 -4.82 14.27 -6.85
CA VAL A 43 -3.70 13.56 -6.25
C VAL A 43 -2.51 14.52 -6.25
N PRO A 44 -1.47 14.28 -5.42
CA PRO A 44 -0.23 15.03 -5.47
C PRO A 44 0.53 14.74 -6.77
N ALA A 45 1.55 15.54 -7.06
CA ALA A 45 2.46 15.30 -8.17
C ALA A 45 3.25 14.02 -7.90
N GLY A 46 3.35 13.13 -8.89
CA GLY A 46 4.22 11.96 -8.86
C GLY A 46 3.53 10.69 -8.51
N VAL A 47 2.29 10.54 -8.97
CA VAL A 47 1.38 9.51 -8.55
C VAL A 47 0.14 9.59 -9.42
N ASP A 48 0.39 9.50 -10.72
CA ASP A 48 -0.61 9.49 -11.79
C ASP A 48 -1.14 8.08 -12.06
N ASP A 49 -0.57 7.07 -11.39
CA ASP A 49 -0.95 5.64 -11.46
C ASP A 49 -0.32 4.87 -10.27
N TYR A 50 0.04 5.60 -9.21
CA TYR A 50 0.55 5.07 -7.95
C TYR A 50 -0.62 4.69 -7.06
N SER A 51 -0.91 3.40 -7.03
CA SER A 51 -1.91 2.75 -6.20
C SER A 51 -1.88 3.26 -4.76
N TYR A 52 -3.04 3.45 -4.12
CA TYR A 52 -3.17 4.01 -2.77
C TYR A 52 -3.99 3.13 -1.85
N LEU A 53 -3.92 3.45 -0.55
CA LEU A 53 -4.58 2.76 0.56
C LEU A 53 -5.09 3.86 1.50
N VAL A 54 -6.38 3.87 1.82
CA VAL A 54 -7.04 4.85 2.70
C VAL A 54 -8.22 4.10 3.35
N ALA A 55 -8.52 4.37 4.62
CA ALA A 55 -9.77 3.86 5.20
C ALA A 55 -10.93 4.69 4.67
N ALA A 56 -12.14 4.13 4.66
CA ALA A 56 -13.30 4.80 4.07
C ALA A 56 -13.59 6.15 4.72
N ASP A 57 -13.15 6.32 5.97
CA ASP A 57 -13.41 7.47 6.82
C ASP A 57 -12.12 8.28 7.07
N ASP A 58 -10.99 7.91 6.45
CA ASP A 58 -9.67 8.54 6.60
C ASP A 58 -9.35 9.48 5.41
N GLN A 59 -10.38 9.90 4.68
CA GLN A 59 -10.31 10.62 3.41
C GLN A 59 -9.27 11.73 3.39
N ASP A 60 -9.18 12.54 4.44
CA ASP A 60 -8.11 13.52 4.64
C ASP A 60 -7.41 13.32 5.99
N GLY A 61 -7.64 12.17 6.64
CA GLY A 61 -6.98 11.72 7.85
C GLY A 61 -5.57 11.25 7.53
N THR A 62 -5.42 10.14 6.81
CA THR A 62 -4.13 9.58 6.42
C THR A 62 -4.30 8.87 5.07
N ILE A 63 -3.21 8.70 4.32
CA ILE A 63 -3.20 7.90 3.10
C ILE A 63 -1.75 7.44 2.84
N ILE A 64 -1.57 6.38 2.04
CA ILE A 64 -0.28 6.00 1.49
C ILE A 64 -0.51 5.67 0.00
N PHE A 65 0.56 5.75 -0.80
CA PHE A 65 0.63 5.50 -2.22
C PHE A 65 1.86 4.61 -2.48
N PHE A 66 1.91 3.85 -3.57
CA PHE A 66 3.05 3.03 -3.98
C PHE A 66 2.89 2.61 -5.43
N LYS A 67 3.99 2.22 -6.07
CA LYS A 67 3.96 1.58 -7.38
C LYS A 67 5.14 0.63 -7.45
N ALA A 68 4.92 -0.64 -7.80
CA ALA A 68 6.01 -1.50 -8.20
C ALA A 68 6.38 -1.16 -9.64
N GLU A 69 7.60 -0.70 -9.85
CA GLU A 69 8.15 -0.30 -11.14
C GLU A 69 9.04 -1.43 -11.71
N GLY A 70 8.81 -2.67 -11.25
CA GLY A 70 9.56 -3.85 -11.62
C GLY A 70 10.78 -4.01 -10.73
N GLN A 71 10.86 -5.14 -10.02
CA GLN A 71 11.82 -5.48 -8.96
C GLN A 71 11.98 -4.45 -7.84
N THR A 72 11.25 -3.35 -7.86
CA THR A 72 11.53 -2.13 -7.11
C THR A 72 10.18 -1.45 -6.86
N VAL A 73 10.01 -0.80 -5.71
CA VAL A 73 8.78 -0.17 -5.26
C VAL A 73 9.12 1.16 -4.63
N ILE A 74 8.80 2.28 -5.29
CA ILE A 74 8.75 3.57 -4.62
C ILE A 74 7.43 3.64 -3.86
N ILE A 75 7.52 3.48 -2.54
CA ILE A 75 6.45 3.81 -1.62
C ILE A 75 6.46 5.33 -1.49
N LYS A 76 5.27 5.93 -1.53
CA LYS A 76 5.05 7.36 -1.41
C LYS A 76 4.01 7.62 -0.32
N TYR A 77 4.39 8.04 0.88
CA TYR A 77 3.47 8.21 2.02
C TYR A 77 3.43 9.65 2.50
N THR A 78 2.43 9.99 3.32
CA THR A 78 2.30 11.25 4.03
C THR A 78 1.38 11.02 5.23
N SER A 79 1.33 12.02 6.11
CA SER A 79 0.43 12.09 7.24
C SER A 79 -0.65 13.17 7.02
N GLN A 80 -0.49 13.99 5.97
CA GLN A 80 -1.45 15.00 5.54
C GLN A 80 -1.59 14.92 4.02
N ARG A 81 -2.75 14.51 3.52
CA ARG A 81 -3.12 14.45 2.11
C ARG A 81 -2.80 15.74 1.37
N ASN A 82 -2.89 16.90 2.01
CA ASN A 82 -2.55 18.19 1.39
C ASN A 82 -1.05 18.52 1.29
N THR A 83 -0.16 17.62 1.69
CA THR A 83 1.28 17.85 1.66
C THR A 83 1.99 16.83 0.77
N LYS A 84 3.26 17.09 0.42
CA LYS A 84 4.00 16.26 -0.51
C LYS A 84 4.24 14.87 0.09
N LEU A 85 4.48 13.88 -0.78
CA LEU A 85 4.71 12.51 -0.38
C LEU A 85 6.21 12.29 -0.19
N LYS A 86 6.59 11.48 0.82
CA LYS A 86 7.94 10.91 0.94
C LYS A 86 8.22 10.02 -0.28
N ALA A 87 9.46 9.54 -0.41
CA ALA A 87 9.86 8.54 -1.39
C ALA A 87 10.78 7.53 -0.69
N LYS A 88 10.32 6.30 -0.53
CA LYS A 88 11.03 5.18 0.07
C LYS A 88 11.06 4.09 -0.98
N ALA A 89 12.15 3.97 -1.72
CA ALA A 89 12.29 2.95 -2.75
C ALA A 89 12.89 1.70 -2.10
N LEU A 90 12.25 0.54 -2.25
CA LEU A 90 12.75 -0.76 -1.79
C LEU A 90 12.80 -1.70 -2.99
N THR A 91 13.61 -2.76 -2.95
CA THR A 91 13.46 -3.88 -3.87
C THR A 91 12.24 -4.73 -3.47
N LEU A 92 11.69 -5.51 -4.43
CA LEU A 92 10.80 -6.62 -4.17
C LEU A 92 11.36 -7.48 -3.04
N SER A 93 12.60 -7.94 -3.21
CA SER A 93 13.21 -8.88 -2.29
C SER A 93 13.32 -8.30 -0.87
N GLN A 94 13.49 -6.98 -0.70
CA GLN A 94 13.48 -6.37 0.63
C GLN A 94 12.12 -6.58 1.26
N LEU A 95 11.04 -6.12 0.63
CA LEU A 95 9.69 -6.24 1.20
C LEU A 95 9.35 -7.70 1.51
N LYS A 96 9.88 -8.64 0.73
CA LYS A 96 9.75 -10.06 1.01
C LYS A 96 10.58 -10.47 2.23
N LYS A 97 11.86 -10.06 2.33
CA LYS A 97 12.73 -10.39 3.45
C LYS A 97 12.08 -9.90 4.74
N GLU A 98 11.68 -8.62 4.72
CA GLU A 98 11.04 -7.96 5.83
C GLU A 98 9.78 -8.73 6.22
N PHE A 99 8.80 -8.84 5.32
CA PHE A 99 7.42 -9.10 5.71
C PHE A 99 6.80 -10.28 4.98
N TYR A 100 7.56 -11.12 4.28
CA TYR A 100 7.00 -12.33 3.69
C TYR A 100 8.02 -13.46 3.76
N GLN A 101 8.43 -13.76 5.01
CA GLN A 101 9.56 -14.62 5.24
C GLN A 101 9.14 -15.98 5.81
N THR A 102 8.08 -16.00 6.62
CA THR A 102 7.60 -17.17 7.36
C THR A 102 6.30 -17.68 6.74
N ARG A 103 6.02 -18.99 6.78
CA ARG A 103 4.75 -19.52 6.29
C ARG A 103 3.57 -18.94 7.07
N SER A 104 3.74 -18.57 8.34
CA SER A 104 2.68 -17.95 9.11
C SER A 104 2.17 -16.68 8.43
N GLN A 105 3.06 -15.87 7.83
CA GLN A 105 2.68 -14.65 7.15
C GLN A 105 1.75 -14.90 5.95
N LYS A 106 1.70 -16.13 5.43
CA LYS A 106 0.83 -16.48 4.31
C LYS A 106 -0.62 -16.66 4.75
N ARG A 107 -0.93 -16.56 6.05
CA ARG A 107 -2.26 -16.17 6.46
C ARG A 107 -2.28 -14.66 6.42
N GLU A 108 -1.73 -13.99 7.42
CA GLU A 108 -2.04 -12.59 7.71
C GLU A 108 -1.89 -11.66 6.51
N VAL A 109 -0.69 -11.54 5.95
CA VAL A 109 -0.44 -10.61 4.84
C VAL A 109 -1.40 -10.91 3.68
N ASP A 110 -1.70 -12.18 3.44
CA ASP A 110 -2.54 -12.64 2.34
C ASP A 110 -4.03 -12.43 2.63
N ASP A 111 -4.42 -12.47 3.91
CA ASP A 111 -5.69 -11.98 4.44
C ASP A 111 -5.80 -10.48 4.20
N TYR A 112 -4.78 -9.70 4.56
CA TYR A 112 -4.82 -8.25 4.43
C TYR A 112 -5.05 -7.84 2.97
N VAL A 113 -4.44 -8.54 2.00
CA VAL A 113 -4.68 -8.28 0.58
C VAL A 113 -6.13 -8.58 0.19
N ALA A 114 -6.78 -9.57 0.83
CA ALA A 114 -8.15 -9.93 0.50
C ALA A 114 -9.17 -9.09 1.30
N GLY A 115 -8.78 -8.53 2.44
CA GLY A 115 -9.65 -7.77 3.33
C GLY A 115 -9.69 -6.29 2.95
N LEU A 116 -8.60 -5.74 2.41
CA LEU A 116 -8.67 -4.43 1.77
C LEU A 116 -9.73 -4.52 0.67
N ARG A 117 -10.70 -3.61 0.75
CA ARG A 117 -11.79 -3.49 -0.21
C ARG A 117 -11.22 -2.75 -1.42
N THR A 118 -11.91 -2.72 -2.55
CA THR A 118 -11.45 -2.04 -3.76
C THR A 118 -12.57 -1.22 -4.39
N GLU A 119 -13.71 -1.12 -3.69
CA GLU A 119 -14.79 -0.17 -3.88
C GLU A 119 -15.68 -0.37 -2.66
N GLY A 1 5.84 -13.60 -17.79
CA GLY A 1 6.55 -13.04 -16.64
C GLY A 1 7.76 -12.22 -17.07
N HIS A 2 7.53 -10.99 -17.52
CA HIS A 2 8.55 -9.95 -17.56
C HIS A 2 8.69 -9.40 -16.13
N MET A 3 7.54 -9.18 -15.47
CA MET A 3 7.38 -8.96 -14.04
C MET A 3 6.67 -10.15 -13.40
N LYS A 4 6.49 -10.16 -12.09
CA LYS A 4 5.78 -11.16 -11.29
C LYS A 4 4.98 -10.44 -10.21
N PHE A 5 4.46 -11.16 -9.20
CA PHE A 5 3.56 -10.64 -8.17
C PHE A 5 2.32 -9.96 -8.81
N THR A 6 1.49 -9.31 -7.99
CA THR A 6 0.38 -8.47 -8.36
C THR A 6 0.39 -7.25 -7.44
N ASP A 7 -0.09 -6.09 -7.90
CA ASP A 7 -0.01 -4.83 -7.15
C ASP A 7 -0.73 -4.97 -5.81
N GLN A 8 -1.90 -5.63 -5.84
CA GLN A 8 -2.67 -6.07 -4.69
C GLN A 8 -1.75 -6.74 -3.63
N GLN A 9 -1.01 -7.76 -4.04
CA GLN A 9 -0.18 -8.59 -3.17
C GLN A 9 1.04 -7.83 -2.62
N ILE A 10 1.57 -6.87 -3.38
CA ILE A 10 2.74 -6.09 -2.98
C ILE A 10 2.32 -4.98 -2.01
N GLY A 11 1.12 -4.42 -2.21
CA GLY A 11 0.64 -3.27 -1.47
C GLY A 11 0.65 -3.51 0.02
N VAL A 12 0.18 -4.69 0.47
CA VAL A 12 0.21 -5.05 1.88
C VAL A 12 1.66 -4.96 2.40
N LEU A 13 2.63 -5.57 1.71
CA LEU A 13 4.03 -5.56 2.14
C LEU A 13 4.55 -4.13 2.26
N ALA A 14 4.16 -3.25 1.34
CA ALA A 14 4.53 -1.83 1.39
C ALA A 14 3.94 -1.13 2.61
N GLY A 15 2.65 -1.31 2.91
CA GLY A 15 2.00 -0.68 4.06
C GLY A 15 2.52 -1.26 5.37
N LEU A 16 2.95 -2.52 5.41
CA LEU A 16 3.62 -3.04 6.61
C LEU A 16 4.91 -2.28 6.89
N ALA A 17 5.55 -1.74 5.85
CA ALA A 17 6.75 -0.94 5.97
C ALA A 17 6.47 0.52 6.40
N ILE A 18 5.23 1.00 6.38
CA ILE A 18 4.84 2.39 6.64
C ILE A 18 3.51 2.36 7.39
N SER A 19 3.53 2.50 8.71
CA SER A 19 2.36 2.41 9.59
C SER A 19 1.62 1.07 9.44
N PRO A 20 2.25 -0.04 9.87
CA PRO A 20 1.62 -1.35 9.84
C PRO A 20 0.36 -1.37 10.71
N GLU A 21 0.39 -0.69 11.85
CA GLU A 21 -0.68 -0.72 12.84
C GLU A 21 -1.97 -0.10 12.30
N TRP A 22 -1.90 1.08 11.67
CA TRP A 22 -3.06 1.71 11.02
C TRP A 22 -3.69 0.71 10.05
N LEU A 23 -2.89 0.12 9.14
CA LEU A 23 -3.43 -0.85 8.19
C LEU A 23 -4.07 -2.02 8.92
N LYS A 24 -3.36 -2.64 9.85
CA LYS A 24 -3.83 -3.84 10.55
C LYS A 24 -5.15 -3.57 11.26
N GLN A 25 -5.38 -2.37 11.80
CA GLN A 25 -6.62 -2.01 12.45
C GLN A 25 -7.71 -1.91 11.40
N ASN A 26 -7.44 -1.18 10.32
CA ASN A 26 -8.40 -0.96 9.25
C ASN A 26 -8.84 -2.27 8.60
N ILE A 27 -7.94 -3.24 8.41
CA ILE A 27 -8.30 -4.57 7.91
C ILE A 27 -9.28 -5.23 8.88
N ALA A 28 -8.93 -5.30 10.17
CA ALA A 28 -9.79 -5.91 11.18
C ALA A 28 -11.16 -5.23 11.20
N ALA A 29 -11.18 -3.90 11.10
CA ALA A 29 -12.37 -3.08 11.05
C ALA A 29 -13.14 -3.24 9.74
N ASN A 30 -12.55 -3.79 8.67
CA ASN A 30 -13.08 -3.81 7.32
C ASN A 30 -13.33 -2.39 6.79
N GLN A 31 -12.53 -1.42 7.26
CA GLN A 31 -12.65 0.01 6.93
C GLN A 31 -11.75 0.42 5.76
N LEU A 32 -10.77 -0.40 5.43
CA LEU A 32 -9.69 -0.10 4.50
C LEU A 32 -10.17 -0.31 3.07
N VAL A 33 -9.87 0.62 2.18
CA VAL A 33 -10.06 0.49 0.74
C VAL A 33 -8.69 0.68 0.06
N TYR A 34 -8.52 -0.06 -1.04
CA TYR A 34 -7.41 -0.02 -1.97
C TYR A 34 -7.92 0.66 -3.23
N GLY A 35 -7.16 1.59 -3.84
CA GLY A 35 -7.60 2.28 -5.03
C GLY A 35 -6.45 2.77 -5.91
N ILE A 36 -6.84 3.38 -7.02
CA ILE A 36 -6.03 3.80 -8.15
C ILE A 36 -6.36 5.24 -8.46
N VAL A 37 -5.24 5.89 -8.70
CA VAL A 37 -5.03 7.24 -9.05
C VAL A 37 -5.54 7.46 -10.48
N LYS A 38 -4.79 7.00 -11.52
CA LYS A 38 -5.07 7.26 -12.94
C LYS A 38 -5.16 8.75 -13.23
N PRO A 39 -5.16 9.19 -14.51
CA PRO A 39 -5.56 10.55 -14.86
C PRO A 39 -7.07 10.74 -14.59
N SER A 40 -7.44 10.84 -13.31
CA SER A 40 -8.80 11.12 -12.87
C SER A 40 -8.85 11.79 -11.49
N ASP A 41 -8.39 11.15 -10.40
CA ASP A 41 -8.58 11.74 -9.04
C ASP A 41 -7.59 12.87 -8.80
N THR A 42 -7.71 13.54 -7.65
CA THR A 42 -6.85 14.64 -7.29
C THR A 42 -5.71 14.06 -6.45
N VAL A 43 -4.46 14.24 -6.89
CA VAL A 43 -3.28 13.68 -6.24
C VAL A 43 -2.09 14.62 -6.50
N PRO A 44 -1.01 14.54 -5.70
CA PRO A 44 0.16 15.37 -5.90
C PRO A 44 0.95 14.93 -7.14
N ALA A 45 1.76 15.84 -7.69
CA ALA A 45 2.67 15.52 -8.79
C ALA A 45 3.56 14.35 -8.39
N GLY A 46 3.65 13.33 -9.25
CA GLY A 46 4.52 12.17 -9.11
C GLY A 46 3.83 10.91 -8.60
N VAL A 47 2.51 10.75 -8.75
CA VAL A 47 1.78 9.52 -8.44
C VAL A 47 0.67 9.28 -9.50
N ASP A 48 1.06 8.95 -10.72
CA ASP A 48 0.19 8.84 -11.91
C ASP A 48 -0.49 7.49 -12.07
N ASP A 49 -0.03 6.54 -11.28
CA ASP A 49 -0.30 5.11 -11.41
C ASP A 49 0.21 4.39 -10.15
N TYR A 50 0.29 5.10 -9.03
CA TYR A 50 0.69 4.60 -7.72
C TYR A 50 -0.58 4.23 -6.97
N SER A 51 -0.90 2.94 -6.81
CA SER A 51 -2.00 2.49 -5.99
C SER A 51 -1.89 3.09 -4.58
N TYR A 52 -3.04 3.29 -3.93
CA TYR A 52 -3.11 3.91 -2.62
C TYR A 52 -3.97 3.08 -1.67
N LEU A 53 -3.75 3.31 -0.38
CA LEU A 53 -4.48 2.74 0.74
C LEU A 53 -5.05 3.92 1.53
N VAL A 54 -6.36 3.92 1.83
CA VAL A 54 -7.01 4.92 2.70
C VAL A 54 -8.24 4.26 3.33
N ALA A 55 -8.75 4.79 4.44
CA ALA A 55 -9.97 4.29 5.06
C ALA A 55 -11.19 5.01 4.50
N ALA A 56 -12.36 4.39 4.69
CA ALA A 56 -13.66 4.98 4.38
C ALA A 56 -13.99 6.22 5.22
N ASP A 57 -13.14 6.56 6.19
CA ASP A 57 -13.39 7.64 7.12
C ASP A 57 -12.08 8.43 7.40
N ASP A 58 -11.12 8.34 6.48
CA ASP A 58 -9.81 9.01 6.52
C ASP A 58 -9.60 9.80 5.20
N GLN A 59 -10.64 10.30 4.52
CA GLN A 59 -10.48 11.01 3.23
C GLN A 59 -9.66 12.31 3.33
N ASP A 60 -9.28 12.75 4.52
CA ASP A 60 -8.19 13.70 4.76
C ASP A 60 -7.42 13.35 6.04
N GLY A 61 -7.47 12.09 6.48
CA GLY A 61 -6.85 11.61 7.71
C GLY A 61 -5.39 11.23 7.48
N THR A 62 -5.16 10.12 6.77
CA THR A 62 -3.85 9.60 6.38
C THR A 62 -4.01 8.96 4.98
N ILE A 63 -2.91 8.76 4.24
CA ILE A 63 -2.91 7.95 3.02
C ILE A 63 -1.49 7.38 2.83
N ILE A 64 -1.35 6.25 2.13
CA ILE A 64 -0.06 5.78 1.65
C ILE A 64 -0.23 5.43 0.17
N PHE A 65 0.79 5.76 -0.63
CA PHE A 65 0.89 5.46 -2.05
C PHE A 65 2.06 4.50 -2.29
N PHE A 66 1.98 3.60 -3.27
CA PHE A 66 3.08 2.73 -3.68
C PHE A 66 2.97 2.36 -5.16
N LYS A 67 4.11 1.99 -5.79
CA LYS A 67 4.25 1.58 -7.19
C LYS A 67 5.37 0.57 -7.33
N ALA A 68 5.09 -0.71 -7.21
CA ALA A 68 6.12 -1.68 -7.50
C ALA A 68 6.34 -1.73 -9.00
N GLU A 69 7.44 -1.14 -9.47
CA GLU A 69 7.89 -1.19 -10.84
C GLU A 69 9.14 -2.06 -10.91
N GLY A 70 9.15 -3.03 -11.81
CA GLY A 70 10.25 -3.97 -12.03
C GLY A 70 10.59 -4.74 -10.76
N GLN A 71 11.49 -4.18 -9.94
CA GLN A 71 12.08 -4.73 -8.73
C GLN A 71 12.18 -3.69 -7.60
N THR A 72 11.45 -2.57 -7.67
CA THR A 72 11.55 -1.42 -6.75
C THR A 72 10.14 -0.93 -6.39
N VAL A 73 9.93 -0.51 -5.14
CA VAL A 73 8.72 0.07 -4.61
C VAL A 73 9.11 1.38 -3.91
N ILE A 74 8.88 2.48 -4.62
CA ILE A 74 8.86 3.88 -4.20
C ILE A 74 7.60 4.14 -3.36
N ILE A 75 7.62 3.72 -2.10
CA ILE A 75 6.57 4.00 -1.14
C ILE A 75 6.59 5.52 -0.93
N LYS A 76 5.42 6.13 -1.03
CA LYS A 76 5.24 7.57 -0.94
C LYS A 76 4.14 7.84 0.09
N TYR A 77 4.42 8.59 1.15
CA TYR A 77 3.54 8.70 2.31
C TYR A 77 3.60 10.11 2.90
N THR A 78 2.69 10.42 3.83
CA THR A 78 2.51 11.78 4.35
C THR A 78 1.85 11.75 5.73
N SER A 79 1.74 12.92 6.36
CA SER A 79 0.88 13.17 7.51
C SER A 79 -0.34 14.01 7.14
N GLN A 80 -0.40 14.55 5.93
CA GLN A 80 -1.46 15.43 5.47
C GLN A 80 -1.79 15.23 4.00
N ARG A 81 -3.07 15.43 3.65
CA ARG A 81 -3.56 15.42 2.27
C ARG A 81 -3.32 16.75 1.55
N ASN A 82 -2.52 17.65 2.15
CA ASN A 82 -2.24 19.01 1.68
C ASN A 82 -0.78 19.26 1.31
N THR A 83 0.06 18.22 1.39
CA THR A 83 1.51 18.36 1.35
C THR A 83 2.17 17.40 0.34
N LYS A 84 3.50 17.52 0.18
CA LYS A 84 4.33 16.61 -0.61
C LYS A 84 4.47 15.29 0.14
N LEU A 85 4.60 14.20 -0.62
CA LEU A 85 4.82 12.83 -0.15
C LEU A 85 6.33 12.63 0.03
N LYS A 86 6.74 11.89 1.06
CA LYS A 86 8.10 11.37 1.22
C LYS A 86 8.42 10.38 0.11
N ALA A 87 9.68 10.00 -0.03
CA ALA A 87 10.19 9.08 -1.04
C ALA A 87 11.03 8.00 -0.36
N LYS A 88 10.48 6.79 -0.21
CA LYS A 88 11.14 5.63 0.38
C LYS A 88 11.13 4.52 -0.65
N ALA A 89 12.17 4.42 -1.47
CA ALA A 89 12.35 3.31 -2.38
C ALA A 89 12.96 2.13 -1.61
N LEU A 90 12.25 1.01 -1.57
CA LEU A 90 12.71 -0.30 -1.12
C LEU A 90 12.59 -1.24 -2.31
N THR A 91 13.50 -2.19 -2.45
CA THR A 91 13.40 -3.23 -3.47
C THR A 91 12.21 -4.17 -3.21
N LEU A 92 11.73 -4.84 -4.26
CA LEU A 92 10.81 -5.96 -4.12
C LEU A 92 11.38 -6.99 -3.15
N SER A 93 12.66 -7.34 -3.28
CA SER A 93 13.29 -8.32 -2.41
C SER A 93 13.30 -7.83 -0.95
N GLN A 94 13.58 -6.53 -0.70
CA GLN A 94 13.50 -5.95 0.64
C GLN A 94 12.14 -6.27 1.26
N LEU A 95 11.06 -5.79 0.65
CA LEU A 95 9.72 -5.94 1.21
C LEU A 95 9.32 -7.41 1.38
N LYS A 96 9.70 -8.27 0.44
CA LYS A 96 9.44 -9.70 0.56
C LYS A 96 10.17 -10.26 1.76
N LYS A 97 11.44 -9.89 2.00
CA LYS A 97 12.19 -10.42 3.12
C LYS A 97 11.51 -9.94 4.41
N GLU A 98 11.37 -8.62 4.55
CA GLU A 98 10.88 -7.97 5.76
C GLU A 98 9.55 -8.55 6.22
N PHE A 99 8.64 -8.83 5.28
CA PHE A 99 7.24 -9.10 5.59
C PHE A 99 6.73 -10.36 4.88
N TYR A 100 7.62 -11.26 4.45
CA TYR A 100 7.23 -12.51 3.83
C TYR A 100 8.39 -13.52 3.84
N GLN A 101 8.85 -13.87 5.03
CA GLN A 101 9.94 -14.81 5.24
C GLN A 101 9.42 -16.19 5.69
N THR A 102 8.53 -16.24 6.67
CA THR A 102 7.97 -17.50 7.17
C THR A 102 6.72 -17.87 6.37
N ARG A 103 6.31 -19.13 6.41
CA ARG A 103 5.12 -19.57 5.70
C ARG A 103 3.86 -19.28 6.52
N SER A 104 3.96 -19.32 7.85
CA SER A 104 2.84 -19.03 8.72
C SER A 104 2.33 -17.59 8.51
N GLN A 105 3.21 -16.60 8.26
CA GLN A 105 2.75 -15.21 8.05
C GLN A 105 1.94 -15.08 6.76
N LYS A 106 2.20 -15.93 5.75
CA LYS A 106 1.60 -15.80 4.41
C LYS A 106 0.08 -15.79 4.45
N ARG A 107 -0.51 -16.55 5.39
CA ARG A 107 -1.93 -16.59 5.67
C ARG A 107 -2.42 -15.16 5.94
N GLU A 108 -2.05 -14.59 7.07
CA GLU A 108 -2.40 -13.23 7.46
C GLU A 108 -2.15 -12.22 6.35
N VAL A 109 -0.91 -12.14 5.87
CA VAL A 109 -0.52 -11.14 4.89
C VAL A 109 -1.41 -11.22 3.65
N ASP A 110 -1.73 -12.42 3.17
CA ASP A 110 -2.58 -12.61 1.99
C ASP A 110 -4.06 -12.41 2.33
N ASP A 111 -4.48 -12.69 3.57
CA ASP A 111 -5.82 -12.34 4.04
C ASP A 111 -6.00 -10.84 3.91
N TYR A 112 -4.99 -10.05 4.33
CA TYR A 112 -5.03 -8.59 4.25
C TYR A 112 -5.24 -8.11 2.81
N VAL A 113 -4.79 -8.88 1.80
CA VAL A 113 -5.01 -8.57 0.38
C VAL A 113 -6.49 -8.72 -0.02
N ALA A 114 -7.34 -9.36 0.77
CA ALA A 114 -8.77 -9.53 0.51
C ALA A 114 -9.67 -8.97 1.62
N GLY A 115 -9.09 -8.63 2.79
CA GLY A 115 -9.77 -7.87 3.83
C GLY A 115 -9.77 -6.38 3.52
N LEU A 116 -8.85 -5.92 2.65
CA LEU A 116 -8.99 -4.62 2.01
C LEU A 116 -10.16 -4.70 1.03
N ARG A 117 -10.95 -3.63 0.95
CA ARG A 117 -11.98 -3.46 -0.08
C ARG A 117 -11.34 -2.77 -1.28
N THR A 118 -12.04 -2.69 -2.40
CA THR A 118 -11.62 -1.92 -3.58
C THR A 118 -12.77 -1.02 -4.08
N GLU A 119 -13.83 -0.94 -3.29
CA GLU A 119 -14.99 -0.07 -3.44
C GLU A 119 -15.60 -0.02 -2.05
N GLY A 1 5.32 -15.67 -16.96
CA GLY A 1 3.86 -15.61 -17.12
C GLY A 1 3.20 -14.80 -16.03
N HIS A 2 1.98 -15.17 -15.63
CA HIS A 2 1.19 -14.47 -14.63
C HIS A 2 1.77 -14.55 -13.21
N MET A 3 2.67 -15.50 -12.94
CA MET A 3 3.18 -15.82 -11.61
C MET A 3 4.22 -14.79 -11.13
N LYS A 4 3.78 -13.55 -10.98
CA LYS A 4 4.50 -12.42 -10.39
C LYS A 4 3.65 -11.90 -9.25
N PHE A 5 4.22 -11.04 -8.40
CA PHE A 5 3.43 -10.25 -7.47
C PHE A 5 2.62 -9.22 -8.25
N THR A 6 1.73 -8.54 -7.53
CA THR A 6 0.71 -7.65 -8.02
C THR A 6 0.70 -6.44 -7.11
N ASP A 7 0.22 -5.30 -7.61
CA ASP A 7 0.04 -4.05 -6.86
C ASP A 7 -0.70 -4.33 -5.55
N GLN A 8 -1.84 -5.05 -5.62
CA GLN A 8 -2.59 -5.53 -4.47
C GLN A 8 -1.70 -6.14 -3.38
N GLN A 9 -0.92 -7.14 -3.77
CA GLN A 9 -0.12 -7.96 -2.87
C GLN A 9 1.05 -7.15 -2.30
N ILE A 10 1.67 -6.31 -3.13
CA ILE A 10 2.75 -5.41 -2.73
C ILE A 10 2.19 -4.37 -1.75
N GLY A 11 0.92 -4.00 -1.89
CA GLY A 11 0.22 -3.03 -1.08
C GLY A 11 0.40 -3.31 0.40
N VAL A 12 0.07 -4.52 0.84
CA VAL A 12 0.08 -4.86 2.26
C VAL A 12 1.51 -4.88 2.78
N LEU A 13 2.48 -5.38 1.99
CA LEU A 13 3.89 -5.40 2.37
C LEU A 13 4.42 -3.97 2.55
N ALA A 14 4.25 -3.10 1.57
CA ALA A 14 4.73 -1.73 1.68
C ALA A 14 4.03 -0.99 2.82
N GLY A 15 2.77 -1.32 3.12
CA GLY A 15 2.07 -0.78 4.28
C GLY A 15 2.70 -1.20 5.61
N LEU A 16 3.39 -2.35 5.68
CA LEU A 16 4.04 -2.76 6.92
C LEU A 16 5.29 -1.94 7.20
N ALA A 17 5.95 -1.44 6.15
CA ALA A 17 7.04 -0.48 6.33
C ALA A 17 6.50 0.87 6.84
N ILE A 18 5.23 1.20 6.59
CA ILE A 18 4.67 2.54 6.77
C ILE A 18 3.36 2.42 7.56
N SER A 19 3.46 2.42 8.89
CA SER A 19 2.32 2.46 9.80
C SER A 19 1.51 1.16 9.77
N PRO A 20 2.13 0.00 10.10
CA PRO A 20 1.47 -1.30 10.09
C PRO A 20 0.25 -1.32 11.02
N GLU A 21 0.33 -0.65 12.17
CA GLU A 21 -0.76 -0.59 13.15
C GLU A 21 -2.03 0.01 12.54
N TRP A 22 -1.90 1.08 11.76
CA TRP A 22 -3.04 1.70 11.07
C TRP A 22 -3.64 0.67 10.12
N LEU A 23 -2.85 0.13 9.18
CA LEU A 23 -3.31 -0.87 8.22
C LEU A 23 -4.02 -2.02 8.94
N LYS A 24 -3.42 -2.55 10.00
CA LYS A 24 -3.95 -3.67 10.76
C LYS A 24 -5.28 -3.32 11.42
N GLN A 25 -5.39 -2.15 12.06
CA GLN A 25 -6.66 -1.67 12.60
C GLN A 25 -7.71 -1.51 11.50
N ASN A 26 -7.32 -1.01 10.33
CA ASN A 26 -8.24 -0.79 9.22
C ASN A 26 -8.79 -2.14 8.77
N ILE A 27 -7.92 -3.10 8.45
CA ILE A 27 -8.29 -4.46 8.04
C ILE A 27 -9.19 -5.09 9.11
N ALA A 28 -8.87 -4.90 10.39
CA ALA A 28 -9.62 -5.46 11.51
C ALA A 28 -10.98 -4.79 11.75
N ALA A 29 -11.41 -3.90 10.85
CA ALA A 29 -12.81 -3.52 10.72
C ALA A 29 -13.20 -3.43 9.24
N ASN A 30 -12.46 -4.10 8.35
CA ASN A 30 -12.60 -4.08 6.88
C ASN A 30 -12.64 -2.65 6.29
N GLN A 31 -12.07 -1.66 6.99
CA GLN A 31 -12.17 -0.25 6.60
C GLN A 31 -11.16 0.12 5.52
N LEU A 32 -10.13 -0.70 5.26
CA LEU A 32 -9.10 -0.33 4.31
C LEU A 32 -9.69 -0.33 2.90
N VAL A 33 -9.43 0.71 2.10
CA VAL A 33 -9.73 0.77 0.68
C VAL A 33 -8.38 0.79 -0.04
N TYR A 34 -8.38 0.33 -1.30
CA TYR A 34 -7.30 0.35 -2.26
C TYR A 34 -7.81 1.10 -3.49
N GLY A 35 -6.97 1.85 -4.20
CA GLY A 35 -7.43 2.58 -5.37
C GLY A 35 -6.32 3.04 -6.28
N ILE A 36 -6.73 3.54 -7.44
CA ILE A 36 -5.91 4.08 -8.50
C ILE A 36 -6.23 5.55 -8.60
N VAL A 37 -5.13 6.25 -8.66
CA VAL A 37 -4.84 7.62 -8.95
C VAL A 37 -5.63 8.13 -10.15
N LYS A 38 -5.54 7.46 -11.31
CA LYS A 38 -6.24 7.79 -12.56
C LYS A 38 -5.83 9.15 -13.13
N PRO A 39 -6.05 9.41 -14.44
CA PRO A 39 -5.66 10.66 -15.10
C PRO A 39 -6.51 11.85 -14.67
N SER A 40 -7.61 11.59 -13.99
CA SER A 40 -8.45 12.58 -13.33
C SER A 40 -9.09 11.92 -12.11
N ASP A 41 -8.42 12.02 -10.96
CA ASP A 41 -9.03 11.92 -9.63
C ASP A 41 -8.38 12.98 -8.75
N THR A 42 -8.54 12.92 -7.42
CA THR A 42 -8.15 13.96 -6.47
C THR A 42 -6.74 13.75 -5.92
N VAL A 43 -5.85 13.27 -6.78
CA VAL A 43 -4.55 12.77 -6.37
C VAL A 43 -3.46 13.78 -6.76
N PRO A 44 -2.32 13.81 -6.05
CA PRO A 44 -1.27 14.80 -6.27
C PRO A 44 -0.59 14.60 -7.62
N ALA A 45 0.36 15.47 -7.97
CA ALA A 45 1.20 15.24 -9.12
C ALA A 45 2.33 14.27 -8.76
N GLY A 46 2.93 13.65 -9.76
CA GLY A 46 4.07 12.74 -9.55
C GLY A 46 3.63 11.43 -8.89
N VAL A 47 2.43 10.97 -9.20
CA VAL A 47 1.86 9.70 -8.73
C VAL A 47 0.95 9.08 -9.82
N ASP A 48 1.14 9.38 -11.11
CA ASP A 48 0.20 9.16 -12.25
C ASP A 48 -0.26 7.71 -12.48
N ASP A 49 0.29 6.77 -11.73
CA ASP A 49 0.01 5.33 -11.78
C ASP A 49 0.39 4.68 -10.43
N TYR A 50 0.58 5.49 -9.37
CA TYR A 50 0.96 5.00 -8.06
C TYR A 50 -0.32 4.61 -7.34
N SER A 51 -0.66 3.34 -7.28
CA SER A 51 -1.80 2.88 -6.50
C SER A 51 -1.70 3.39 -5.05
N TYR A 52 -2.84 3.63 -4.40
CA TYR A 52 -2.92 4.14 -3.03
C TYR A 52 -3.75 3.20 -2.16
N LEU A 53 -3.63 3.43 -0.85
CA LEU A 53 -4.34 2.75 0.22
C LEU A 53 -4.78 3.87 1.17
N VAL A 54 -6.04 3.89 1.56
CA VAL A 54 -6.59 4.84 2.52
C VAL A 54 -7.73 4.14 3.27
N ALA A 55 -8.01 4.51 4.52
CA ALA A 55 -9.13 3.90 5.23
C ALA A 55 -10.41 4.68 4.89
N ALA A 56 -11.52 3.96 4.77
CA ALA A 56 -12.84 4.39 4.31
C ALA A 56 -13.47 5.52 5.13
N ASP A 57 -12.89 5.84 6.28
CA ASP A 57 -13.42 6.82 7.23
C ASP A 57 -12.34 7.81 7.68
N ASP A 58 -11.16 7.75 7.07
CA ASP A 58 -9.99 8.59 7.38
C ASP A 58 -9.42 9.08 6.03
N GLN A 59 -10.31 9.28 5.05
CA GLN A 59 -9.99 9.46 3.63
C GLN A 59 -9.25 10.78 3.36
N ASP A 60 -9.34 11.74 4.28
CA ASP A 60 -8.63 13.02 4.26
C ASP A 60 -7.74 13.13 5.51
N GLY A 61 -7.39 12.00 6.12
CA GLY A 61 -6.59 11.87 7.33
C GLY A 61 -5.21 11.34 6.95
N THR A 62 -4.98 10.03 7.12
CA THR A 62 -3.80 9.32 6.61
C THR A 62 -3.95 9.15 5.09
N ILE A 63 -2.87 8.87 4.34
CA ILE A 63 -2.91 8.14 3.07
C ILE A 63 -1.53 7.60 2.75
N ILE A 64 -1.45 6.53 1.96
CA ILE A 64 -0.19 5.96 1.51
C ILE A 64 -0.33 5.58 0.02
N PHE A 65 0.77 5.67 -0.73
CA PHE A 65 0.87 5.47 -2.19
C PHE A 65 2.09 4.57 -2.46
N PHE A 66 2.14 3.87 -3.60
CA PHE A 66 3.29 3.07 -3.99
C PHE A 66 3.25 2.73 -5.49
N LYS A 67 4.40 2.39 -6.09
CA LYS A 67 4.53 1.97 -7.49
C LYS A 67 5.67 0.97 -7.63
N ALA A 68 5.36 -0.27 -8.01
CA ALA A 68 6.35 -1.25 -8.44
C ALA A 68 6.91 -0.84 -9.79
N GLU A 69 8.06 -0.17 -9.79
CA GLU A 69 8.87 -0.04 -10.99
C GLU A 69 9.39 -1.40 -11.47
N GLY A 70 9.35 -2.43 -10.61
CA GLY A 70 9.72 -3.80 -10.94
C GLY A 70 11.13 -4.06 -10.42
N GLN A 71 11.30 -5.07 -9.56
CA GLN A 71 12.45 -5.26 -8.67
C GLN A 71 12.64 -4.10 -7.66
N THR A 72 11.89 -3.02 -7.77
CA THR A 72 11.88 -1.83 -6.92
C THR A 72 10.43 -1.37 -6.75
N VAL A 73 10.08 -0.84 -5.58
CA VAL A 73 8.79 -0.20 -5.29
C VAL A 73 9.13 1.10 -4.60
N ILE A 74 8.80 2.21 -5.27
CA ILE A 74 8.87 3.54 -4.70
C ILE A 74 7.62 3.67 -3.85
N ILE A 75 7.76 3.59 -2.54
CA ILE A 75 6.70 3.91 -1.60
C ILE A 75 6.64 5.44 -1.54
N LYS A 76 5.45 6.04 -1.43
CA LYS A 76 5.24 7.47 -1.20
C LYS A 76 4.19 7.63 -0.08
N TYR A 77 4.51 8.33 1.01
CA TYR A 77 3.60 8.45 2.17
C TYR A 77 3.68 9.85 2.77
N THR A 78 2.73 10.21 3.63
CA THR A 78 2.56 11.55 4.18
C THR A 78 1.86 11.47 5.54
N SER A 79 1.72 12.61 6.21
CA SER A 79 0.84 12.77 7.36
C SER A 79 -0.24 13.83 7.11
N GLN A 80 -0.30 14.40 5.90
CA GLN A 80 -1.53 15.03 5.41
C GLN A 80 -1.73 14.65 3.95
N ARG A 81 -2.97 14.41 3.52
CA ARG A 81 -3.36 14.14 2.13
C ARG A 81 -2.78 15.22 1.21
N ASN A 82 -2.88 16.44 1.70
CA ASN A 82 -2.56 17.71 1.07
C ASN A 82 -1.13 18.22 1.40
N THR A 83 -0.17 17.37 1.76
CA THR A 83 1.24 17.79 1.88
C THR A 83 2.11 16.85 1.05
N LYS A 84 3.32 17.29 0.68
CA LYS A 84 4.21 16.53 -0.21
C LYS A 84 4.63 15.23 0.46
N LEU A 85 4.47 14.13 -0.27
CA LEU A 85 4.86 12.78 0.11
C LEU A 85 6.37 12.68 0.32
N LYS A 86 6.80 11.75 1.18
CA LYS A 86 8.19 11.32 1.36
C LYS A 86 8.61 10.45 0.17
N ALA A 87 9.89 10.07 0.16
CA ALA A 87 10.46 9.08 -0.74
C ALA A 87 11.03 7.93 0.09
N LYS A 88 10.72 6.68 -0.27
CA LYS A 88 11.35 5.46 0.22
C LYS A 88 11.35 4.49 -0.96
N ALA A 89 12.47 3.86 -1.30
CA ALA A 89 12.60 3.12 -2.56
C ALA A 89 13.38 1.84 -2.32
N LEU A 90 12.67 0.75 -2.03
CA LEU A 90 13.26 -0.53 -1.66
C LEU A 90 13.01 -1.54 -2.77
N THR A 91 13.71 -2.68 -2.72
CA THR A 91 13.54 -3.76 -3.69
C THR A 91 12.40 -4.69 -3.32
N LEU A 92 11.91 -5.47 -4.30
CA LEU A 92 10.90 -6.49 -4.04
C LEU A 92 11.44 -7.46 -2.99
N SER A 93 12.73 -7.77 -3.11
CA SER A 93 13.40 -8.70 -2.23
C SER A 93 13.54 -8.12 -0.81
N GLN A 94 13.77 -6.81 -0.60
CA GLN A 94 13.67 -6.16 0.71
C GLN A 94 12.35 -6.50 1.39
N LEU A 95 11.23 -6.08 0.81
CA LEU A 95 9.90 -6.25 1.42
C LEU A 95 9.65 -7.73 1.73
N LYS A 96 10.16 -8.63 0.89
CA LYS A 96 10.02 -10.06 1.07
C LYS A 96 10.86 -10.55 2.25
N LYS A 97 12.09 -10.05 2.41
CA LYS A 97 12.99 -10.38 3.51
C LYS A 97 12.54 -9.75 4.83
N GLU A 98 11.62 -8.78 4.78
CA GLU A 98 11.20 -8.01 5.94
C GLU A 98 9.88 -8.53 6.47
N PHE A 99 8.94 -8.84 5.58
CA PHE A 99 7.56 -9.11 5.95
C PHE A 99 7.02 -10.40 5.33
N TYR A 100 7.83 -11.11 4.54
CA TYR A 100 7.37 -12.32 3.85
C TYR A 100 8.42 -13.43 3.96
N GLN A 101 8.80 -13.74 5.20
CA GLN A 101 9.69 -14.82 5.62
C GLN A 101 8.99 -16.17 5.88
N THR A 102 8.04 -16.23 6.80
CA THR A 102 7.50 -17.45 7.40
C THR A 102 6.51 -18.17 6.45
N ARG A 103 5.75 -19.13 6.98
CA ARG A 103 4.79 -19.93 6.24
C ARG A 103 3.39 -19.48 6.62
N SER A 104 3.11 -19.41 7.92
CA SER A 104 1.88 -18.93 8.53
C SER A 104 1.56 -17.48 8.11
N GLN A 105 2.56 -16.62 7.84
CA GLN A 105 2.30 -15.22 7.44
C GLN A 105 1.34 -15.15 6.25
N LYS A 106 1.38 -16.13 5.34
CA LYS A 106 0.56 -16.21 4.13
C LYS A 106 -0.92 -16.45 4.45
N ARG A 107 -1.27 -16.55 5.72
CA ARG A 107 -2.63 -16.67 6.21
C ARG A 107 -3.09 -15.39 6.90
N GLU A 108 -2.24 -14.38 6.96
CA GLU A 108 -2.52 -13.05 7.46
C GLU A 108 -2.23 -12.07 6.32
N VAL A 109 -0.98 -11.96 5.90
CA VAL A 109 -0.51 -11.06 4.86
C VAL A 109 -1.34 -11.22 3.57
N ASP A 110 -1.58 -12.45 3.11
CA ASP A 110 -2.44 -12.72 1.96
C ASP A 110 -3.92 -12.40 2.22
N ASP A 111 -4.34 -12.61 3.47
CA ASP A 111 -5.72 -12.54 3.95
C ASP A 111 -6.16 -11.08 4.07
N TYR A 112 -5.25 -10.18 4.46
CA TYR A 112 -5.37 -8.73 4.49
C TYR A 112 -5.64 -8.17 3.08
N VAL A 113 -5.08 -8.78 2.03
CA VAL A 113 -5.34 -8.33 0.65
C VAL A 113 -6.81 -8.56 0.28
N ALA A 114 -7.52 -9.47 0.95
CA ALA A 114 -8.97 -9.67 0.82
C ALA A 114 -9.76 -8.97 1.93
N GLY A 115 -9.09 -8.49 2.99
CA GLY A 115 -9.69 -7.78 4.12
C GLY A 115 -9.76 -6.27 3.87
N LEU A 116 -9.51 -5.84 2.64
CA LEU A 116 -9.64 -4.47 2.18
C LEU A 116 -10.68 -4.41 1.06
N ARG A 117 -10.95 -3.20 0.57
CA ARG A 117 -12.04 -2.84 -0.32
C ARG A 117 -11.48 -2.03 -1.48
N THR A 118 -12.30 -1.66 -2.48
CA THR A 118 -11.76 -0.97 -3.64
C THR A 118 -12.59 0.26 -4.05
N GLU A 119 -13.65 0.54 -3.31
CA GLU A 119 -14.85 1.28 -3.71
C GLU A 119 -15.53 0.49 -4.80
N GLY A 1 -1.55 -10.42 -15.47
CA GLY A 1 -1.01 -10.58 -14.11
C GLY A 1 -0.30 -11.92 -13.97
N HIS A 2 -0.68 -12.70 -12.95
CA HIS A 2 -0.25 -14.08 -12.65
C HIS A 2 1.27 -14.37 -12.77
N MET A 3 2.11 -13.37 -12.56
CA MET A 3 3.56 -13.44 -12.41
C MET A 3 3.97 -12.20 -11.61
N LYS A 4 5.25 -12.07 -11.23
CA LYS A 4 5.88 -10.86 -10.67
C LYS A 4 5.15 -10.21 -9.49
N PHE A 5 4.41 -11.01 -8.69
CA PHE A 5 3.47 -10.63 -7.63
C PHE A 5 2.31 -9.80 -8.20
N THR A 6 1.29 -9.52 -7.39
CA THR A 6 0.15 -8.67 -7.76
C THR A 6 0.22 -7.36 -6.98
N ASP A 7 -0.28 -6.28 -7.59
CA ASP A 7 -0.25 -4.92 -7.04
C ASP A 7 -0.86 -4.87 -5.63
N GLN A 8 -1.84 -5.75 -5.42
CA GLN A 8 -2.56 -6.05 -4.18
C GLN A 8 -1.60 -6.53 -3.09
N GLN A 9 -0.90 -7.64 -3.37
CA GLN A 9 -0.04 -8.35 -2.45
C GLN A 9 1.20 -7.51 -2.14
N ILE A 10 1.72 -6.78 -3.14
CA ILE A 10 2.76 -5.79 -2.97
C ILE A 10 2.25 -4.67 -2.04
N GLY A 11 0.99 -4.27 -2.19
CA GLY A 11 0.34 -3.25 -1.40
C GLY A 11 0.46 -3.52 0.09
N VAL A 12 0.04 -4.70 0.55
CA VAL A 12 0.13 -5.03 1.97
C VAL A 12 1.59 -5.04 2.43
N LEU A 13 2.51 -5.58 1.64
CA LEU A 13 3.92 -5.67 2.02
C LEU A 13 4.52 -4.29 2.23
N ALA A 14 4.32 -3.38 1.27
CA ALA A 14 4.75 -1.99 1.40
C ALA A 14 4.05 -1.30 2.56
N GLY A 15 2.76 -1.58 2.76
CA GLY A 15 1.98 -0.99 3.82
C GLY A 15 2.49 -1.42 5.19
N LEU A 16 3.03 -2.62 5.36
CA LEU A 16 3.57 -2.96 6.67
C LEU A 16 4.78 -2.10 7.05
N ALA A 17 5.56 -1.67 6.06
CA ALA A 17 6.68 -0.77 6.30
C ALA A 17 6.19 0.59 6.83
N ILE A 18 4.96 0.99 6.52
CA ILE A 18 4.45 2.34 6.68
C ILE A 18 3.10 2.21 7.39
N SER A 19 3.14 2.46 8.69
CA SER A 19 1.94 2.51 9.52
C SER A 19 1.13 1.20 9.45
N PRO A 20 1.75 0.04 9.76
CA PRO A 20 1.10 -1.27 9.75
C PRO A 20 -0.10 -1.28 10.71
N GLU A 21 0.03 -0.64 11.87
CA GLU A 21 -0.99 -0.62 12.91
C GLU A 21 -2.28 0.05 12.41
N TRP A 22 -2.16 1.21 11.75
CA TRP A 22 -3.29 1.85 11.09
C TRP A 22 -3.90 0.90 10.07
N LEU A 23 -3.05 0.24 9.26
CA LEU A 23 -3.54 -0.56 8.15
C LEU A 23 -4.38 -1.70 8.76
N LYS A 24 -3.82 -2.40 9.75
CA LYS A 24 -4.43 -3.53 10.43
C LYS A 24 -5.70 -3.11 11.19
N GLN A 25 -5.72 -1.95 11.84
CA GLN A 25 -6.94 -1.45 12.52
C GLN A 25 -8.07 -1.33 11.53
N ASN A 26 -7.78 -0.86 10.32
CA ASN A 26 -8.81 -0.62 9.32
C ASN A 26 -9.19 -1.92 8.61
N ILE A 27 -8.27 -2.84 8.29
CA ILE A 27 -8.66 -4.15 7.74
C ILE A 27 -9.60 -4.84 8.72
N ALA A 28 -9.24 -4.85 10.01
CA ALA A 28 -10.00 -5.55 11.05
C ALA A 28 -11.39 -4.94 11.27
N ALA A 29 -11.71 -3.81 10.62
CA ALA A 29 -13.02 -3.17 10.62
C ALA A 29 -13.56 -2.96 9.21
N ASN A 30 -12.99 -3.63 8.20
CA ASN A 30 -13.41 -3.57 6.78
C ASN A 30 -13.18 -2.21 6.13
N GLN A 31 -12.53 -1.28 6.82
CA GLN A 31 -12.60 0.14 6.54
C GLN A 31 -11.66 0.57 5.43
N LEU A 32 -10.71 -0.29 5.03
CA LEU A 32 -9.50 0.13 4.34
C LEU A 32 -9.65 -0.09 2.83
N VAL A 33 -9.64 0.99 2.04
CA VAL A 33 -9.81 0.98 0.59
C VAL A 33 -8.41 0.99 -0.07
N TYR A 34 -8.34 0.67 -1.36
CA TYR A 34 -7.16 0.53 -2.20
C TYR A 34 -7.59 1.05 -3.57
N GLY A 35 -6.74 1.82 -4.25
CA GLY A 35 -7.00 2.25 -5.61
C GLY A 35 -5.73 2.63 -6.35
N ILE A 36 -5.87 2.99 -7.63
CA ILE A 36 -4.87 3.67 -8.43
C ILE A 36 -5.29 5.14 -8.48
N VAL A 37 -4.32 6.03 -8.38
CA VAL A 37 -4.43 7.47 -8.48
C VAL A 37 -5.34 7.88 -9.64
N LYS A 38 -4.96 7.61 -10.89
CA LYS A 38 -5.58 8.10 -12.12
C LYS A 38 -5.61 9.64 -12.17
N PRO A 39 -5.88 10.25 -13.34
CA PRO A 39 -6.00 11.70 -13.44
C PRO A 39 -7.33 12.24 -12.89
N SER A 40 -8.28 11.33 -12.64
CA SER A 40 -9.70 11.62 -12.45
C SER A 40 -10.10 11.74 -10.98
N ASP A 41 -9.14 12.07 -10.12
CA ASP A 41 -9.28 12.29 -8.68
C ASP A 41 -8.38 13.49 -8.34
N THR A 42 -8.06 13.74 -7.06
CA THR A 42 -7.47 14.99 -6.59
C THR A 42 -6.18 14.68 -5.81
N VAL A 43 -5.02 14.79 -6.46
CA VAL A 43 -3.76 14.26 -5.95
C VAL A 43 -2.59 15.23 -6.16
N PRO A 44 -1.51 15.07 -5.36
CA PRO A 44 -0.26 15.78 -5.53
C PRO A 44 0.43 15.35 -6.82
N ALA A 45 1.50 16.05 -7.20
CA ALA A 45 2.23 15.73 -8.41
C ALA A 45 3.08 14.47 -8.24
N GLY A 46 3.44 13.84 -9.36
CA GLY A 46 4.44 12.80 -9.42
C GLY A 46 3.98 11.48 -8.80
N VAL A 47 2.68 11.17 -8.87
CA VAL A 47 2.11 9.90 -8.42
C VAL A 47 1.14 9.34 -9.49
N ASP A 48 1.34 9.70 -10.77
CA ASP A 48 0.29 9.74 -11.80
C ASP A 48 -0.37 8.41 -12.18
N ASP A 49 0.20 7.30 -11.72
CA ASP A 49 -0.32 5.93 -11.86
C ASP A 49 0.17 5.10 -10.67
N TYR A 50 0.33 5.74 -9.50
CA TYR A 50 0.64 5.04 -8.27
C TYR A 50 -0.63 4.34 -7.77
N SER A 51 -0.47 3.26 -7.02
CA SER A 51 -1.45 2.76 -6.10
C SER A 51 -1.50 3.69 -4.89
N TYR A 52 -2.64 3.74 -4.20
CA TYR A 52 -2.78 4.34 -2.89
C TYR A 52 -3.67 3.46 -2.02
N LEU A 53 -3.64 3.75 -0.71
CA LEU A 53 -4.41 3.13 0.35
C LEU A 53 -4.82 4.26 1.28
N VAL A 54 -6.11 4.37 1.54
CA VAL A 54 -6.72 5.31 2.48
C VAL A 54 -7.95 4.58 3.01
N ALA A 55 -8.36 4.88 4.24
CA ALA A 55 -9.54 4.23 4.78
C ALA A 55 -10.78 5.06 4.44
N ALA A 56 -11.94 4.42 4.49
CA ALA A 56 -13.19 4.93 3.97
C ALA A 56 -13.74 6.10 4.78
N ASP A 57 -13.25 6.27 6.01
CA ASP A 57 -13.62 7.39 6.86
C ASP A 57 -12.52 8.45 6.90
N ASP A 58 -11.26 8.03 6.80
CA ASP A 58 -10.02 8.80 6.87
C ASP A 58 -9.83 9.71 5.65
N GLN A 59 -10.81 9.90 4.77
CA GLN A 59 -10.57 10.35 3.40
C GLN A 59 -9.82 11.69 3.32
N ASP A 60 -9.89 12.57 4.32
CA ASP A 60 -9.10 13.81 4.36
C ASP A 60 -7.93 13.77 5.36
N GLY A 61 -7.82 12.71 6.16
CA GLY A 61 -6.77 12.51 7.15
C GLY A 61 -5.53 11.88 6.53
N THR A 62 -5.43 10.55 6.61
CA THR A 62 -4.21 9.81 6.25
C THR A 62 -4.25 9.41 4.77
N ILE A 63 -3.14 8.90 4.23
CA ILE A 63 -3.05 8.15 2.98
C ILE A 63 -1.62 7.62 2.87
N ILE A 64 -1.41 6.57 2.07
CA ILE A 64 -0.10 6.15 1.64
C ILE A 64 -0.20 5.87 0.14
N PHE A 65 0.84 6.18 -0.62
CA PHE A 65 0.97 5.88 -2.05
C PHE A 65 2.14 4.91 -2.24
N PHE A 66 2.12 4.11 -3.30
CA PHE A 66 3.16 3.14 -3.64
C PHE A 66 3.04 2.83 -5.14
N LYS A 67 4.16 2.54 -5.82
CA LYS A 67 4.13 2.00 -7.18
C LYS A 67 5.20 0.94 -7.29
N ALA A 68 4.90 -0.16 -7.95
CA ALA A 68 5.88 -1.19 -8.28
C ALA A 68 6.49 -0.85 -9.63
N GLU A 69 7.81 -0.95 -9.72
CA GLU A 69 8.62 -0.80 -10.90
C GLU A 69 9.57 -2.00 -10.99
N GLY A 70 9.09 -3.06 -11.65
CA GLY A 70 9.88 -4.24 -12.02
C GLY A 70 10.31 -5.08 -10.84
N GLN A 71 11.40 -4.67 -10.18
CA GLN A 71 11.98 -5.30 -9.01
C GLN A 71 12.10 -4.28 -7.86
N THR A 72 11.50 -3.10 -7.98
CA THR A 72 11.52 -2.00 -7.01
C THR A 72 10.06 -1.64 -6.67
N VAL A 73 9.83 -1.02 -5.52
CA VAL A 73 8.60 -0.38 -5.11
C VAL A 73 8.99 0.98 -4.55
N ILE A 74 8.36 2.04 -5.05
CA ILE A 74 8.58 3.41 -4.62
C ILE A 74 7.40 3.74 -3.71
N ILE A 75 7.64 3.64 -2.42
CA ILE A 75 6.70 3.96 -1.37
C ILE A 75 6.74 5.47 -1.16
N LYS A 76 5.58 6.12 -1.14
CA LYS A 76 5.40 7.55 -1.06
C LYS A 76 4.32 7.86 -0.02
N TYR A 77 4.68 8.06 1.24
CA TYR A 77 3.73 8.23 2.35
C TYR A 77 3.71 9.67 2.85
N THR A 78 2.74 9.97 3.72
CA THR A 78 2.50 11.29 4.28
C THR A 78 1.70 11.18 5.59
N SER A 79 1.53 12.31 6.27
CA SER A 79 0.61 12.57 7.39
C SER A 79 -0.35 13.72 7.07
N GLN A 80 -0.42 14.15 5.81
CA GLN A 80 -1.54 14.92 5.27
C GLN A 80 -1.74 14.46 3.83
N ARG A 81 -2.97 14.07 3.47
CA ARG A 81 -3.34 13.81 2.07
C ARG A 81 -2.94 14.96 1.18
N ASN A 82 -3.09 16.18 1.69
CA ASN A 82 -2.83 17.44 1.01
C ASN A 82 -1.34 17.86 1.05
N THR A 83 -0.37 16.94 1.07
CA THR A 83 1.05 17.32 1.06
C THR A 83 1.91 16.43 0.15
N LYS A 84 3.10 16.91 -0.18
CA LYS A 84 4.15 16.14 -0.85
C LYS A 84 4.52 14.91 0.00
N LEU A 85 5.01 13.86 -0.66
CA LEU A 85 5.22 12.54 -0.10
C LEU A 85 6.71 12.29 0.16
N LYS A 86 7.01 11.37 1.08
CA LYS A 86 8.36 10.90 1.38
C LYS A 86 8.94 10.07 0.22
N ALA A 87 10.18 9.61 0.40
CA ALA A 87 10.82 8.63 -0.45
C ALA A 87 11.26 7.45 0.39
N LYS A 88 10.82 6.25 0.01
CA LYS A 88 11.30 4.98 0.50
C LYS A 88 11.25 4.06 -0.71
N ALA A 89 12.39 3.72 -1.32
CA ALA A 89 12.44 2.96 -2.57
C ALA A 89 13.16 1.66 -2.29
N LEU A 90 12.42 0.56 -2.30
CA LEU A 90 12.86 -0.74 -1.77
C LEU A 90 12.70 -1.75 -2.89
N THR A 91 13.59 -2.74 -2.99
CA THR A 91 13.38 -3.82 -3.93
C THR A 91 12.19 -4.68 -3.49
N LEU A 92 11.50 -5.30 -4.44
CA LEU A 92 10.50 -6.34 -4.17
C LEU A 92 11.09 -7.47 -3.33
N SER A 93 12.36 -7.81 -3.58
CA SER A 93 13.09 -8.78 -2.78
C SER A 93 13.19 -8.29 -1.34
N GLN A 94 13.51 -7.02 -1.12
CA GLN A 94 13.61 -6.41 0.20
C GLN A 94 12.32 -6.62 0.97
N LEU A 95 11.19 -6.10 0.45
CA LEU A 95 9.90 -6.18 1.13
C LEU A 95 9.51 -7.63 1.45
N LYS A 96 9.89 -8.58 0.60
CA LYS A 96 9.64 -10.00 0.83
C LYS A 96 10.48 -10.48 2.02
N LYS A 97 11.75 -10.08 2.08
CA LYS A 97 12.67 -10.46 3.14
C LYS A 97 12.34 -9.74 4.45
N GLU A 98 11.69 -8.58 4.41
CA GLU A 98 11.15 -7.93 5.59
C GLU A 98 9.93 -8.73 6.06
N PHE A 99 8.84 -8.75 5.29
CA PHE A 99 7.51 -9.08 5.82
C PHE A 99 6.92 -10.34 5.20
N TYR A 100 7.75 -11.26 4.68
CA TYR A 100 7.29 -12.50 4.06
C TYR A 100 8.31 -13.64 4.18
N GLN A 101 9.17 -13.60 5.20
CA GLN A 101 10.29 -14.53 5.34
C GLN A 101 9.72 -15.93 5.61
N THR A 102 8.96 -16.06 6.70
CA THR A 102 8.47 -17.33 7.24
C THR A 102 7.27 -17.84 6.43
N ARG A 103 6.81 -19.08 6.70
CA ARG A 103 5.57 -19.59 6.10
C ARG A 103 4.33 -19.16 6.87
N SER A 104 4.31 -19.34 8.19
CA SER A 104 3.17 -19.06 9.04
C SER A 104 2.67 -17.64 8.83
N GLN A 105 3.60 -16.67 8.69
CA GLN A 105 3.30 -15.27 8.44
C GLN A 105 2.29 -15.09 7.32
N LYS A 106 2.50 -15.83 6.23
CA LYS A 106 1.81 -15.67 4.95
C LYS A 106 0.31 -15.85 5.06
N ARG A 107 -0.19 -16.51 6.11
CA ARG A 107 -1.61 -16.58 6.41
C ARG A 107 -2.14 -15.16 6.50
N GLU A 108 -1.77 -14.43 7.55
CA GLU A 108 -2.28 -13.11 7.83
C GLU A 108 -2.03 -12.16 6.67
N VAL A 109 -0.83 -12.24 6.08
CA VAL A 109 -0.45 -11.39 4.96
C VAL A 109 -1.48 -11.51 3.84
N ASP A 110 -1.68 -12.74 3.33
CA ASP A 110 -2.70 -12.98 2.30
C ASP A 110 -4.10 -12.55 2.79
N ASP A 111 -4.36 -12.71 4.09
CA ASP A 111 -5.64 -12.38 4.72
C ASP A 111 -5.93 -10.88 4.65
N TYR A 112 -4.93 -10.01 4.89
CA TYR A 112 -5.05 -8.56 4.66
C TYR A 112 -5.39 -8.29 3.20
N VAL A 113 -4.70 -8.95 2.26
CA VAL A 113 -4.96 -8.77 0.83
C VAL A 113 -6.37 -9.26 0.47
N ALA A 114 -6.88 -10.27 1.17
CA ALA A 114 -8.20 -10.84 0.95
C ALA A 114 -9.32 -10.08 1.66
N GLY A 115 -8.99 -9.22 2.62
CA GLY A 115 -9.95 -8.45 3.38
C GLY A 115 -10.13 -7.05 2.83
N LEU A 116 -9.09 -6.46 2.26
CA LEU A 116 -9.12 -5.07 1.81
C LEU A 116 -10.21 -4.82 0.77
N ARG A 117 -10.71 -3.58 0.74
CA ARG A 117 -11.67 -3.13 -0.25
C ARG A 117 -10.90 -2.51 -1.41
N THR A 118 -11.48 -2.53 -2.61
CA THR A 118 -10.96 -1.86 -3.81
C THR A 118 -12.08 -1.04 -4.47
N GLU A 119 -13.06 -0.66 -3.64
CA GLU A 119 -14.40 -0.17 -3.97
C GLU A 119 -15.07 -1.07 -4.99
N GLY A 1 8.65 -10.05 -16.92
CA GLY A 1 7.30 -10.03 -17.45
C GLY A 1 6.29 -9.59 -16.42
N HIS A 2 5.63 -10.54 -15.77
CA HIS A 2 4.55 -10.31 -14.81
C HIS A 2 4.45 -11.45 -13.79
N MET A 3 5.57 -12.11 -13.49
CA MET A 3 5.72 -13.03 -12.37
C MET A 3 6.46 -12.28 -11.25
N LYS A 4 5.83 -11.25 -10.67
CA LYS A 4 6.49 -10.35 -9.71
C LYS A 4 5.55 -9.96 -8.56
N PHE A 5 4.71 -10.89 -8.11
CA PHE A 5 3.53 -10.64 -7.30
C PHE A 5 2.59 -9.63 -8.02
N THR A 6 1.55 -9.18 -7.32
CA THR A 6 0.51 -8.32 -7.83
C THR A 6 0.44 -7.04 -7.00
N ASP A 7 -0.01 -5.95 -7.62
CA ASP A 7 -0.21 -4.64 -7.00
C ASP A 7 -0.90 -4.78 -5.64
N GLN A 8 -2.07 -5.42 -5.61
CA GLN A 8 -2.82 -5.74 -4.39
C GLN A 8 -1.88 -6.30 -3.32
N GLN A 9 -1.27 -7.45 -3.60
CA GLN A 9 -0.40 -8.16 -2.68
C GLN A 9 0.69 -7.22 -2.18
N ILE A 10 1.50 -6.69 -3.10
CA ILE A 10 2.74 -5.94 -2.81
C ILE A 10 2.43 -4.74 -1.91
N GLY A 11 1.26 -4.11 -2.08
CA GLY A 11 0.88 -2.94 -1.31
C GLY A 11 0.78 -3.19 0.18
N VAL A 12 0.45 -4.42 0.62
CA VAL A 12 0.39 -4.74 2.04
C VAL A 12 1.81 -4.79 2.60
N LEU A 13 2.76 -5.36 1.85
CA LEU A 13 4.16 -5.40 2.25
C LEU A 13 4.72 -3.98 2.35
N ALA A 14 4.40 -3.11 1.38
CA ALA A 14 4.78 -1.71 1.44
C ALA A 14 4.09 -1.00 2.62
N GLY A 15 2.80 -1.26 2.85
CA GLY A 15 2.02 -0.61 3.88
C GLY A 15 2.51 -1.05 5.26
N LEU A 16 3.04 -2.26 5.42
CA LEU A 16 3.50 -2.72 6.72
C LEU A 16 4.75 -1.98 7.19
N ALA A 17 5.52 -1.42 6.25
CA ALA A 17 6.61 -0.53 6.58
C ALA A 17 6.11 0.82 7.11
N ILE A 18 4.86 1.19 6.81
CA ILE A 18 4.35 2.56 6.82
C ILE A 18 2.98 2.52 7.50
N SER A 19 2.92 2.74 8.81
CA SER A 19 1.66 2.73 9.55
C SER A 19 0.95 1.35 9.46
N PRO A 20 1.62 0.24 9.82
CA PRO A 20 1.05 -1.11 9.81
C PRO A 20 -0.18 -1.22 10.72
N GLU A 21 -0.16 -0.57 11.89
CA GLU A 21 -1.24 -0.59 12.87
C GLU A 21 -2.55 -0.13 12.20
N TRP A 22 -2.48 1.03 11.55
CA TRP A 22 -3.59 1.62 10.82
C TRP A 22 -4.01 0.71 9.66
N LEU A 23 -3.08 0.06 8.98
CA LEU A 23 -3.45 -0.83 7.87
C LEU A 23 -4.29 -1.97 8.45
N LYS A 24 -3.76 -2.64 9.47
CA LYS A 24 -4.40 -3.81 10.08
C LYS A 24 -5.75 -3.47 10.70
N GLN A 25 -5.87 -2.34 11.42
CA GLN A 25 -7.12 -2.01 12.10
C GLN A 25 -8.24 -1.86 11.09
N ASN A 26 -7.95 -1.18 9.98
CA ASN A 26 -8.93 -0.89 8.96
C ASN A 26 -9.34 -2.14 8.20
N ILE A 27 -8.44 -3.09 7.94
CA ILE A 27 -8.83 -4.40 7.44
C ILE A 27 -9.83 -5.04 8.39
N ALA A 28 -9.50 -5.13 9.68
CA ALA A 28 -10.35 -5.78 10.67
C ALA A 28 -11.67 -5.01 10.91
N ALA A 29 -11.70 -3.71 10.61
CA ALA A 29 -12.89 -2.85 10.54
C ALA A 29 -13.63 -2.92 9.21
N ASN A 30 -13.05 -3.59 8.22
CA ASN A 30 -13.44 -3.61 6.83
C ASN A 30 -13.77 -2.19 6.33
N GLN A 31 -12.92 -1.22 6.71
CA GLN A 31 -13.02 0.23 6.40
C GLN A 31 -12.07 0.72 5.29
N LEU A 32 -11.23 -0.13 4.73
CA LEU A 32 -10.02 0.23 3.99
C LEU A 32 -10.25 0.13 2.49
N VAL A 33 -9.82 1.13 1.71
CA VAL A 33 -10.05 1.21 0.26
C VAL A 33 -8.68 1.24 -0.43
N TYR A 34 -8.41 0.23 -1.25
CA TYR A 34 -7.35 0.20 -2.26
C TYR A 34 -7.85 0.95 -3.49
N GLY A 35 -6.95 1.53 -4.28
CA GLY A 35 -7.28 2.10 -5.57
C GLY A 35 -6.01 2.54 -6.28
N ILE A 36 -6.11 2.81 -7.59
CA ILE A 36 -5.05 3.43 -8.38
C ILE A 36 -5.46 4.89 -8.62
N VAL A 37 -4.49 5.79 -8.58
CA VAL A 37 -4.63 7.25 -8.59
C VAL A 37 -5.63 7.78 -9.61
N LYS A 38 -5.33 7.73 -10.92
CA LYS A 38 -6.08 8.37 -11.99
C LYS A 38 -6.27 9.90 -11.80
N PRO A 39 -6.68 10.64 -12.83
CA PRO A 39 -6.99 12.06 -12.73
C PRO A 39 -8.28 12.36 -11.94
N SER A 40 -9.01 11.33 -11.52
CA SER A 40 -10.30 11.39 -10.86
C SER A 40 -10.29 12.27 -9.62
N ASP A 41 -9.62 11.83 -8.57
CA ASP A 41 -9.51 12.54 -7.30
C ASP A 41 -8.39 13.58 -7.40
N THR A 42 -8.27 14.45 -6.41
CA THR A 42 -7.07 15.27 -6.24
C THR A 42 -5.90 14.35 -5.90
N VAL A 43 -4.72 14.66 -6.45
CA VAL A 43 -3.46 14.04 -6.06
C VAL A 43 -2.30 15.01 -6.31
N PRO A 44 -1.17 14.79 -5.62
CA PRO A 44 0.11 15.42 -5.91
C PRO A 44 0.69 14.90 -7.23
N ALA A 45 1.85 15.43 -7.63
CA ALA A 45 2.53 15.02 -8.85
C ALA A 45 3.22 13.66 -8.68
N GLY A 46 3.65 13.07 -9.80
CA GLY A 46 4.57 11.94 -9.81
C GLY A 46 3.97 10.63 -9.34
N VAL A 47 2.64 10.49 -9.32
CA VAL A 47 1.92 9.34 -8.79
C VAL A 47 0.87 8.80 -9.78
N ASP A 48 0.97 9.08 -11.08
CA ASP A 48 -0.12 8.96 -12.07
C ASP A 48 -0.84 7.61 -12.20
N ASP A 49 -0.22 6.57 -11.68
CA ASP A 49 -0.61 5.18 -11.76
C ASP A 49 -0.14 4.44 -10.51
N TYR A 50 0.16 5.20 -9.45
CA TYR A 50 0.45 4.65 -8.15
C TYR A 50 -0.85 4.09 -7.61
N SER A 51 -0.74 3.03 -6.81
CA SER A 51 -1.77 2.74 -5.85
C SER A 51 -1.78 3.84 -4.80
N TYR A 52 -2.89 3.90 -4.09
CA TYR A 52 -3.00 4.56 -2.82
C TYR A 52 -3.90 3.76 -1.90
N LEU A 53 -3.54 3.72 -0.61
CA LEU A 53 -4.36 3.14 0.43
C LEU A 53 -4.84 4.29 1.29
N VAL A 54 -6.13 4.29 1.61
CA VAL A 54 -6.76 5.25 2.52
C VAL A 54 -8.03 4.57 3.05
N ALA A 55 -8.48 4.88 4.27
CA ALA A 55 -9.77 4.36 4.75
C ALA A 55 -10.92 5.11 4.06
N ALA A 56 -12.15 4.63 4.23
CA ALA A 56 -13.29 5.30 3.60
C ALA A 56 -13.63 6.63 4.29
N ASP A 57 -13.35 6.69 5.58
CA ASP A 57 -13.54 7.81 6.47
C ASP A 57 -12.33 8.71 6.53
N ASP A 58 -11.11 8.16 6.50
CA ASP A 58 -9.90 8.93 6.78
C ASP A 58 -9.29 9.53 5.49
N GLN A 59 -10.14 9.84 4.51
CA GLN A 59 -9.74 10.43 3.22
C GLN A 59 -8.75 11.57 3.36
N ASP A 60 -9.08 12.58 4.18
CA ASP A 60 -8.24 13.75 4.44
C ASP A 60 -7.24 13.51 5.60
N GLY A 61 -7.17 12.28 6.12
CA GLY A 61 -6.33 11.85 7.21
C GLY A 61 -5.00 11.31 6.70
N THR A 62 -4.80 9.99 6.73
CA THR A 62 -3.58 9.31 6.29
C THR A 62 -3.71 8.97 4.80
N ILE A 63 -2.61 8.84 4.06
CA ILE A 63 -2.62 8.16 2.77
C ILE A 63 -1.22 7.61 2.49
N ILE A 64 -1.14 6.46 1.81
CA ILE A 64 0.11 5.82 1.45
C ILE A 64 0.04 5.53 -0.05
N PHE A 65 0.86 6.20 -0.87
CA PHE A 65 0.99 5.92 -2.29
C PHE A 65 2.09 4.87 -2.49
N PHE A 66 1.96 3.95 -3.45
CA PHE A 66 3.05 3.06 -3.84
C PHE A 66 2.97 2.67 -5.32
N LYS A 67 4.08 2.22 -5.92
CA LYS A 67 4.11 1.66 -7.28
C LYS A 67 5.21 0.61 -7.35
N ALA A 68 4.88 -0.59 -7.84
CA ALA A 68 5.78 -1.73 -7.87
C ALA A 68 6.30 -1.96 -9.28
N GLU A 69 7.61 -1.79 -9.46
CA GLU A 69 8.31 -1.65 -10.72
C GLU A 69 9.43 -2.70 -10.77
N GLY A 70 9.19 -3.81 -11.45
CA GLY A 70 10.19 -4.85 -11.73
C GLY A 70 10.67 -5.62 -10.50
N GLN A 71 11.65 -5.05 -9.79
CA GLN A 71 12.23 -5.53 -8.54
C GLN A 71 12.35 -4.40 -7.52
N THR A 72 11.58 -3.32 -7.66
CA THR A 72 11.65 -2.09 -6.84
C THR A 72 10.22 -1.64 -6.51
N VAL A 73 9.95 -1.04 -5.34
CA VAL A 73 8.69 -0.37 -5.01
C VAL A 73 9.05 0.98 -4.42
N ILE A 74 8.50 2.02 -5.03
CA ILE A 74 8.64 3.39 -4.62
C ILE A 74 7.45 3.67 -3.70
N ILE A 75 7.67 3.66 -2.39
CA ILE A 75 6.64 3.93 -1.39
C ILE A 75 6.71 5.43 -1.11
N LYS A 76 5.62 6.16 -1.33
CA LYS A 76 5.49 7.62 -1.20
C LYS A 76 4.40 7.90 -0.17
N TYR A 77 4.75 8.14 1.09
CA TYR A 77 3.77 8.30 2.17
C TYR A 77 3.77 9.72 2.71
N THR A 78 2.76 10.02 3.52
CA THR A 78 2.58 11.29 4.19
C THR A 78 1.71 11.03 5.42
N SER A 79 1.46 12.09 6.17
CA SER A 79 0.53 12.17 7.28
C SER A 79 -0.51 13.26 7.02
N GLN A 80 -0.46 13.91 5.85
CA GLN A 80 -1.57 14.72 5.37
C GLN A 80 -1.78 14.55 3.86
N ARG A 81 -3.04 14.31 3.47
CA ARG A 81 -3.55 14.15 2.11
C ARG A 81 -3.43 15.44 1.27
N ASN A 82 -2.95 16.53 1.87
CA ASN A 82 -2.82 17.85 1.24
C ASN A 82 -1.35 18.32 1.32
N THR A 83 -0.37 17.41 1.26
CA THR A 83 1.05 17.77 1.29
C THR A 83 1.86 17.09 0.16
N LYS A 84 3.20 17.08 0.27
CA LYS A 84 4.11 16.30 -0.58
C LYS A 84 4.53 15.05 0.19
N LEU A 85 4.91 13.99 -0.52
CA LEU A 85 5.20 12.68 0.06
C LEU A 85 6.67 12.58 0.44
N LYS A 86 6.98 11.67 1.36
CA LYS A 86 8.31 11.14 1.58
C LYS A 86 8.73 10.30 0.36
N ALA A 87 9.93 9.73 0.41
CA ALA A 87 10.48 8.92 -0.65
C ALA A 87 11.22 7.73 -0.04
N LYS A 88 10.59 6.56 0.05
CA LYS A 88 11.32 5.30 0.12
C LYS A 88 11.38 4.71 -1.29
N ALA A 89 12.32 3.79 -1.54
CA ALA A 89 12.39 2.98 -2.75
C ALA A 89 13.17 1.70 -2.41
N LEU A 90 12.47 0.64 -2.00
CA LEU A 90 13.08 -0.63 -1.62
C LEU A 90 13.04 -1.59 -2.79
N THR A 91 13.83 -2.66 -2.76
CA THR A 91 13.66 -3.78 -3.69
C THR A 91 12.56 -4.75 -3.25
N LEU A 92 12.08 -5.60 -4.17
CA LEU A 92 11.20 -6.71 -3.86
C LEU A 92 11.88 -7.61 -2.82
N SER A 93 13.16 -7.85 -3.02
CA SER A 93 13.94 -8.73 -2.16
C SER A 93 14.01 -8.21 -0.71
N GLN A 94 14.15 -6.88 -0.53
CA GLN A 94 13.99 -6.23 0.77
C GLN A 94 12.65 -6.66 1.37
N LEU A 95 11.52 -6.27 0.76
CA LEU A 95 10.17 -6.51 1.30
C LEU A 95 9.92 -7.98 1.62
N LYS A 96 10.53 -8.92 0.88
CA LYS A 96 10.35 -10.34 1.11
C LYS A 96 10.94 -10.68 2.48
N LYS A 97 12.15 -10.22 2.79
CA LYS A 97 12.83 -10.45 4.05
C LYS A 97 12.45 -9.43 5.13
N GLU A 98 11.69 -8.38 4.81
CA GLU A 98 10.96 -7.64 5.81
C GLU A 98 9.79 -8.52 6.26
N PHE A 99 8.83 -8.80 5.37
CA PHE A 99 7.46 -9.14 5.79
C PHE A 99 6.91 -10.42 5.12
N TYR A 100 7.76 -11.21 4.44
CA TYR A 100 7.35 -12.46 3.78
C TYR A 100 8.41 -13.55 3.96
N GLN A 101 9.25 -13.41 4.99
CA GLN A 101 10.50 -14.12 5.12
C GLN A 101 10.10 -15.57 5.47
N THR A 102 9.16 -15.76 6.42
CA THR A 102 8.68 -17.11 6.77
C THR A 102 7.45 -17.43 5.91
N ARG A 103 7.24 -18.72 5.62
CA ARG A 103 6.09 -19.23 4.86
C ARG A 103 4.80 -19.22 5.68
N SER A 104 4.86 -19.17 7.01
CA SER A 104 3.65 -19.18 7.83
C SER A 104 3.04 -17.79 7.91
N GLN A 105 3.83 -16.71 7.89
CA GLN A 105 3.24 -15.37 8.06
C GLN A 105 2.28 -15.05 6.91
N LYS A 106 2.50 -15.67 5.75
CA LYS A 106 1.72 -15.51 4.53
C LYS A 106 0.21 -15.61 4.77
N ARG A 107 -0.20 -16.38 5.78
CA ARG A 107 -1.58 -16.52 6.21
C ARG A 107 -2.20 -15.16 6.47
N GLU A 108 -1.59 -14.42 7.39
CA GLU A 108 -2.01 -13.11 7.85
C GLU A 108 -1.89 -12.11 6.70
N VAL A 109 -0.73 -12.09 6.06
CA VAL A 109 -0.46 -11.14 4.97
C VAL A 109 -1.54 -11.25 3.89
N ASP A 110 -1.78 -12.45 3.34
CA ASP A 110 -2.83 -12.64 2.34
C ASP A 110 -4.24 -12.39 2.88
N ASP A 111 -4.46 -12.55 4.18
CA ASP A 111 -5.73 -12.15 4.80
C ASP A 111 -5.93 -10.64 4.72
N TYR A 112 -4.87 -9.82 4.83
CA TYR A 112 -4.99 -8.39 4.61
C TYR A 112 -5.35 -8.06 3.16
N VAL A 113 -4.85 -8.85 2.20
CA VAL A 113 -5.16 -8.66 0.79
C VAL A 113 -6.60 -9.13 0.47
N ALA A 114 -7.26 -9.83 1.39
CA ALA A 114 -8.59 -10.41 1.24
C ALA A 114 -9.58 -9.89 2.28
N GLY A 115 -9.33 -8.72 2.89
CA GLY A 115 -10.24 -8.06 3.82
C GLY A 115 -10.42 -6.57 3.50
N LEU A 116 -9.73 -6.09 2.47
CA LEU A 116 -9.85 -4.75 1.92
C LEU A 116 -11.12 -4.59 1.08
N ARG A 117 -11.29 -3.39 0.51
CA ARG A 117 -12.22 -3.08 -0.57
C ARG A 117 -11.43 -2.34 -1.64
N THR A 118 -11.98 -2.18 -2.84
CA THR A 118 -11.36 -1.44 -3.93
C THR A 118 -12.28 -0.31 -4.42
N GLU A 119 -13.45 -0.18 -3.79
CA GLU A 119 -14.69 0.31 -4.38
C GLU A 119 -15.15 -0.71 -5.41
#